data_6RKA
#
_entry.id   6RKA
#
_cell.length_a   114.468
_cell.length_b   114.468
_cell.length_c   228.115
_cell.angle_alpha   90.00
_cell.angle_beta   90.00
_cell.angle_gamma   90.00
#
_symmetry.space_group_name_H-M   'I 41'
#
loop_
_entity.id
_entity.type
_entity.pdbx_description
1 polymer 'Methionine adenosyltransferase'
2 non-polymer "ADENOSINE-5'-TRIPHOSPHATE"
3 non-polymer S-ADENOSYLMETHIONINE
4 non-polymer 'PHOSPHATE ION'
5 water water
#
_entity_poly.entity_id   1
_entity_poly.type   'polypeptide(L)'
_entity_poly.pdbx_seq_one_letter_code
;MQYKKIITSESVGAGHPDKICDQISDAILDECLSQDQNSRVACEVLACNRLIVIAGEITTHAYVDVVKTAWEIIKPLGYD
ENDFTIISNVNKQSVDIAQSVDKTNKNLIGAGDQGIVFGYACDETPQYMPLTSVLAHELLKEIERQRRSKEFIKIQADMK
SQVSIDYSNSTPLIETMLVSIQHDEDYDVEYFNKKVSAIMEQIAKKYNLNTNFKKIINSSGRFVIGGPIGDTGLTGRKII
VDTYGGVGHHGGGAFSGKDPTKVDRSASYFARWIAKNVVAAKLAKQCEIQLAFAIGQPQPVAMYVNTFNTNLIDETKIFE
AIKKSFNFDIKTFINDLNLWTTKYLPVATYGHFGRDDLDLSWEKLNKVEDLIKNSKHHHHHH
;
_entity_poly.pdbx_strand_id   A,B,C,D
#
loop_
_chem_comp.id
_chem_comp.type
_chem_comp.name
_chem_comp.formula
ATP non-polymer ADENOSINE-5'-TRIPHOSPHATE 'C10 H16 N5 O13 P3'
PO4 non-polymer 'PHOSPHATE ION' 'O4 P -3'
SAM non-polymer S-ADENOSYLMETHIONINE 'C15 H22 N6 O5 S'
#
# COMPACT_ATOMS: atom_id res chain seq x y z
N LYS A 5 2.88 16.50 46.84
CA LYS A 5 3.72 15.77 45.84
C LYS A 5 2.91 14.61 45.23
N ILE A 6 2.39 14.81 44.01
CA ILE A 6 1.57 13.84 43.25
C ILE A 6 2.39 13.27 42.08
N ILE A 7 2.65 11.95 42.10
CA ILE A 7 3.27 11.16 41.01
C ILE A 7 2.17 10.37 40.30
N THR A 8 2.19 10.32 38.97
CA THR A 8 1.11 9.70 38.12
C THR A 8 1.74 8.73 37.13
N SER A 9 1.12 7.56 36.94
CA SER A 9 1.49 6.54 35.90
C SER A 9 0.22 6.11 35.16
N GLU A 10 0.40 5.55 33.96
CA GLU A 10 -0.70 5.17 33.04
C GLU A 10 -0.43 3.74 32.53
N SER A 11 -1.49 3.08 32.05
CA SER A 11 -1.42 1.82 31.27
C SER A 11 -2.50 1.86 30.18
N VAL A 12 -2.41 0.95 29.21
CA VAL A 12 -3.37 0.85 28.07
C VAL A 12 -3.69 -0.63 27.86
N GLY A 13 -4.92 -0.95 27.46
CA GLY A 13 -5.41 -2.32 27.30
C GLY A 13 -4.97 -2.93 25.98
N ALA A 14 -5.32 -4.20 25.75
CA ALA A 14 -4.95 -5.02 24.59
C ALA A 14 -5.49 -4.42 23.29
N GLY A 15 -6.59 -3.68 23.38
CA GLY A 15 -7.31 -3.10 22.23
C GLY A 15 -6.86 -1.70 21.92
N HIS A 16 -5.87 -1.17 22.64
CA HIS A 16 -5.28 0.16 22.34
C HIS A 16 -4.50 0.04 21.04
N PRO A 17 -4.67 0.99 20.09
CA PRO A 17 -4.01 0.91 18.78
C PRO A 17 -2.49 0.63 18.87
N ASP A 18 -1.75 1.43 19.65
CA ASP A 18 -0.29 1.24 19.83
C ASP A 18 -0.02 -0.17 20.35
N LYS A 19 -0.86 -0.68 21.25
CA LYS A 19 -0.60 -1.97 21.93
C LYS A 19 -1.01 -3.13 21.02
N ILE A 20 -1.98 -2.93 20.12
CA ILE A 20 -2.25 -3.88 19.01
C ILE A 20 -0.94 -4.06 18.24
N CYS A 21 -0.28 -2.98 17.85
CA CYS A 21 0.97 -3.00 17.06
C CYS A 21 2.07 -3.73 17.84
N ASP A 22 2.27 -3.39 19.12
CA ASP A 22 3.30 -4.04 19.99
C ASP A 22 3.04 -5.56 20.03
N GLN A 23 1.79 -5.97 20.26
CA GLN A 23 1.35 -7.40 20.28
C GLN A 23 1.67 -8.08 18.95
N ILE A 24 1.33 -7.46 17.81
CA ILE A 24 1.56 -8.11 16.48
C ILE A 24 3.07 -8.26 16.28
N SER A 25 3.86 -7.26 16.71
CA SER A 25 5.34 -7.25 16.53
C SER A 25 5.96 -8.39 17.34
N ASP A 26 5.53 -8.61 18.57
CA ASP A 26 6.09 -9.67 19.45
C ASP A 26 5.55 -11.04 19.02
N ALA A 27 4.31 -11.11 18.54
CA ALA A 27 3.68 -12.36 18.05
C ALA A 27 4.49 -12.92 16.88
N ILE A 28 4.92 -12.04 15.97
CA ILE A 28 5.77 -12.38 14.79
C ILE A 28 7.14 -12.82 15.29
N LEU A 29 7.70 -12.07 16.26
CA LEU A 29 8.99 -12.41 16.90
C LEU A 29 8.90 -13.82 17.47
N ASP A 30 7.90 -14.06 18.34
CA ASP A 30 7.67 -15.36 19.02
C ASP A 30 7.61 -16.48 17.98
N GLU A 31 6.92 -16.26 16.86
CA GLU A 31 6.71 -17.29 15.81
C GLU A 31 8.06 -17.60 15.13
N CYS A 32 8.94 -16.60 15.03
CA CYS A 32 10.30 -16.71 14.41
C CYS A 32 11.24 -17.49 15.32
N LEU A 33 11.34 -17.08 16.59
CA LEU A 33 12.23 -17.70 17.60
C LEU A 33 11.87 -19.18 17.80
N SER A 34 10.58 -19.53 17.72
CA SER A 34 10.08 -20.92 17.89
C SER A 34 10.79 -21.86 16.91
N GLN A 35 10.97 -21.42 15.66
CA GLN A 35 11.55 -22.23 14.55
C GLN A 35 13.07 -22.01 14.47
N ASP A 36 13.53 -20.76 14.51
CA ASP A 36 14.96 -20.35 14.38
C ASP A 36 15.33 -19.47 15.56
N GLN A 37 16.18 -19.95 16.47
CA GLN A 37 16.65 -19.20 17.65
C GLN A 37 17.74 -18.20 17.25
N ASN A 38 18.29 -18.35 16.04
CA ASN A 38 19.41 -17.53 15.50
C ASN A 38 18.86 -16.44 14.58
N SER A 39 17.55 -16.15 14.62
CA SER A 39 16.87 -15.26 13.65
C SER A 39 16.89 -13.81 14.13
N ARG A 40 17.10 -12.88 13.20
CA ARG A 40 17.17 -11.42 13.44
C ARG A 40 15.82 -10.80 13.03
N VAL A 41 15.17 -10.09 13.96
CA VAL A 41 13.78 -9.60 13.81
C VAL A 41 13.72 -8.16 14.34
N ALA A 42 13.33 -7.22 13.50
CA ALA A 42 13.10 -5.80 13.86
C ALA A 42 11.75 -5.37 13.26
N CYS A 43 10.65 -5.89 13.81
CA CYS A 43 9.31 -5.87 13.19
C CYS A 43 8.52 -4.67 13.71
N GLU A 44 8.16 -3.77 12.81
CA GLU A 44 7.39 -2.54 13.11
C GLU A 44 6.02 -2.70 12.45
N VAL A 45 4.99 -2.13 13.08
CA VAL A 45 3.60 -2.23 12.61
C VAL A 45 2.96 -0.85 12.69
N LEU A 46 2.35 -0.42 11.59
CA LEU A 46 1.45 0.77 11.55
C LEU A 46 0.01 0.26 11.45
N ALA A 47 -0.87 0.76 12.30
CA ALA A 47 -2.32 0.52 12.23
C ALA A 47 -3.01 1.87 12.10
N CYS A 48 -3.43 2.25 10.90
CA CYS A 48 -4.08 3.55 10.62
C CYS A 48 -5.47 3.28 10.02
N ASN A 49 -6.51 3.61 10.79
CA ASN A 49 -7.92 3.48 10.38
C ASN A 49 -8.17 1.98 10.15
N ARG A 50 -8.31 1.53 8.90
CA ARG A 50 -8.57 0.09 8.62
C ARG A 50 -7.41 -0.52 7.81
N LEU A 51 -6.27 0.17 7.75
CA LEU A 51 -5.03 -0.33 7.09
C LEU A 51 -4.00 -0.68 8.17
N ILE A 52 -3.50 -1.91 8.14
CA ILE A 52 -2.36 -2.37 9.00
C ILE A 52 -1.22 -2.75 8.06
N VAL A 53 -0.10 -2.05 8.20
CA VAL A 53 1.15 -2.31 7.43
C VAL A 53 2.12 -2.97 8.38
N ILE A 54 2.56 -4.19 8.03
CA ILE A 54 3.60 -4.92 8.77
C ILE A 54 4.90 -4.69 8.01
N ALA A 55 5.93 -4.24 8.71
CA ALA A 55 7.21 -3.81 8.11
C ALA A 55 8.35 -4.13 9.08
N GLY A 56 9.55 -3.67 8.74
CA GLY A 56 10.77 -3.99 9.49
C GLY A 56 11.63 -4.97 8.73
N GLU A 57 12.71 -5.41 9.37
CA GLU A 57 13.70 -6.35 8.80
C GLU A 57 13.59 -7.68 9.54
N ILE A 58 13.60 -8.79 8.80
CA ILE A 58 13.58 -10.17 9.35
C ILE A 58 14.48 -11.05 8.46
N THR A 59 15.51 -11.66 9.04
CA THR A 59 16.31 -12.74 8.43
C THR A 59 16.17 -13.95 9.35
N THR A 60 15.74 -15.08 8.79
CA THR A 60 15.25 -16.25 9.56
C THR A 60 15.05 -17.41 8.58
N HIS A 61 15.26 -18.63 9.07
CA HIS A 61 14.99 -19.91 8.35
C HIS A 61 13.54 -20.32 8.63
N ALA A 62 12.85 -19.61 9.54
CA ALA A 62 11.45 -19.85 9.97
C ALA A 62 10.48 -19.54 8.82
N TYR A 63 9.46 -20.38 8.63
CA TYR A 63 8.27 -20.11 7.77
C TYR A 63 7.24 -19.34 8.59
N VAL A 64 6.99 -18.07 8.24
CA VAL A 64 6.02 -17.19 8.97
C VAL A 64 5.16 -16.45 7.96
N ASP A 65 3.84 -16.66 8.00
CA ASP A 65 2.83 -15.80 7.34
C ASP A 65 2.53 -14.64 8.30
N VAL A 66 3.28 -13.56 8.13
CA VAL A 66 3.18 -12.31 8.94
C VAL A 66 1.73 -11.84 9.01
N VAL A 67 1.00 -11.89 7.89
CA VAL A 67 -0.41 -11.43 7.80
C VAL A 67 -1.30 -12.36 8.62
N LYS A 68 -1.19 -13.66 8.42
CA LYS A 68 -1.96 -14.67 9.20
C LYS A 68 -1.78 -14.40 10.70
N THR A 69 -0.55 -14.17 11.15
CA THR A 69 -0.19 -13.97 12.57
C THR A 69 -0.89 -12.71 13.11
N ALA A 70 -0.91 -11.64 12.33
CA ALA A 70 -1.57 -10.36 12.68
C ALA A 70 -3.05 -10.63 12.98
N TRP A 71 -3.73 -11.41 12.13
CA TRP A 71 -5.18 -11.72 12.28
C TRP A 71 -5.44 -12.49 13.59
N GLU A 72 -4.49 -13.31 14.04
CA GLU A 72 -4.66 -14.14 15.27
C GLU A 72 -4.62 -13.25 16.52
N ILE A 73 -3.92 -12.11 16.45
CA ILE A 73 -3.85 -11.10 17.54
C ILE A 73 -5.12 -10.27 17.53
N ILE A 74 -5.74 -10.12 16.37
CA ILE A 74 -6.77 -9.07 16.08
C ILE A 74 -8.16 -9.64 16.33
N LYS A 75 -8.40 -10.91 16.01
CA LYS A 75 -9.74 -11.54 16.12
C LYS A 75 -10.21 -11.55 17.57
N PRO A 76 -9.37 -11.94 18.56
CA PRO A 76 -9.74 -11.84 19.97
C PRO A 76 -10.23 -10.47 20.48
N LEU A 77 -9.97 -9.38 19.75
CA LEU A 77 -10.11 -8.00 20.27
C LEU A 77 -11.47 -7.33 20.01
N GLY A 78 -12.50 -7.93 19.41
CA GLY A 78 -12.54 -9.03 18.47
C GLY A 78 -13.15 -8.57 17.15
N TYR A 79 -12.32 -7.95 16.35
CA TYR A 79 -12.50 -7.65 14.91
C TYR A 79 -12.64 -8.94 14.09
N ASP A 80 -13.14 -8.86 12.85
CA ASP A 80 -13.20 -10.00 11.90
C ASP A 80 -12.52 -9.63 10.58
N GLU A 81 -12.58 -10.54 9.59
CA GLU A 81 -11.89 -10.43 8.29
C GLU A 81 -12.39 -9.21 7.49
N ASN A 82 -13.55 -8.65 7.85
CA ASN A 82 -14.16 -7.48 7.17
C ASN A 82 -13.63 -6.14 7.71
N ASP A 83 -12.89 -6.14 8.83
CA ASP A 83 -12.61 -4.91 9.60
C ASP A 83 -11.33 -4.21 9.11
N PHE A 84 -10.39 -4.95 8.54
CA PHE A 84 -9.05 -4.41 8.16
C PHE A 84 -8.58 -4.98 6.82
N THR A 85 -7.78 -4.18 6.12
CA THR A 85 -6.77 -4.61 5.13
C THR A 85 -5.44 -4.77 5.88
N ILE A 86 -4.71 -5.87 5.68
CA ILE A 86 -3.42 -6.17 6.37
C ILE A 86 -2.34 -6.54 5.35
N ILE A 87 -1.43 -5.61 5.05
CA ILE A 87 -0.36 -5.80 4.02
C ILE A 87 1.01 -5.79 4.70
N SER A 88 1.96 -6.51 4.11
CA SER A 88 3.36 -6.68 4.59
C SER A 88 4.31 -6.02 3.60
N ASN A 89 5.27 -5.22 4.08
CA ASN A 89 6.44 -4.80 3.25
C ASN A 89 7.71 -5.18 4.00
N VAL A 90 7.63 -6.21 4.84
CA VAL A 90 8.76 -6.76 5.64
C VAL A 90 9.92 -7.09 4.70
N ASN A 91 11.09 -6.50 4.99
CA ASN A 91 12.36 -6.60 4.24
C ASN A 91 13.29 -7.58 4.98
N LYS A 92 14.56 -7.61 4.59
CA LYS A 92 15.63 -8.40 5.25
C LYS A 92 16.58 -7.46 6.03
N GLN A 93 17.17 -7.95 7.12
CA GLN A 93 18.15 -7.18 7.92
C GLN A 93 19.28 -6.71 6.97
N SER A 94 19.86 -5.55 7.27
CA SER A 94 21.08 -5.02 6.59
C SER A 94 22.24 -6.00 6.86
N VAL A 95 22.88 -6.49 5.79
CA VAL A 95 24.13 -7.31 5.87
C VAL A 95 25.22 -6.50 6.58
N ASP A 96 25.18 -5.17 6.47
CA ASP A 96 26.10 -4.20 7.12
C ASP A 96 25.97 -4.24 8.66
N ILE A 97 24.74 -4.34 9.20
CA ILE A 97 24.48 -4.49 10.66
C ILE A 97 24.84 -5.92 11.09
N ALA A 98 24.49 -6.91 10.25
CA ALA A 98 24.61 -8.36 10.54
C ALA A 98 26.08 -8.74 10.77
N GLN A 99 26.99 -8.23 9.94
CA GLN A 99 28.47 -8.48 10.03
C GLN A 99 29.02 -7.97 11.38
N SER A 100 28.46 -6.87 11.91
CA SER A 100 28.93 -6.21 13.15
C SER A 100 28.42 -6.95 14.40
N VAL A 101 27.18 -7.46 14.35
CA VAL A 101 26.49 -8.20 15.46
C VAL A 101 26.97 -9.66 15.47
N ASP A 102 26.63 -10.43 14.42
CA ASP A 102 27.03 -11.84 14.22
C ASP A 102 28.51 -11.86 13.81
N LYS A 103 29.41 -12.08 14.77
CA LYS A 103 30.88 -12.09 14.56
C LYS A 103 31.25 -13.30 13.69
N THR A 104 32.48 -13.31 13.14
CA THR A 104 33.05 -14.46 12.38
C THR A 104 33.49 -15.53 13.37
N ASN A 105 34.23 -15.14 14.42
CA ASN A 105 34.30 -15.87 15.71
C ASN A 105 32.86 -16.01 16.20
N LYS A 106 32.42 -17.23 16.53
CA LYS A 106 31.00 -17.53 16.86
C LYS A 106 30.70 -17.22 18.33
N ASN A 107 31.61 -16.55 19.05
CA ASN A 107 31.70 -16.62 20.55
C ASN A 107 31.30 -15.29 21.20
N LEU A 108 31.58 -14.15 20.55
CA LEU A 108 30.97 -12.84 20.93
C LEU A 108 29.75 -12.56 20.04
N ILE A 109 28.81 -11.79 20.59
CA ILE A 109 27.74 -11.05 19.85
C ILE A 109 27.94 -9.57 20.18
N GLY A 110 28.00 -8.70 19.15
CA GLY A 110 28.13 -7.25 19.30
C GLY A 110 26.77 -6.57 19.40
N ALA A 111 26.70 -5.41 20.05
CA ALA A 111 25.45 -4.66 20.31
C ALA A 111 24.70 -4.41 18.99
N GLY A 112 23.39 -4.66 18.97
CA GLY A 112 22.51 -4.49 17.81
C GLY A 112 22.49 -3.06 17.30
N ASP A 113 22.58 -2.11 18.23
CA ASP A 113 22.67 -0.65 17.95
C ASP A 113 23.55 0.01 19.03
N GLN A 114 23.87 1.29 18.87
CA GLN A 114 24.27 2.17 19.98
C GLN A 114 23.00 2.36 20.83
N GLY A 115 23.11 2.90 22.03
CA GLY A 115 21.94 3.29 22.82
C GLY A 115 22.20 3.32 24.31
N ILE A 116 21.23 3.86 25.05
CA ILE A 116 21.21 3.97 26.53
C ILE A 116 19.93 3.30 27.01
N VAL A 117 20.05 2.40 27.98
CA VAL A 117 18.91 1.69 28.63
C VAL A 117 19.00 1.97 30.13
N PHE A 118 17.84 2.05 30.78
CA PHE A 118 17.68 2.28 32.24
C PHE A 118 16.97 1.06 32.84
N GLY A 119 17.53 0.53 33.93
CA GLY A 119 16.89 -0.46 34.82
C GLY A 119 16.56 0.17 36.16
N TYR A 120 15.33 -0.03 36.62
CA TYR A 120 14.80 0.54 37.89
C TYR A 120 14.20 -0.58 38.75
N ALA A 121 14.28 -0.41 40.06
CA ALA A 121 13.54 -1.21 41.08
C ALA A 121 13.31 -0.34 42.31
N CYS A 122 12.29 -0.67 43.10
CA CYS A 122 12.06 -0.10 44.47
C CYS A 122 11.30 -1.10 45.33
N ASP A 123 11.23 -0.84 46.64
CA ASP A 123 10.66 -1.77 47.65
C ASP A 123 9.22 -1.38 48.01
N GLU A 124 8.59 -0.49 47.23
CA GLU A 124 7.18 -0.03 47.43
C GLU A 124 6.19 -1.18 47.23
N THR A 125 6.51 -2.18 46.41
CA THR A 125 5.59 -3.31 46.08
C THR A 125 6.33 -4.64 46.08
N PRO A 126 5.62 -5.77 46.27
CA PRO A 126 6.16 -7.11 46.02
C PRO A 126 6.81 -7.28 44.64
N GLN A 127 6.29 -6.58 43.63
CA GLN A 127 6.81 -6.63 42.23
C GLN A 127 8.11 -5.83 42.13
N TYR A 128 8.49 -5.10 43.17
CA TYR A 128 9.64 -4.16 43.20
C TYR A 128 9.44 -3.11 42.10
N MET A 129 8.23 -2.55 42.02
CA MET A 129 7.81 -1.55 41.01
C MET A 129 7.06 -0.39 41.68
N PRO A 130 7.13 0.84 41.13
CA PRO A 130 6.39 1.98 41.67
C PRO A 130 4.89 1.66 41.78
N LEU A 131 4.26 2.08 42.87
CA LEU A 131 2.85 1.76 43.22
C LEU A 131 1.92 2.14 42.05
N THR A 132 2.15 3.34 41.49
CA THR A 132 1.31 3.98 40.44
C THR A 132 1.24 3.08 39.20
N SER A 133 2.39 2.54 38.79
CA SER A 133 2.57 1.59 37.65
C SER A 133 1.77 0.31 37.92
N VAL A 134 2.05 -0.34 39.05
CA VAL A 134 1.42 -1.64 39.42
C VAL A 134 -0.11 -1.47 39.36
N LEU A 135 -0.65 -0.45 40.04
CA LEU A 135 -2.11 -0.19 40.17
C LEU A 135 -2.72 0.10 38.79
N ALA A 136 -2.05 0.89 37.95
CA ALA A 136 -2.52 1.25 36.59
C ALA A 136 -2.68 0.00 35.72
N HIS A 137 -1.69 -0.90 35.74
CA HIS A 137 -1.69 -2.18 34.99
C HIS A 137 -2.75 -3.13 35.55
N GLU A 138 -2.69 -3.41 36.85
CA GLU A 138 -3.56 -4.39 37.53
C GLU A 138 -5.02 -4.04 37.28
N LEU A 139 -5.33 -2.74 37.18
CA LEU A 139 -6.70 -2.21 36.94
C LEU A 139 -7.18 -2.69 35.55
N LEU A 140 -6.41 -2.35 34.51
CA LEU A 140 -6.73 -2.72 33.11
C LEU A 140 -6.63 -4.25 32.96
N LYS A 141 -5.68 -4.88 33.66
CA LYS A 141 -5.39 -6.33 33.51
C LYS A 141 -6.60 -7.12 34.02
N GLU A 142 -7.26 -6.62 35.08
CA GLU A 142 -8.45 -7.26 35.68
C GLU A 142 -9.68 -7.00 34.81
N ILE A 143 -9.81 -5.79 34.25
CA ILE A 143 -10.94 -5.40 33.36
C ILE A 143 -10.89 -6.27 32.11
N GLU A 144 -9.72 -6.44 31.49
CA GLU A 144 -9.55 -7.24 30.24
C GLU A 144 -9.87 -8.70 30.52
N ARG A 145 -9.54 -9.21 31.70
CA ARG A 145 -9.78 -10.64 32.06
C ARG A 145 -11.29 -10.88 32.06
N GLN A 146 -12.04 -9.95 32.66
CA GLN A 146 -13.52 -10.05 32.83
C GLN A 146 -14.20 -9.86 31.47
N ARG A 147 -13.61 -9.12 30.54
CA ARG A 147 -14.19 -8.89 29.19
C ARG A 147 -14.17 -10.20 28.39
N ARG A 148 -13.04 -10.91 28.40
CA ARG A 148 -12.84 -12.18 27.66
C ARG A 148 -13.74 -13.26 28.25
N SER A 149 -13.92 -13.26 29.59
CA SER A 149 -14.72 -14.25 30.35
C SER A 149 -16.19 -13.85 30.45
N LYS A 150 -16.55 -12.64 30.00
CA LYS A 150 -17.93 -12.09 29.93
C LYS A 150 -18.50 -11.83 31.35
N GLU A 151 -17.65 -11.74 32.38
CA GLU A 151 -18.02 -11.30 33.75
C GLU A 151 -18.32 -9.80 33.77
N PHE A 152 -17.77 -9.07 32.80
CA PHE A 152 -17.99 -7.62 32.54
C PHE A 152 -18.36 -7.50 31.06
N ILE A 153 -19.65 -7.29 30.79
CA ILE A 153 -20.25 -7.35 29.42
C ILE A 153 -20.28 -5.95 28.83
N LYS A 154 -20.58 -5.84 27.53
CA LYS A 154 -20.85 -4.57 26.80
C LYS A 154 -19.67 -3.60 26.92
N ILE A 155 -18.46 -4.13 26.97
CA ILE A 155 -17.19 -3.35 26.88
C ILE A 155 -16.30 -3.99 25.81
N GLN A 156 -15.48 -3.17 25.15
CA GLN A 156 -14.51 -3.60 24.10
C GLN A 156 -13.10 -3.44 24.64
N ALA A 157 -12.10 -3.90 23.88
CA ALA A 157 -10.70 -4.13 24.34
C ALA A 157 -9.96 -2.82 24.58
N ASP A 158 -10.23 -1.76 23.81
CA ASP A 158 -9.52 -0.46 23.87
C ASP A 158 -9.88 0.22 25.18
N MET A 159 -8.87 0.66 25.95
CA MET A 159 -9.07 1.27 27.29
C MET A 159 -7.74 1.77 27.86
N LYS A 160 -7.79 2.78 28.73
CA LYS A 160 -6.61 3.41 29.38
C LYS A 160 -6.88 3.59 30.88
N SER A 161 -5.82 3.54 31.68
CA SER A 161 -5.82 3.86 33.13
C SER A 161 -4.78 4.94 33.43
N GLN A 162 -5.08 5.80 34.39
CA GLN A 162 -4.14 6.78 34.98
C GLN A 162 -4.36 6.78 36.50
N VAL A 163 -3.32 6.44 37.27
CA VAL A 163 -3.37 6.37 38.75
C VAL A 163 -2.38 7.40 39.30
N SER A 164 -2.90 8.39 40.03
CA SER A 164 -2.13 9.47 40.70
C SER A 164 -2.05 9.14 42.19
N ILE A 165 -0.84 9.13 42.76
CA ILE A 165 -0.61 8.83 44.21
C ILE A 165 0.07 10.04 44.87
N ASP A 166 -0.47 10.47 46.01
CA ASP A 166 0.01 11.60 46.84
C ASP A 166 1.09 11.07 47.80
N TYR A 167 2.35 11.44 47.56
CA TYR A 167 3.55 10.96 48.29
C TYR A 167 4.05 12.01 49.30
N SER A 168 3.19 12.95 49.72
CA SER A 168 3.54 14.04 50.68
C SER A 168 4.03 13.43 52.00
N ASN A 169 3.21 12.61 52.64
CA ASN A 169 3.52 11.88 53.90
C ASN A 169 4.16 10.54 53.54
N SER A 170 4.80 9.87 54.49
CA SER A 170 5.67 8.67 54.26
C SER A 170 4.80 7.42 53.99
N THR A 171 3.55 7.41 54.46
CA THR A 171 2.52 6.40 54.09
C THR A 171 1.77 6.92 52.87
N PRO A 172 1.88 6.25 51.69
CA PRO A 172 1.33 6.78 50.45
C PRO A 172 -0.21 6.74 50.45
N LEU A 173 -0.81 7.64 49.66
CA LEU A 173 -2.27 7.88 49.59
C LEU A 173 -2.68 7.95 48.11
N ILE A 174 -3.69 7.17 47.70
CA ILE A 174 -4.26 7.28 46.32
C ILE A 174 -5.02 8.61 46.24
N GLU A 175 -4.63 9.46 45.27
CA GLU A 175 -5.23 10.79 45.01
C GLU A 175 -6.41 10.60 44.04
N THR A 176 -6.15 9.97 42.88
CA THR A 176 -7.11 9.76 41.77
C THR A 176 -6.83 8.44 41.04
N MET A 177 -7.88 7.69 40.71
CA MET A 177 -7.86 6.60 39.68
C MET A 177 -8.76 7.02 38.53
N LEU A 178 -8.19 7.06 37.32
CA LEU A 178 -8.88 7.43 36.05
C LEU A 178 -8.93 6.18 35.15
N VAL A 179 -10.07 5.97 34.51
CA VAL A 179 -10.25 4.85 33.54
C VAL A 179 -11.12 5.36 32.40
N SER A 180 -10.66 5.15 31.16
CA SER A 180 -11.47 5.22 29.92
C SER A 180 -11.56 3.81 29.34
N ILE A 181 -12.77 3.28 29.18
CA ILE A 181 -13.03 1.97 28.52
C ILE A 181 -13.99 2.20 27.35
N GLN A 182 -13.62 1.75 26.15
CA GLN A 182 -14.51 1.63 24.98
C GLN A 182 -15.67 0.70 25.35
N HIS A 183 -16.90 1.13 25.10
CA HIS A 183 -18.14 0.42 25.48
C HIS A 183 -19.05 0.29 24.24
N ASP A 184 -20.08 -0.55 24.35
CA ASP A 184 -21.14 -0.71 23.31
C ASP A 184 -22.07 0.50 23.37
N GLU A 185 -22.85 0.72 22.31
CA GLU A 185 -23.88 1.79 22.22
C GLU A 185 -24.89 1.63 23.38
N ASP A 186 -25.30 0.39 23.65
CA ASP A 186 -26.45 0.04 24.54
C ASP A 186 -25.96 -0.37 25.94
N TYR A 187 -24.86 0.20 26.44
CA TYR A 187 -24.32 -0.08 27.80
C TYR A 187 -25.25 0.54 28.84
N ASP A 188 -25.28 -0.07 30.03
CA ASP A 188 -25.97 0.46 31.24
C ASP A 188 -24.89 1.16 32.08
N VAL A 189 -24.97 2.48 32.20
CA VAL A 189 -23.93 3.34 32.84
C VAL A 189 -23.84 2.97 34.33
N GLU A 190 -24.98 2.78 35.00
CA GLU A 190 -25.06 2.29 36.41
C GLU A 190 -24.16 1.05 36.54
N TYR A 191 -24.44 0.03 35.73
CA TYR A 191 -23.73 -1.27 35.74
C TYR A 191 -22.24 -1.02 35.50
N PHE A 192 -21.94 -0.27 34.44
CA PHE A 192 -20.57 0.06 33.99
C PHE A 192 -19.79 0.68 35.15
N ASN A 193 -20.29 1.78 35.74
CA ASN A 193 -19.60 2.57 36.79
C ASN A 193 -19.46 1.72 38.07
N LYS A 194 -20.46 0.93 38.43
CA LYS A 194 -20.40 0.01 39.60
C LYS A 194 -19.25 -0.99 39.40
N LYS A 195 -19.20 -1.65 38.22
CA LYS A 195 -18.19 -2.69 37.89
C LYS A 195 -16.77 -2.11 38.02
N VAL A 196 -16.54 -0.93 37.44
CA VAL A 196 -15.24 -0.20 37.46
C VAL A 196 -14.92 0.20 38.90
N SER A 197 -15.87 0.81 39.62
CA SER A 197 -15.71 1.28 41.02
C SER A 197 -15.29 0.11 41.90
N ALA A 198 -15.84 -1.08 41.67
CA ALA A 198 -15.62 -2.28 42.50
C ALA A 198 -14.20 -2.80 42.26
N ILE A 199 -13.79 -2.83 40.99
CA ILE A 199 -12.44 -3.28 40.58
C ILE A 199 -11.40 -2.30 41.15
N MET A 200 -11.67 -1.00 41.06
CA MET A 200 -10.79 0.08 41.59
C MET A 200 -10.53 -0.15 43.10
N GLU A 201 -11.56 -0.48 43.87
CA GLU A 201 -11.47 -0.65 45.35
C GLU A 201 -10.77 -1.97 45.69
N GLN A 202 -11.16 -3.07 45.03
CA GLN A 202 -10.56 -4.42 45.19
C GLN A 202 -9.02 -4.30 45.04
N ILE A 203 -8.58 -3.50 44.06
CA ILE A 203 -7.13 -3.28 43.74
C ILE A 203 -6.49 -2.42 44.85
N ALA A 204 -7.11 -1.30 45.23
CA ALA A 204 -6.63 -0.40 46.30
C ALA A 204 -6.44 -1.18 47.61
N LYS A 205 -7.42 -2.04 47.96
CA LYS A 205 -7.43 -2.82 49.22
C LYS A 205 -6.35 -3.91 49.17
N LYS A 206 -6.01 -4.41 47.98
CA LYS A 206 -4.95 -5.44 47.79
C LYS A 206 -3.61 -4.90 48.32
N TYR A 207 -3.29 -3.64 48.06
CA TYR A 207 -2.04 -2.96 48.50
C TYR A 207 -2.34 -2.16 49.78
N ASN A 208 -3.30 -2.65 50.59
CA ASN A 208 -3.97 -1.94 51.71
C ASN A 208 -3.68 -0.43 51.63
N LEU A 209 -4.30 0.22 50.64
CA LEU A 209 -4.34 1.69 50.49
C LEU A 209 -5.73 2.21 50.84
N ASN A 210 -5.82 3.51 51.14
CA ASN A 210 -7.09 4.27 51.31
C ASN A 210 -8.03 3.90 50.16
N THR A 211 -9.34 4.04 50.38
CA THR A 211 -10.39 3.55 49.45
C THR A 211 -11.29 4.72 49.02
N ASN A 212 -11.02 5.93 49.52
CA ASN A 212 -11.90 7.12 49.41
C ASN A 212 -11.47 8.02 48.25
N PHE A 213 -10.41 7.64 47.53
CA PHE A 213 -9.82 8.39 46.39
C PHE A 213 -10.89 8.77 45.37
N LYS A 214 -10.58 9.78 44.55
CA LYS A 214 -11.44 10.29 43.46
C LYS A 214 -11.45 9.27 42.31
N LYS A 215 -12.63 8.95 41.77
CA LYS A 215 -12.81 7.98 40.67
C LYS A 215 -13.31 8.73 39.44
N ILE A 216 -12.53 8.70 38.35
CA ILE A 216 -12.86 9.39 37.07
C ILE A 216 -13.08 8.32 35.99
N ILE A 217 -14.34 8.01 35.68
CA ILE A 217 -14.75 6.86 34.82
C ILE A 217 -15.42 7.41 33.54
N ASN A 218 -14.75 7.24 32.40
CA ASN A 218 -15.20 7.71 31.05
C ASN A 218 -15.55 9.20 31.13
N SER A 219 -14.52 10.02 31.41
CA SER A 219 -14.58 11.50 31.55
C SER A 219 -15.04 12.16 30.24
N SER A 220 -14.74 11.55 29.08
CA SER A 220 -15.16 12.05 27.74
C SER A 220 -16.67 11.90 27.57
N GLY A 221 -17.26 10.87 28.19
CA GLY A 221 -18.72 10.66 28.23
C GLY A 221 -19.25 9.89 27.03
N ARG A 222 -18.39 9.55 26.07
CA ARG A 222 -18.73 8.69 24.91
C ARG A 222 -17.43 8.09 24.37
N PHE A 223 -17.39 6.76 24.25
CA PHE A 223 -16.21 6.00 23.77
C PHE A 223 -16.73 4.69 23.16
N VAL A 224 -17.24 4.79 21.92
CA VAL A 224 -17.75 3.64 21.12
C VAL A 224 -16.74 3.35 20.00
N ILE A 225 -16.31 4.40 19.28
CA ILE A 225 -15.24 4.34 18.24
C ILE A 225 -13.89 4.28 18.95
N GLY A 226 -13.25 3.10 18.93
CA GLY A 226 -11.93 2.85 19.52
C GLY A 226 -10.95 2.25 18.53
N GLY A 227 -9.99 1.47 19.00
CA GLY A 227 -8.98 0.79 18.17
C GLY A 227 -8.28 1.76 17.23
N PRO A 228 -7.77 1.29 16.07
CA PRO A 228 -7.15 2.20 15.09
C PRO A 228 -8.18 3.03 14.31
N ILE A 229 -9.48 2.79 14.52
CA ILE A 229 -10.56 3.13 13.55
C ILE A 229 -10.63 4.65 13.34
N GLY A 230 -10.59 5.46 14.38
CA GLY A 230 -10.60 6.93 14.18
C GLY A 230 -9.21 7.51 13.99
N ASP A 231 -8.16 6.68 13.92
CA ASP A 231 -6.95 6.92 14.75
C ASP A 231 -5.72 6.26 14.10
N THR A 232 -4.60 6.21 14.84
CA THR A 232 -3.31 5.58 14.43
C THR A 232 -2.72 4.85 15.62
N GLY A 233 -1.95 3.78 15.37
CA GLY A 233 -1.12 3.02 16.32
C GLY A 233 0.18 2.59 15.65
N LEU A 234 1.30 2.72 16.34
CA LEU A 234 2.62 2.26 15.85
C LEU A 234 3.26 1.42 16.94
N THR A 235 4.10 0.45 16.55
CA THR A 235 5.01 -0.28 17.45
C THR A 235 5.86 0.74 18.20
N GLY A 236 5.94 0.58 19.53
CA GLY A 236 6.96 1.24 20.37
C GLY A 236 6.63 2.69 20.67
N ARG A 237 5.34 3.03 20.78
CA ARG A 237 4.88 4.39 21.18
C ARG A 237 4.28 4.35 22.60
N LYS A 238 4.50 3.26 23.33
CA LYS A 238 4.07 3.13 24.76
C LYS A 238 5.25 2.67 25.61
N ILE A 239 6.42 3.27 25.41
CA ILE A 239 7.72 2.79 25.95
C ILE A 239 7.78 3.12 27.45
N ILE A 240 7.04 4.13 27.92
CA ILE A 240 7.03 4.56 29.34
C ILE A 240 6.02 3.68 30.11
N VAL A 241 4.98 3.23 29.41
CA VAL A 241 3.94 2.28 29.92
C VAL A 241 4.52 0.87 29.93
N ASP A 242 5.49 0.58 29.07
CA ASP A 242 6.18 -0.74 28.99
C ASP A 242 7.17 -0.90 30.13
N THR A 243 7.63 0.22 30.72
CA THR A 243 8.76 0.29 31.67
C THR A 243 8.24 0.70 33.06
N TYR A 244 8.58 1.90 33.54
CA TYR A 244 8.38 2.34 34.95
C TYR A 244 7.46 3.56 35.02
N GLY A 245 6.53 3.69 34.07
CA GLY A 245 5.47 4.73 34.07
C GLY A 245 5.96 6.10 34.52
N GLY A 246 7.12 6.51 33.99
CA GLY A 246 7.96 7.57 34.54
C GLY A 246 8.70 6.97 35.71
N VAL A 247 8.58 7.57 36.88
CA VAL A 247 9.42 7.29 38.10
C VAL A 247 10.90 7.05 37.75
N GLY A 248 11.20 6.24 36.72
CA GLY A 248 12.56 5.98 36.21
C GLY A 248 12.87 6.83 34.99
N HIS A 249 14.11 6.78 34.50
CA HIS A 249 14.54 7.43 33.23
C HIS A 249 14.42 6.41 32.10
N HIS A 250 14.40 6.88 30.85
CA HIS A 250 14.32 6.04 29.65
C HIS A 250 15.30 6.56 28.60
N GLY A 251 15.92 5.67 27.82
CA GLY A 251 16.94 5.99 26.80
C GLY A 251 16.33 6.24 25.44
N GLY A 252 15.15 5.69 25.17
CA GLY A 252 14.35 5.97 23.97
C GLY A 252 13.97 4.72 23.18
N GLY A 253 14.62 3.58 23.43
CA GLY A 253 14.38 2.33 22.70
C GLY A 253 13.07 1.65 23.07
N ALA A 254 12.33 1.20 22.07
CA ALA A 254 11.11 0.37 22.21
C ALA A 254 11.54 -1.10 22.20
N PHE A 255 10.70 -1.97 22.76
CA PHE A 255 11.04 -3.40 22.99
C PHE A 255 10.42 -4.29 21.92
N SER A 256 9.12 -4.14 21.68
CA SER A 256 8.30 -5.09 20.89
C SER A 256 8.87 -5.25 19.47
N GLY A 257 8.98 -6.49 19.00
CA GLY A 257 9.35 -6.83 17.61
C GLY A 257 10.84 -6.96 17.42
N LYS A 258 11.60 -6.86 18.50
CA LYS A 258 13.08 -6.88 18.46
C LYS A 258 13.57 -8.17 19.11
N ASP A 259 14.46 -8.88 18.42
CA ASP A 259 15.09 -10.13 18.92
C ASP A 259 16.13 -9.74 19.99
N PRO A 260 16.63 -10.70 20.79
CA PRO A 260 17.60 -10.41 21.84
C PRO A 260 18.91 -9.69 21.46
N THR A 261 19.36 -9.74 20.20
CA THR A 261 20.63 -9.08 19.77
C THR A 261 20.47 -7.55 19.78
N LYS A 262 19.24 -7.04 19.83
CA LYS A 262 18.97 -5.58 19.98
C LYS A 262 19.08 -5.26 21.47
N VAL A 263 20.20 -4.69 21.88
CA VAL A 263 20.53 -4.37 23.30
C VAL A 263 19.42 -3.51 23.91
N ASP A 264 18.89 -2.55 23.15
CA ASP A 264 17.70 -1.73 23.51
C ASP A 264 16.77 -2.54 24.41
N ARG A 265 16.48 -3.79 24.02
CA ARG A 265 15.59 -4.71 24.75
C ARG A 265 16.40 -5.48 25.81
N SER A 266 17.32 -6.35 25.39
CA SER A 266 17.94 -7.40 26.24
C SER A 266 18.73 -6.76 27.40
N ALA A 267 19.41 -5.64 27.13
CA ALA A 267 20.17 -4.84 28.12
C ALA A 267 19.21 -4.17 29.09
N SER A 268 18.07 -3.67 28.62
CA SER A 268 17.01 -3.06 29.48
C SER A 268 16.54 -4.11 30.49
N TYR A 269 16.27 -5.33 30.02
CA TYR A 269 15.89 -6.51 30.84
C TYR A 269 17.02 -6.85 31.83
N PHE A 270 18.26 -6.89 31.32
CA PHE A 270 19.48 -7.16 32.13
C PHE A 270 19.59 -6.12 33.24
N ALA A 271 19.35 -4.84 32.91
CA ALA A 271 19.37 -3.68 33.84
C ALA A 271 18.26 -3.81 34.91
N ARG A 272 17.05 -4.23 34.51
CA ARG A 272 15.94 -4.48 35.46
C ARG A 272 16.40 -5.52 36.50
N TRP A 273 17.08 -6.56 36.04
CA TRP A 273 17.52 -7.75 36.81
C TRP A 273 18.52 -7.35 37.90
N ILE A 274 19.46 -6.45 37.58
CA ILE A 274 20.45 -5.90 38.55
C ILE A 274 19.68 -5.06 39.59
N ALA A 275 18.96 -4.02 39.14
CA ALA A 275 18.18 -3.09 40.01
C ALA A 275 17.34 -3.89 40.99
N LYS A 276 16.52 -4.82 40.49
CA LYS A 276 15.61 -5.64 41.33
C LYS A 276 16.41 -6.42 42.39
N ASN A 277 17.51 -7.06 42.01
CA ASN A 277 18.32 -7.92 42.92
C ASN A 277 19.06 -7.05 43.94
N VAL A 278 19.43 -5.81 43.57
CA VAL A 278 20.09 -4.83 44.46
C VAL A 278 19.12 -4.43 45.57
N VAL A 279 17.86 -4.12 45.21
CA VAL A 279 16.83 -3.70 46.20
C VAL A 279 16.36 -4.92 47.02
N ALA A 280 16.21 -6.10 46.39
CA ALA A 280 15.85 -7.38 47.04
C ALA A 280 16.93 -7.79 48.06
N ALA A 281 18.20 -7.48 47.77
CA ALA A 281 19.35 -7.76 48.65
C ALA A 281 19.35 -6.82 49.86
N LYS A 282 18.46 -5.81 49.84
CA LYS A 282 18.24 -4.81 50.92
C LYS A 282 19.44 -3.85 50.96
N LEU A 283 20.14 -3.67 49.83
CA LEU A 283 21.30 -2.75 49.73
C LEU A 283 20.78 -1.33 49.48
N ALA A 284 19.52 -1.18 49.05
CA ALA A 284 18.86 0.11 48.74
C ALA A 284 17.34 -0.07 48.66
N LYS A 285 16.60 1.03 48.76
CA LYS A 285 15.12 1.05 48.66
C LYS A 285 14.71 1.30 47.20
N GLN A 286 15.46 2.14 46.49
CA GLN A 286 15.33 2.42 45.04
C GLN A 286 16.70 2.25 44.39
N CYS A 287 16.76 1.73 43.15
CA CYS A 287 18.03 1.57 42.40
C CYS A 287 17.75 1.77 40.91
N GLU A 288 18.46 2.72 40.31
CA GLU A 288 18.42 2.99 38.84
C GLU A 288 19.79 2.68 38.25
N ILE A 289 19.82 1.95 37.12
CA ILE A 289 21.06 1.50 36.43
C ILE A 289 21.01 2.00 34.98
N GLN A 290 21.92 2.90 34.62
CA GLN A 290 22.11 3.39 33.23
C GLN A 290 23.20 2.57 32.57
N LEU A 291 22.93 1.98 31.40
CA LEU A 291 23.92 1.24 30.57
C LEU A 291 23.93 1.88 29.17
N ALA A 292 25.11 2.13 28.62
CA ALA A 292 25.36 2.70 27.27
C ALA A 292 26.06 1.67 26.40
N PHE A 293 25.79 1.64 25.10
CA PHE A 293 26.30 0.61 24.14
C PHE A 293 26.83 1.28 22.88
N ALA A 294 27.78 0.61 22.21
CA ALA A 294 28.35 0.96 20.90
C ALA A 294 28.05 -0.19 19.94
N ILE A 295 27.57 0.10 18.72
CA ILE A 295 27.21 -0.89 17.65
C ILE A 295 28.43 -1.79 17.36
N GLY A 296 28.30 -3.10 17.59
CA GLY A 296 29.31 -4.10 17.20
C GLY A 296 30.29 -4.42 18.32
N GLN A 297 30.12 -3.79 19.49
CA GLN A 297 30.99 -3.98 20.69
C GLN A 297 30.29 -4.93 21.66
N PRO A 298 31.03 -5.90 22.25
CA PRO A 298 30.42 -6.99 23.00
C PRO A 298 30.01 -6.63 24.44
N GLN A 299 30.51 -5.51 24.97
CA GLN A 299 30.28 -5.07 26.37
C GLN A 299 29.77 -3.63 26.40
N PRO A 300 29.05 -3.22 27.47
CA PRO A 300 28.64 -1.82 27.65
C PRO A 300 29.83 -0.86 27.69
N VAL A 301 29.67 0.31 27.05
CA VAL A 301 30.69 1.39 26.93
C VAL A 301 30.75 2.18 28.24
N ALA A 302 29.60 2.40 28.91
CA ALA A 302 29.47 3.13 30.20
C ALA A 302 28.38 2.48 31.06
N MET A 303 28.52 2.55 32.39
CA MET A 303 27.51 2.11 33.39
C MET A 303 27.45 3.13 34.54
N TYR A 304 26.24 3.46 35.01
CA TYR A 304 25.98 4.34 36.16
C TYR A 304 24.95 3.70 37.09
N VAL A 305 25.25 3.67 38.41
CA VAL A 305 24.34 3.13 39.48
C VAL A 305 23.91 4.28 40.41
N ASN A 306 22.61 4.56 40.48
CA ASN A 306 22.03 5.64 41.34
C ASN A 306 21.04 5.01 42.33
N THR A 307 21.33 5.13 43.65
CA THR A 307 20.50 4.59 44.75
C THR A 307 19.69 5.71 45.42
N PHE A 308 19.74 6.94 44.90
CA PHE A 308 18.86 8.06 45.31
C PHE A 308 18.98 8.34 46.81
N ASN A 309 20.17 8.12 47.40
CA ASN A 309 20.45 8.30 48.85
C ASN A 309 19.47 7.45 49.68
N THR A 310 19.05 6.30 49.15
CA THR A 310 18.25 5.27 49.87
C THR A 310 19.12 4.02 50.11
N ASN A 311 20.42 4.08 49.74
CA ASN A 311 21.40 2.99 49.98
C ASN A 311 21.51 2.72 51.49
N LEU A 312 21.56 1.45 51.87
CA LEU A 312 21.67 0.99 53.29
C LEU A 312 23.06 0.40 53.55
N ILE A 313 23.93 0.33 52.53
CA ILE A 313 25.41 0.17 52.66
C ILE A 313 26.09 1.22 51.78
N ASP A 314 27.39 1.44 51.99
CA ASP A 314 28.24 2.42 51.23
C ASP A 314 27.94 2.28 49.72
N GLU A 315 27.73 3.42 49.05
CA GLU A 315 27.35 3.50 47.61
C GLU A 315 28.39 2.74 46.78
N THR A 316 29.67 2.98 47.09
CA THR A 316 30.84 2.48 46.31
C THR A 316 30.86 0.94 46.35
N LYS A 317 30.55 0.32 47.49
CA LYS A 317 30.58 -1.16 47.66
C LYS A 317 29.46 -1.82 46.85
N ILE A 318 28.38 -1.09 46.55
CA ILE A 318 27.24 -1.58 45.70
C ILE A 318 27.73 -1.69 44.26
N PHE A 319 28.46 -0.70 43.75
CA PHE A 319 29.04 -0.70 42.38
C PHE A 319 29.98 -1.91 42.21
N GLU A 320 30.81 -2.19 43.21
CA GLU A 320 31.79 -3.31 43.19
C GLU A 320 31.02 -4.63 43.18
N ALA A 321 30.03 -4.78 44.06
CA ALA A 321 29.22 -6.00 44.27
C ALA A 321 28.58 -6.39 42.95
N ILE A 322 28.05 -5.40 42.21
CA ILE A 322 27.35 -5.60 40.90
C ILE A 322 28.38 -6.11 39.87
N LYS A 323 29.53 -5.45 39.75
CA LYS A 323 30.61 -5.82 38.79
C LYS A 323 31.05 -7.27 39.06
N LYS A 324 31.20 -7.65 40.34
CA LYS A 324 31.62 -9.00 40.78
C LYS A 324 30.49 -10.02 40.57
N SER A 325 29.22 -9.59 40.61
CA SER A 325 28.02 -10.47 40.72
C SER A 325 27.41 -10.80 39.36
N PHE A 326 27.64 -9.95 38.34
CA PHE A 326 27.02 -10.05 37.00
C PHE A 326 28.09 -10.10 35.90
N ASN A 327 27.88 -10.95 34.89
CA ASN A 327 28.67 -10.97 33.62
C ASN A 327 28.01 -10.00 32.64
N PHE A 328 28.77 -9.00 32.16
CA PHE A 328 28.27 -7.88 31.32
C PHE A 328 28.51 -8.15 29.84
N ASP A 329 29.11 -9.29 29.47
CA ASP A 329 29.18 -9.77 28.07
C ASP A 329 27.73 -9.94 27.57
N ILE A 330 27.43 -9.43 26.39
CA ILE A 330 26.05 -9.36 25.82
C ILE A 330 25.58 -10.76 25.45
N LYS A 331 26.41 -11.61 24.81
CA LYS A 331 26.06 -13.02 24.50
C LYS A 331 25.77 -13.77 25.81
N THR A 332 26.57 -13.51 26.85
CA THR A 332 26.50 -14.20 28.16
C THR A 332 25.17 -13.84 28.87
N PHE A 333 24.82 -12.56 29.04
CA PHE A 333 23.63 -12.15 29.83
C PHE A 333 22.35 -12.51 29.03
N ILE A 334 22.44 -12.57 27.70
CA ILE A 334 21.34 -13.06 26.81
C ILE A 334 21.08 -14.56 27.11
N ASN A 335 22.13 -15.38 27.22
CA ASN A 335 22.01 -16.82 27.53
C ASN A 335 21.55 -16.99 28.98
N ASP A 336 22.11 -16.21 29.91
CA ASP A 336 21.80 -16.28 31.37
C ASP A 336 20.30 -16.01 31.60
N LEU A 337 19.73 -15.02 30.90
CA LEU A 337 18.29 -14.62 31.00
C LEU A 337 17.43 -15.42 30.03
N ASN A 338 18.02 -16.35 29.26
CA ASN A 338 17.31 -17.30 28.38
C ASN A 338 16.39 -16.53 27.41
N LEU A 339 16.91 -15.50 26.75
CA LEU A 339 16.10 -14.56 25.94
C LEU A 339 15.74 -15.19 24.59
N TRP A 340 16.52 -16.17 24.13
CA TRP A 340 16.26 -16.92 22.87
C TRP A 340 14.99 -17.76 23.01
N THR A 341 14.68 -18.20 24.23
CA THR A 341 13.66 -19.24 24.53
C THR A 341 12.51 -18.65 25.34
N THR A 342 12.41 -17.33 25.47
CA THR A 342 11.35 -16.60 26.20
C THR A 342 10.27 -16.12 25.22
N LYS A 343 8.99 -16.34 25.53
CA LYS A 343 7.84 -15.81 24.75
C LYS A 343 7.60 -14.36 25.19
N TYR A 344 7.52 -13.44 24.23
CA TYR A 344 7.49 -11.97 24.45
C TYR A 344 6.07 -11.41 24.33
N LEU A 345 5.14 -12.12 23.71
CA LEU A 345 3.74 -11.62 23.54
C LEU A 345 3.15 -11.28 24.90
N PRO A 346 3.31 -12.11 25.96
CA PRO A 346 2.73 -11.81 27.27
C PRO A 346 3.15 -10.45 27.86
N VAL A 347 4.33 -9.93 27.49
CA VAL A 347 4.87 -8.64 28.03
C VAL A 347 4.54 -7.48 27.08
N ALA A 348 3.97 -7.79 25.91
CA ALA A 348 3.50 -6.79 24.91
C ALA A 348 2.31 -6.00 25.50
N THR A 349 1.65 -6.54 26.54
CA THR A 349 0.60 -5.82 27.33
C THR A 349 0.99 -5.81 28.82
N TYR A 350 0.63 -4.73 29.52
CA TYR A 350 0.55 -4.63 31.01
C TYR A 350 1.94 -4.55 31.65
N GLY A 351 2.93 -4.09 30.88
CA GLY A 351 4.32 -3.85 31.32
C GLY A 351 5.23 -5.04 31.05
N HIS A 352 6.52 -4.76 30.85
CA HIS A 352 7.60 -5.77 30.75
C HIS A 352 8.13 -6.15 32.15
N PHE A 353 7.85 -5.33 33.17
CA PHE A 353 8.52 -5.42 34.52
C PHE A 353 7.50 -5.56 35.66
N GLY A 354 7.93 -6.17 36.76
CA GLY A 354 7.07 -6.53 37.90
C GLY A 354 5.91 -7.42 37.47
N ARG A 355 6.20 -8.56 36.84
CA ARG A 355 5.17 -9.52 36.36
C ARG A 355 5.18 -10.75 37.28
N ASP A 356 4.54 -10.62 38.43
CA ASP A 356 4.31 -11.71 39.43
C ASP A 356 3.28 -12.67 38.83
N ASP A 357 2.55 -12.27 37.77
CA ASP A 357 1.58 -13.12 37.02
C ASP A 357 2.31 -13.96 35.95
N LEU A 358 3.58 -13.65 35.65
CA LEU A 358 4.44 -14.37 34.67
C LEU A 358 5.69 -14.87 35.41
N ASP A 359 6.61 -15.56 34.70
CA ASP A 359 7.82 -16.17 35.29
C ASP A 359 9.06 -15.77 34.49
N LEU A 360 9.33 -14.48 34.42
CA LEU A 360 10.39 -13.88 33.55
C LEU A 360 11.75 -13.98 34.24
N SER A 361 12.78 -14.37 33.48
CA SER A 361 14.17 -14.58 33.96
C SER A 361 14.68 -13.32 34.65
N TRP A 362 14.33 -12.15 34.12
CA TRP A 362 14.85 -10.82 34.54
C TRP A 362 14.07 -10.29 35.75
N GLU A 363 13.12 -11.07 36.27
CA GLU A 363 12.36 -10.77 37.52
C GLU A 363 12.79 -11.70 38.66
N LYS A 364 13.65 -12.69 38.41
CA LYS A 364 14.05 -13.72 39.40
C LYS A 364 15.13 -13.14 40.33
N LEU A 365 14.98 -13.36 41.64
CA LEU A 365 15.89 -12.83 42.70
C LEU A 365 17.01 -13.86 42.94
N ASN A 366 17.60 -14.38 41.85
CA ASN A 366 18.59 -15.48 41.88
C ASN A 366 20.01 -14.91 41.95
N LYS A 367 20.15 -13.59 42.19
CA LYS A 367 21.47 -12.92 42.35
C LYS A 367 21.59 -12.20 43.71
N VAL A 368 20.60 -12.32 44.60
CA VAL A 368 20.61 -11.65 45.94
C VAL A 368 21.81 -12.18 46.75
N GLU A 369 22.00 -13.51 46.79
CA GLU A 369 23.02 -14.20 47.63
C GLU A 369 24.43 -13.90 47.10
N ASP A 370 24.58 -13.58 45.81
CA ASP A 370 25.87 -13.19 45.20
C ASP A 370 26.20 -11.73 45.49
N LEU A 371 25.19 -10.85 45.51
CA LEU A 371 25.36 -9.39 45.81
C LEU A 371 25.73 -9.19 47.28
N ILE A 372 25.16 -10.00 48.17
CA ILE A 372 25.46 -9.99 49.65
C ILE A 372 26.91 -10.47 49.86
N LYS A 373 27.31 -11.57 49.23
CA LYS A 373 28.70 -12.12 49.31
C LYS A 373 29.72 -11.08 48.84
N ASN A 374 29.46 -10.40 47.72
CA ASN A 374 30.46 -9.56 47.00
C ASN A 374 30.45 -8.11 47.50
N SER A 375 29.46 -7.70 48.29
CA SER A 375 29.42 -6.35 48.92
C SER A 375 30.40 -6.32 50.10
N LYS A 376 30.81 -7.50 50.61
CA LYS A 376 31.75 -7.69 51.74
C LYS A 376 33.00 -8.47 51.28
N HIS A 377 34.15 -7.78 51.27
CA HIS A 377 35.53 -8.35 51.36
C HIS A 377 36.50 -7.24 51.82
N LYS B 4 32.87 6.53 39.90
CA LYS B 4 32.96 7.31 38.62
C LYS B 4 31.58 7.41 37.97
N LYS B 5 30.94 8.58 38.07
CA LYS B 5 29.55 8.86 37.62
C LYS B 5 29.55 9.28 36.13
N ILE B 6 29.22 8.35 35.22
CA ILE B 6 29.20 8.58 33.74
C ILE B 6 27.75 8.60 33.24
N ILE B 7 27.29 9.76 32.74
CA ILE B 7 25.94 10.00 32.13
C ILE B 7 26.13 10.11 30.61
N THR B 8 25.22 9.53 29.81
CA THR B 8 25.33 9.42 28.34
C THR B 8 24.03 9.90 27.68
N SER B 9 24.14 10.66 26.58
CA SER B 9 23.03 11.09 25.70
C SER B 9 23.38 10.80 24.26
N GLU B 10 22.37 10.69 23.39
CA GLU B 10 22.56 10.45 21.93
C GLU B 10 21.75 11.48 21.14
N SER B 11 22.08 11.61 19.85
CA SER B 11 21.30 12.35 18.83
C SER B 11 21.37 11.59 17.50
N VAL B 12 20.51 11.95 16.54
CA VAL B 12 20.47 11.30 15.19
C VAL B 12 20.34 12.42 14.16
N GLY B 13 20.93 12.23 12.98
CA GLY B 13 20.97 13.25 11.90
C GLY B 13 19.67 13.25 11.12
N ALA B 14 19.53 14.18 10.17
CA ALA B 14 18.28 14.43 9.41
C ALA B 14 17.95 13.22 8.54
N GLY B 15 18.96 12.40 8.18
CA GLY B 15 18.82 11.22 7.31
C GLY B 15 18.48 9.95 8.09
N HIS B 16 18.33 10.03 9.40
CA HIS B 16 17.92 8.88 10.23
C HIS B 16 16.46 8.57 9.92
N PRO B 17 16.10 7.28 9.71
CA PRO B 17 14.75 6.91 9.33
C PRO B 17 13.66 7.51 10.24
N ASP B 18 13.77 7.33 11.56
CA ASP B 18 12.79 7.87 12.54
C ASP B 18 12.70 9.39 12.36
N LYS B 19 13.83 10.06 12.11
CA LYS B 19 13.87 11.54 12.07
C LYS B 19 13.36 12.05 10.71
N ILE B 20 13.51 11.26 9.64
CA ILE B 20 12.79 11.50 8.36
C ILE B 20 11.29 11.59 8.68
N CYS B 21 10.75 10.61 9.41
CA CYS B 21 9.32 10.53 9.76
C CYS B 21 8.90 11.74 10.60
N ASP B 22 9.65 12.08 11.64
CA ASP B 22 9.34 13.25 12.53
C ASP B 22 9.30 14.52 11.67
N GLN B 23 10.29 14.72 10.79
CA GLN B 23 10.36 15.87 9.85
C GLN B 23 9.11 15.91 8.95
N ILE B 24 8.73 14.78 8.34
CA ILE B 24 7.55 14.77 7.42
C ILE B 24 6.28 15.11 8.22
N SER B 25 6.18 14.61 9.45
CA SER B 25 4.99 14.81 10.33
C SER B 25 4.85 16.30 10.66
N ASP B 26 5.94 16.98 11.02
CA ASP B 26 5.91 18.41 11.41
C ASP B 26 5.79 19.30 10.16
N ALA B 27 6.36 18.86 9.03
CA ALA B 27 6.27 19.60 7.74
C ALA B 27 4.80 19.70 7.32
N ILE B 28 4.06 18.60 7.48
CA ILE B 28 2.60 18.52 7.16
C ILE B 28 1.84 19.40 8.16
N LEU B 29 2.20 19.33 9.45
CA LEU B 29 1.62 20.20 10.51
C LEU B 29 1.80 21.66 10.09
N ASP B 30 3.04 22.07 9.83
CA ASP B 30 3.42 23.45 9.43
C ASP B 30 2.59 23.89 8.22
N GLU B 31 2.40 23.00 7.24
CA GLU B 31 1.67 23.33 5.98
C GLU B 31 0.18 23.59 6.31
N CYS B 32 -0.35 22.90 7.32
CA CYS B 32 -1.76 23.02 7.77
C CYS B 32 -1.97 24.33 8.53
N LEU B 33 -1.12 24.61 9.53
CA LEU B 33 -1.19 25.82 10.39
C LEU B 33 -1.05 27.08 9.54
N SER B 34 -0.24 27.04 8.48
CA SER B 34 0.00 28.19 7.58
C SER B 34 -1.33 28.70 7.01
N GLN B 35 -2.23 27.80 6.63
CA GLN B 35 -3.53 28.12 5.99
C GLN B 35 -4.63 28.24 7.05
N ASP B 36 -4.72 27.29 7.98
CA ASP B 36 -5.77 27.21 9.03
C ASP B 36 -5.09 27.06 10.39
N GLN B 37 -5.17 28.08 11.26
CA GLN B 37 -4.58 28.06 12.62
C GLN B 37 -5.48 27.26 13.57
N ASN B 38 -6.72 26.98 13.15
CA ASN B 38 -7.76 26.25 13.95
C ASN B 38 -7.78 24.76 13.56
N SER B 39 -6.74 24.27 12.88
CA SER B 39 -6.71 22.90 12.31
C SER B 39 -6.14 21.89 13.33
N ARG B 40 -6.75 20.70 13.36
CA ARG B 40 -6.42 19.57 14.25
C ARG B 40 -5.60 18.56 13.44
N VAL B 41 -4.40 18.19 13.89
CA VAL B 41 -3.41 17.38 13.12
C VAL B 41 -2.76 16.35 14.05
N ALA B 42 -2.87 15.07 13.72
CA ALA B 42 -2.22 13.95 14.44
C ALA B 42 -1.57 13.03 13.39
N CYS B 43 -0.45 13.48 12.82
CA CYS B 43 0.17 12.87 11.62
C CYS B 43 1.27 11.90 12.00
N GLU B 44 1.10 10.63 11.64
CA GLU B 44 2.11 9.56 11.86
C GLU B 44 2.66 9.12 10.49
N VAL B 45 3.93 8.72 10.44
CA VAL B 45 4.63 8.33 9.18
C VAL B 45 5.43 7.06 9.44
N LEU B 46 5.28 6.06 8.57
CA LEU B 46 6.11 4.84 8.50
C LEU B 46 7.02 4.97 7.26
N ALA B 47 8.32 4.75 7.42
CA ALA B 47 9.30 4.64 6.32
C ALA B 47 9.97 3.27 6.42
N CYS B 48 9.57 2.34 5.56
CA CYS B 48 10.08 0.94 5.57
CA CYS B 48 10.09 0.95 5.57
C CYS B 48 10.62 0.60 4.17
N ASN B 49 11.92 0.37 4.06
CA ASN B 49 12.62 0.01 2.82
C ASN B 49 12.41 1.15 1.82
N ARG B 50 11.58 0.96 0.78
CA ARG B 50 11.32 2.03 -0.21
C ARG B 50 9.84 2.46 -0.19
N LEU B 51 9.11 2.10 0.86
CA LEU B 51 7.69 2.48 1.07
C LEU B 51 7.61 3.47 2.23
N ILE B 52 7.01 4.63 1.98
CA ILE B 52 6.68 5.63 3.04
C ILE B 52 5.15 5.79 3.07
N VAL B 53 4.55 5.45 4.20
CA VAL B 53 3.08 5.56 4.43
C VAL B 53 2.85 6.75 5.35
N ILE B 54 2.10 7.74 4.88
CA ILE B 54 1.70 8.92 5.70
C ILE B 54 0.28 8.66 6.17
N ALA B 55 0.03 8.76 7.46
CA ALA B 55 -1.25 8.40 8.10
C ALA B 55 -1.55 9.33 9.28
N GLY B 56 -2.67 9.08 9.94
CA GLY B 56 -3.16 9.91 11.05
C GLY B 56 -4.42 10.64 10.66
N GLU B 57 -4.85 11.52 11.57
CA GLU B 57 -6.14 12.27 11.51
C GLU B 57 -5.78 13.74 11.30
N ILE B 58 -6.51 14.41 10.41
CA ILE B 58 -6.37 15.86 10.10
C ILE B 58 -7.77 16.41 9.83
N THR B 59 -8.19 17.43 10.56
CA THR B 59 -9.37 18.28 10.26
C THR B 59 -8.85 19.70 10.03
N THR B 60 -9.16 20.29 8.89
CA THR B 60 -8.51 21.55 8.40
C THR B 60 -9.23 22.05 7.17
N HIS B 61 -9.24 23.38 6.97
CA HIS B 61 -9.72 24.06 5.74
C HIS B 61 -8.57 24.18 4.74
N ALA B 62 -7.36 23.82 5.16
CA ALA B 62 -6.10 23.92 4.38
C ALA B 62 -6.09 22.91 3.24
N TYR B 63 -5.59 23.30 2.06
CA TYR B 63 -5.24 22.41 0.93
C TYR B 63 -3.81 21.89 1.15
N VAL B 64 -3.64 20.59 1.40
CA VAL B 64 -2.30 19.99 1.67
C VAL B 64 -2.09 18.74 0.81
N ASP B 65 -1.09 18.76 -0.06
CA ASP B 65 -0.57 17.55 -0.74
C ASP B 65 0.48 16.93 0.18
N VAL B 66 0.01 16.03 1.05
CA VAL B 66 0.82 15.30 2.05
C VAL B 66 2.04 14.65 1.37
N VAL B 67 1.83 14.04 0.19
CA VAL B 67 2.89 13.33 -0.56
C VAL B 67 3.92 14.35 -1.06
N LYS B 68 3.49 15.43 -1.70
CA LYS B 68 4.38 16.50 -2.21
C LYS B 68 5.30 16.96 -1.06
N THR B 69 4.72 17.19 0.12
CA THR B 69 5.43 17.74 1.31
C THR B 69 6.50 16.76 1.76
N ALA B 70 6.20 15.45 1.77
CA ALA B 70 7.15 14.39 2.14
C ALA B 70 8.39 14.46 1.24
N TRP B 71 8.20 14.64 -0.07
CA TRP B 71 9.30 14.70 -1.06
C TRP B 71 10.23 15.90 -0.78
N GLU B 72 9.68 16.99 -0.25
CA GLU B 72 10.45 18.24 0.03
C GLU B 72 11.41 18.00 1.21
N ILE B 73 11.04 17.11 2.13
CA ILE B 73 11.90 16.69 3.29
C ILE B 73 12.99 15.72 2.79
N ILE B 74 12.69 14.96 1.75
CA ILE B 74 13.43 13.71 1.38
C ILE B 74 14.51 14.02 0.33
N LYS B 75 14.25 14.94 -0.60
CA LYS B 75 15.18 15.25 -1.72
C LYS B 75 16.48 15.86 -1.17
N PRO B 76 16.42 16.82 -0.22
CA PRO B 76 17.64 17.33 0.42
C PRO B 76 18.59 16.30 1.05
N LEU B 77 18.13 15.07 1.30
CA LEU B 77 18.87 14.06 2.10
C LEU B 77 19.71 13.15 1.18
N GLY B 78 19.67 13.38 -0.13
CA GLY B 78 20.21 12.46 -1.15
C GLY B 78 19.18 12.07 -2.18
N TYR B 79 17.96 11.70 -1.78
CA TYR B 79 17.07 10.79 -2.54
C TYR B 79 16.40 11.56 -3.69
N ASP B 80 15.91 10.83 -4.70
CA ASP B 80 15.15 11.41 -5.84
C ASP B 80 13.82 10.65 -6.00
N GLU B 81 13.06 11.00 -7.03
CA GLU B 81 11.68 10.48 -7.29
C GLU B 81 11.71 8.96 -7.53
N ASN B 82 12.87 8.39 -7.85
CA ASN B 82 13.05 6.94 -8.17
C ASN B 82 13.29 6.11 -6.90
N ASP B 83 13.53 6.74 -5.74
CA ASP B 83 14.06 6.04 -4.54
C ASP B 83 12.93 5.47 -3.66
N PHE B 84 11.73 6.06 -3.72
CA PHE B 84 10.60 5.70 -2.82
C PHE B 84 9.26 5.70 -3.56
N THR B 85 8.36 4.85 -3.09
CA THR B 85 6.89 4.99 -3.20
C THR B 85 6.40 5.70 -1.95
N ILE B 86 5.54 6.71 -2.07
CA ILE B 86 5.04 7.54 -0.95
C ILE B 86 3.51 7.62 -1.03
N ILE B 87 2.81 6.86 -0.18
CA ILE B 87 1.31 6.76 -0.19
C ILE B 87 0.77 7.36 1.11
N SER B 88 -0.44 7.92 1.03
CA SER B 88 -1.15 8.57 2.16
C SER B 88 -2.39 7.76 2.49
N ASN B 89 -2.63 7.50 3.77
CA ASN B 89 -3.91 6.96 4.28
C ASN B 89 -4.49 7.93 5.31
N VAL B 90 -4.03 9.18 5.28
CA VAL B 90 -4.45 10.26 6.22
C VAL B 90 -5.97 10.40 6.12
N ASN B 91 -6.66 10.28 7.26
CA ASN B 91 -8.12 10.52 7.36
C ASN B 91 -8.32 12.04 7.47
N LYS B 92 -9.09 12.64 6.56
CA LYS B 92 -9.25 14.12 6.42
C LYS B 92 -10.74 14.48 6.60
N GLN B 93 -11.03 15.65 7.22
CA GLN B 93 -12.39 16.23 7.42
C GLN B 93 -12.31 17.77 7.38
N SER B 94 -13.46 18.45 7.47
CA SER B 94 -13.59 19.94 7.58
C SER B 94 -14.42 20.33 8.81
N VAL B 95 -14.10 21.48 9.43
CA VAL B 95 -14.40 21.83 10.86
C VAL B 95 -15.91 21.90 11.13
N ASN B 107 -17.87 26.59 25.92
CA ASN B 107 -16.79 26.58 26.94
C ASN B 107 -15.42 26.69 26.24
N LEU B 108 -14.33 26.76 27.02
CA LEU B 108 -12.94 26.90 26.53
C LEU B 108 -12.25 25.53 26.53
N ILE B 109 -11.13 25.42 25.81
CA ILE B 109 -10.56 24.16 25.25
C ILE B 109 -10.08 23.26 26.39
N GLY B 110 -10.50 21.99 26.36
CA GLY B 110 -10.04 20.93 27.29
C GLY B 110 -8.85 20.17 26.73
N ALA B 111 -8.12 19.44 27.59
CA ALA B 111 -6.91 18.67 27.24
C ALA B 111 -7.24 17.69 26.10
N GLY B 112 -6.38 17.66 25.07
CA GLY B 112 -6.49 16.77 23.90
C GLY B 112 -6.51 15.30 24.30
N ASP B 113 -5.76 14.93 25.33
CA ASP B 113 -5.74 13.57 25.91
C ASP B 113 -5.48 13.66 27.43
N GLN B 114 -5.59 12.53 28.14
CA GLN B 114 -4.93 12.34 29.45
C GLN B 114 -3.43 12.30 29.17
N GLY B 115 -2.59 12.41 30.19
CA GLY B 115 -1.15 12.19 30.05
C GLY B 115 -0.34 12.91 31.11
N ILE B 116 0.97 12.60 31.13
CA ILE B 116 2.00 13.23 32.00
C ILE B 116 3.11 13.79 31.09
N VAL B 117 3.48 15.04 31.30
CA VAL B 117 4.60 15.72 30.57
C VAL B 117 5.59 16.21 31.62
N PHE B 118 6.87 16.21 31.26
CA PHE B 118 8.01 16.66 32.09
C PHE B 118 8.67 17.85 31.40
N GLY B 119 8.92 18.91 32.16
CA GLY B 119 9.82 20.02 31.79
C GLY B 119 11.07 20.04 32.65
N TYR B 120 12.22 20.15 32.01
CA TYR B 120 13.56 20.14 32.67
C TYR B 120 14.36 21.37 32.22
N ALA B 121 15.22 21.87 33.11
CA ALA B 121 16.27 22.87 32.82
C ALA B 121 17.42 22.65 33.80
N CYS B 122 18.63 23.07 33.43
CA CYS B 122 19.81 23.18 34.32
C CYS B 122 20.75 24.29 33.83
N ASP B 123 21.74 24.66 34.64
CA ASP B 123 22.65 25.81 34.38
C ASP B 123 24.00 25.30 33.80
N GLU B 124 24.08 24.04 33.40
CA GLU B 124 25.30 23.38 32.83
C GLU B 124 25.69 24.01 31.49
N THR B 125 24.74 24.56 30.74
CA THR B 125 24.99 25.17 29.40
C THR B 125 24.22 26.48 29.26
N PRO B 126 24.66 27.39 28.35
CA PRO B 126 23.87 28.55 27.93
C PRO B 126 22.44 28.21 27.47
N GLN B 127 22.27 27.03 26.89
CA GLN B 127 20.96 26.53 26.39
C GLN B 127 20.08 26.09 27.58
N TYR B 128 20.64 26.04 28.80
CA TYR B 128 19.98 25.52 30.01
C TYR B 128 19.58 24.06 29.78
N MET B 129 20.51 23.27 29.23
CA MET B 129 20.30 21.84 28.83
C MET B 129 21.48 21.00 29.27
N PRO B 130 21.29 19.69 29.58
CA PRO B 130 22.39 18.82 29.95
C PRO B 130 23.50 18.82 28.89
N LEU B 131 24.77 18.86 29.34
CA LEU B 131 25.97 18.97 28.47
C LEU B 131 25.95 17.87 27.42
N THR B 132 25.62 16.63 27.81
CA THR B 132 25.67 15.41 26.97
C THR B 132 24.74 15.57 25.76
N SER B 133 23.53 16.09 25.98
CA SER B 133 22.51 16.41 24.94
C SER B 133 23.07 17.46 23.97
N VAL B 134 23.48 18.62 24.50
CA VAL B 134 23.96 19.76 23.66
C VAL B 134 25.09 19.26 22.76
N LEU B 135 26.11 18.59 23.33
CA LEU B 135 27.30 18.08 22.60
C LEU B 135 26.91 17.04 21.54
N ALA B 136 25.97 16.13 21.84
CA ALA B 136 25.51 15.08 20.93
C ALA B 136 24.85 15.72 19.69
N HIS B 137 23.98 16.73 19.89
CA HIS B 137 23.29 17.48 18.81
C HIS B 137 24.31 18.29 18.01
N GLU B 138 25.08 19.15 18.67
CA GLU B 138 26.06 20.08 18.04
C GLU B 138 27.05 19.29 17.16
N LEU B 139 27.39 18.06 17.55
CA LEU B 139 28.31 17.17 16.81
C LEU B 139 27.68 16.80 15.46
N LEU B 140 26.47 16.24 15.47
CA LEU B 140 25.72 15.87 14.24
C LEU B 140 25.33 17.13 13.47
N LYS B 141 25.03 18.22 14.17
CA LYS B 141 24.55 19.49 13.53
C LYS B 141 25.70 20.07 12.70
N GLU B 142 26.94 19.92 13.17
CA GLU B 142 28.17 20.42 12.48
C GLU B 142 28.52 19.48 11.32
N ILE B 143 28.37 18.16 11.51
CA ILE B 143 28.68 17.15 10.46
C ILE B 143 27.70 17.35 9.30
N GLU B 144 26.41 17.56 9.57
CA GLU B 144 25.37 17.77 8.53
C GLU B 144 25.65 19.06 7.77
N ARG B 145 26.13 20.10 8.46
CA ARG B 145 26.43 21.42 7.83
C ARG B 145 27.52 21.23 6.77
N GLN B 146 28.57 20.48 7.12
CA GLN B 146 29.76 20.24 6.27
C GLN B 146 29.37 19.33 5.08
N ARG B 147 28.38 18.45 5.24
CA ARG B 147 27.93 17.54 4.15
C ARG B 147 27.25 18.36 3.05
N ARG B 148 26.35 19.27 3.43
CA ARG B 148 25.58 20.14 2.50
C ARG B 148 26.53 21.12 1.79
N SER B 149 27.56 21.61 2.49
CA SER B 149 28.55 22.61 2.00
C SER B 149 29.74 21.92 1.32
N LYS B 150 29.82 20.58 1.38
CA LYS B 150 30.84 19.72 0.71
C LYS B 150 32.22 19.91 1.33
N GLU B 151 32.31 20.47 2.55
CA GLU B 151 33.57 20.56 3.34
C GLU B 151 33.95 19.16 3.87
N PHE B 152 32.97 18.26 3.99
CA PHE B 152 33.11 16.82 4.35
C PHE B 152 32.38 16.00 3.29
N ILE B 153 33.14 15.37 2.39
CA ILE B 153 32.63 14.71 1.16
C ILE B 153 32.42 13.23 1.45
N LYS B 154 31.76 12.51 0.54
CA LYS B 154 31.61 11.04 0.54
C LYS B 154 30.96 10.54 1.83
N ILE B 155 30.03 11.34 2.38
CA ILE B 155 29.16 10.94 3.52
C ILE B 155 27.72 11.27 3.16
N GLN B 156 26.77 10.49 3.70
CA GLN B 156 25.30 10.66 3.50
C GLN B 156 24.67 11.15 4.81
N ALA B 157 23.39 11.49 4.78
CA ALA B 157 22.64 12.24 5.82
C ALA B 157 22.39 11.39 7.08
N ASP B 158 22.20 10.08 6.94
CA ASP B 158 21.93 9.14 8.06
C ASP B 158 23.18 9.05 8.93
N MET B 159 23.04 9.25 10.25
CA MET B 159 24.17 9.27 11.22
C MET B 159 23.66 9.43 12.66
N LYS B 160 24.44 8.94 13.63
CA LYS B 160 24.10 8.98 15.08
C LYS B 160 25.31 9.42 15.89
N SER B 161 25.06 10.08 17.03
CA SER B 161 26.09 10.48 18.03
C SER B 161 25.71 9.93 19.41
N GLN B 162 26.72 9.59 20.21
CA GLN B 162 26.58 9.27 21.65
C GLN B 162 27.75 9.93 22.38
N VAL B 163 27.44 10.80 23.35
CA VAL B 163 28.45 11.54 24.16
C VAL B 163 28.25 11.13 25.62
N SER B 164 29.28 10.50 26.19
CA SER B 164 29.35 10.11 27.63
C SER B 164 30.23 11.13 28.37
N ILE B 165 29.70 11.70 29.46
CA ILE B 165 30.43 12.70 30.29
C ILE B 165 30.57 12.17 31.72
N ASP B 166 31.80 12.26 32.24
CA ASP B 166 32.19 11.83 33.61
C ASP B 166 31.96 13.01 34.56
N TYR B 167 30.96 12.90 35.44
CA TYR B 167 30.49 13.96 36.38
C TYR B 167 31.01 13.72 37.80
N SER B 168 32.08 12.93 37.97
CA SER B 168 32.65 12.57 39.30
C SER B 168 33.04 13.86 40.06
N ASN B 169 33.95 14.65 39.48
CA ASN B 169 34.42 15.96 40.03
C ASN B 169 33.51 17.06 39.48
N SER B 170 33.57 18.27 40.07
CA SER B 170 32.60 19.38 39.87
C SER B 170 32.78 20.03 38.50
N THR B 171 34.00 19.95 37.91
CA THR B 171 34.28 20.34 36.51
C THR B 171 34.07 19.12 35.63
N PRO B 172 33.07 19.14 34.71
CA PRO B 172 32.73 17.95 33.93
C PRO B 172 33.82 17.61 32.90
N LEU B 173 33.90 16.33 32.55
CA LEU B 173 35.00 15.71 31.76
C LEU B 173 34.39 14.79 30.70
N ILE B 174 34.77 14.94 29.43
CA ILE B 174 34.31 14.04 28.33
C ILE B 174 35.00 12.69 28.52
N GLU B 175 34.21 11.62 28.66
CA GLU B 175 34.67 10.22 28.82
C GLU B 175 34.83 9.61 27.42
N THR B 176 33.77 9.66 26.59
CA THR B 176 33.70 9.04 25.24
C THR B 176 32.81 9.90 24.32
N MET B 177 33.27 10.08 23.07
CA MET B 177 32.44 10.57 21.94
C MET B 177 32.34 9.44 20.91
N LEU B 178 31.11 9.07 20.56
CA LEU B 178 30.79 8.03 19.55
C LEU B 178 30.08 8.70 18.37
N VAL B 179 30.43 8.28 17.15
CA VAL B 179 29.75 8.75 15.91
C VAL B 179 29.68 7.58 14.95
N SER B 180 28.49 7.32 14.40
CA SER B 180 28.25 6.48 13.19
C SER B 180 27.73 7.38 12.08
N ILE B 181 28.43 7.43 10.95
CA ILE B 181 27.99 8.19 9.75
C ILE B 181 27.91 7.23 8.57
N GLN B 182 26.77 7.18 7.88
CA GLN B 182 26.60 6.52 6.56
C GLN B 182 27.58 7.18 5.58
N HIS B 183 28.35 6.37 4.85
CA HIS B 183 29.41 6.83 3.91
C HIS B 183 29.20 6.17 2.55
N ASP B 184 29.89 6.69 1.53
CA ASP B 184 29.92 6.12 0.16
C ASP B 184 30.79 4.85 0.16
N GLU B 185 30.66 4.03 -0.88
CA GLU B 185 31.47 2.81 -1.12
C GLU B 185 32.96 3.19 -1.15
N ASP B 186 33.29 4.29 -1.82
CA ASP B 186 34.67 4.66 -2.22
C ASP B 186 35.25 5.72 -1.26
N TYR B 187 34.88 5.69 0.03
CA TYR B 187 35.42 6.64 1.04
C TYR B 187 36.87 6.29 1.35
N ASP B 188 37.66 7.30 1.74
CA ASP B 188 39.02 7.14 2.30
C ASP B 188 38.89 7.17 3.82
N VAL B 189 39.17 6.05 4.49
CA VAL B 189 39.00 5.86 5.96
C VAL B 189 39.90 6.85 6.70
N GLU B 190 41.15 7.02 6.25
CA GLU B 190 42.10 8.05 6.78
C GLU B 190 41.39 9.41 6.84
N TYR B 191 40.89 9.86 5.68
CA TYR B 191 40.22 11.16 5.51
C TYR B 191 39.02 11.23 6.45
N PHE B 192 38.19 10.19 6.41
CA PHE B 192 36.94 10.07 7.21
C PHE B 192 37.27 10.26 8.70
N ASN B 193 38.17 9.43 9.24
CA ASN B 193 38.51 9.40 10.70
C ASN B 193 39.15 10.74 11.12
N LYS B 194 40.02 11.32 10.29
CA LYS B 194 40.65 12.65 10.55
C LYS B 194 39.53 13.71 10.69
N LYS B 195 38.62 13.76 9.72
CA LYS B 195 37.52 14.77 9.65
C LYS B 195 36.66 14.68 10.90
N VAL B 196 36.26 13.46 11.30
CA VAL B 196 35.41 13.19 12.49
C VAL B 196 36.17 13.59 13.75
N SER B 197 37.44 13.15 13.88
CA SER B 197 38.31 13.46 15.04
C SER B 197 38.40 14.97 15.23
N ALA B 198 38.50 15.73 14.13
CA ALA B 198 38.70 17.20 14.15
C ALA B 198 37.41 17.88 14.59
N ILE B 199 36.26 17.41 14.09
CA ILE B 199 34.92 17.95 14.45
C ILE B 199 34.68 17.68 15.93
N MET B 200 35.02 16.47 16.40
CA MET B 200 34.85 16.07 17.82
C MET B 200 35.62 17.03 18.74
N GLU B 201 36.85 17.41 18.37
CA GLU B 201 37.73 18.27 19.21
C GLU B 201 37.23 19.73 19.15
N GLN B 202 36.93 20.23 17.96
CA GLN B 202 36.43 21.62 17.75
C GLN B 202 35.16 21.82 18.60
N ILE B 203 34.30 20.80 18.74
CA ILE B 203 33.07 20.82 19.58
C ILE B 203 33.45 20.81 21.07
N ALA B 204 34.34 19.91 21.49
CA ALA B 204 34.84 19.83 22.89
C ALA B 204 35.42 21.19 23.31
N LYS B 205 36.22 21.81 22.45
CA LYS B 205 36.93 23.08 22.73
C LYS B 205 35.92 24.24 22.78
N LYS B 206 34.80 24.13 22.07
CA LYS B 206 33.72 25.16 22.07
C LYS B 206 33.17 25.33 23.49
N TYR B 207 32.97 24.23 24.22
CA TYR B 207 32.46 24.21 25.62
C TYR B 207 33.66 24.10 26.58
N ASN B 208 34.81 24.66 26.18
CA ASN B 208 36.16 24.46 26.78
C ASN B 208 36.15 23.23 27.70
N LEU B 209 36.08 22.04 27.10
CA LEU B 209 36.24 20.73 27.79
C LEU B 209 37.56 20.09 27.38
N ASN B 210 38.04 19.13 28.18
CA ASN B 210 39.20 18.25 27.87
C ASN B 210 39.08 17.75 26.42
N THR B 211 40.20 17.39 25.80
CA THR B 211 40.31 17.08 24.36
C THR B 211 40.86 15.66 24.15
N ASN B 212 41.14 14.94 25.24
CA ASN B 212 41.91 13.66 25.25
C ASN B 212 40.97 12.45 25.32
N PHE B 213 39.66 12.70 25.38
CA PHE B 213 38.58 11.67 25.48
C PHE B 213 38.73 10.57 24.43
N LYS B 214 38.10 9.43 24.68
CA LYS B 214 38.07 8.24 23.78
C LYS B 214 37.15 8.52 22.58
N LYS B 215 37.59 8.19 21.37
CA LYS B 215 36.85 8.44 20.10
C LYS B 215 36.43 7.10 19.48
N ILE B 216 35.13 6.87 19.30
CA ILE B 216 34.56 5.65 18.66
C ILE B 216 33.88 6.04 17.35
N ILE B 217 34.54 5.79 16.22
CA ILE B 217 34.12 6.26 14.85
C ILE B 217 33.77 5.04 13.97
N ASN B 218 32.49 4.90 13.61
CA ASN B 218 31.96 3.81 12.76
C ASN B 218 32.41 2.45 13.32
N SER B 219 31.94 2.15 14.55
CA SER B 219 32.25 0.92 15.33
C SER B 219 31.73 -0.34 14.61
N SER B 220 30.68 -0.21 13.80
CA SER B 220 30.10 -1.29 12.96
C SER B 220 31.09 -1.72 11.86
N GLY B 221 31.88 -0.76 11.35
CA GLY B 221 32.95 -1.01 10.37
C GLY B 221 32.48 -1.00 8.92
N ARG B 222 31.18 -0.87 8.68
CA ARG B 222 30.59 -0.66 7.32
C ARG B 222 29.19 -0.07 7.50
N PHE B 223 28.92 1.05 6.85
CA PHE B 223 27.63 1.79 6.93
C PHE B 223 27.42 2.50 5.59
N VAL B 224 26.99 1.73 4.58
CA VAL B 224 26.66 2.23 3.20
C VAL B 224 25.14 2.20 3.04
N ILE B 225 24.50 1.09 3.42
CA ILE B 225 23.02 0.91 3.48
C ILE B 225 22.51 1.65 4.72
N GLY B 226 21.87 2.81 4.51
CA GLY B 226 21.28 3.63 5.59
C GLY B 226 19.86 4.02 5.24
N GLY B 227 19.38 5.14 5.77
CA GLY B 227 17.99 5.61 5.61
C GLY B 227 17.01 4.51 5.99
N PRO B 228 15.79 4.51 5.39
CA PRO B 228 14.83 3.44 5.61
C PRO B 228 15.21 2.13 4.93
N ILE B 229 16.26 2.12 4.10
CA ILE B 229 16.79 0.85 3.51
C ILE B 229 17.63 0.19 4.61
N GLY B 230 17.14 -0.89 5.23
CA GLY B 230 17.96 -1.67 6.17
C GLY B 230 17.93 -1.13 7.60
N ASP B 231 17.24 -0.01 7.82
CA ASP B 231 16.42 0.23 9.04
C ASP B 231 14.97 0.49 8.65
N THR B 232 14.12 0.80 9.63
CA THR B 232 12.70 1.21 9.45
C THR B 232 12.46 2.40 10.36
N GLY B 233 11.56 3.30 10.01
CA GLY B 233 11.40 4.57 10.74
C GLY B 233 9.95 4.88 10.99
N LEU B 234 9.60 5.27 12.23
CA LEU B 234 8.25 5.74 12.58
C LEU B 234 8.34 7.10 13.25
N THR B 235 7.31 7.91 13.11
CA THR B 235 7.10 9.15 13.91
C THR B 235 7.16 8.78 15.39
N GLY B 236 7.95 9.53 16.17
CA GLY B 236 7.88 9.55 17.65
C GLY B 236 8.55 8.36 18.29
N ARG B 237 9.62 7.86 17.68
CA ARG B 237 10.50 6.79 18.24
C ARG B 237 11.83 7.39 18.67
N LYS B 238 11.95 8.72 18.69
CA LYS B 238 13.16 9.43 19.20
C LYS B 238 12.75 10.49 20.23
N ILE B 239 11.85 10.12 21.16
CA ILE B 239 11.18 11.06 22.12
C ILE B 239 12.20 11.48 23.20
N ILE B 240 13.23 10.67 23.47
CA ILE B 240 14.25 10.98 24.51
C ILE B 240 15.32 11.87 23.88
N VAL B 241 15.55 11.70 22.58
CA VAL B 241 16.50 12.52 21.78
C VAL B 241 15.83 13.87 21.46
N ASP B 242 14.50 13.93 21.45
CA ASP B 242 13.71 15.17 21.23
C ASP B 242 13.72 16.05 22.48
N THR B 243 13.97 15.46 23.65
CA THR B 243 13.76 16.10 24.99
C THR B 243 15.12 16.27 25.68
N TYR B 244 15.40 15.51 26.75
CA TYR B 244 16.55 15.77 27.67
C TYR B 244 17.52 14.57 27.67
N GLY B 245 17.54 13.77 26.61
CA GLY B 245 18.50 12.67 26.40
C GLY B 245 18.74 11.82 27.64
N GLY B 246 17.72 11.55 28.46
CA GLY B 246 17.79 10.64 29.63
C GLY B 246 18.00 11.29 31.00
N VAL B 247 18.49 12.54 31.07
CA VAL B 247 18.78 13.26 32.35
C VAL B 247 17.46 13.58 33.05
N GLY B 248 16.40 13.82 32.26
CA GLY B 248 15.03 14.12 32.75
C GLY B 248 14.14 12.90 32.68
N HIS B 249 12.91 13.01 33.19
CA HIS B 249 11.86 11.96 33.07
C HIS B 249 11.02 12.29 31.83
N HIS B 250 10.28 11.30 31.34
CA HIS B 250 9.38 11.45 30.17
C HIS B 250 8.06 10.72 30.48
N GLY B 251 6.95 11.25 29.98
CA GLY B 251 5.59 10.73 30.21
C GLY B 251 5.16 9.73 29.15
N GLY B 252 5.76 9.79 27.95
CA GLY B 252 5.63 8.79 26.88
C GLY B 252 5.17 9.39 25.56
N GLY B 253 4.61 10.60 25.57
CA GLY B 253 4.06 11.27 24.38
C GLY B 253 5.14 11.78 23.43
N ALA B 254 4.98 11.53 22.13
CA ALA B 254 5.83 12.08 21.06
C ALA B 254 5.23 13.41 20.59
N PHE B 255 6.05 14.28 20.00
CA PHE B 255 5.68 15.69 19.67
C PHE B 255 5.30 15.82 18.20
N SER B 256 6.12 15.31 17.29
CA SER B 256 6.02 15.59 15.83
C SER B 256 4.64 15.18 15.31
N GLY B 257 4.04 16.06 14.50
CA GLY B 257 2.79 15.77 13.78
C GLY B 257 1.55 16.14 14.58
N LYS B 258 1.73 16.70 15.77
CA LYS B 258 0.61 17.01 16.71
C LYS B 258 0.45 18.53 16.82
N ASP B 259 -0.77 19.03 16.67
CA ASP B 259 -1.11 20.47 16.79
C ASP B 259 -1.10 20.86 18.28
N PRO B 260 -1.14 22.16 18.62
CA PRO B 260 -1.14 22.61 20.02
C PRO B 260 -2.23 22.08 20.97
N THR B 261 -3.39 21.62 20.48
CA THR B 261 -4.49 21.11 21.35
C THR B 261 -4.09 19.76 21.98
N LYS B 262 -3.05 19.10 21.47
CA LYS B 262 -2.47 17.88 22.10
C LYS B 262 -1.53 18.35 23.22
N VAL B 263 -1.99 18.31 24.48
CA VAL B 263 -1.23 18.76 25.68
C VAL B 263 0.15 18.06 25.70
N ASP B 264 0.20 16.77 25.38
CA ASP B 264 1.45 15.99 25.18
C ASP B 264 2.57 16.93 24.73
N ARG B 265 2.29 17.75 23.71
CA ARG B 265 3.27 18.68 23.11
C ARG B 265 3.24 20.01 23.87
N SER B 266 2.13 20.76 23.82
CA SER B 266 2.07 22.19 24.22
C SER B 266 2.38 22.34 25.71
N ALA B 267 1.91 21.40 26.54
CA ALA B 267 2.17 21.36 28.00
C ALA B 267 3.65 21.03 28.25
N SER B 268 4.25 20.13 27.48
CA SER B 268 5.70 19.79 27.57
C SER B 268 6.52 21.06 27.34
N TYR B 269 6.18 21.82 26.31
CA TYR B 269 6.80 23.13 25.96
C TYR B 269 6.57 24.14 27.11
N PHE B 270 5.34 24.21 27.61
CA PHE B 270 4.93 25.08 28.74
C PHE B 270 5.78 24.72 29.97
N ALA B 271 5.98 23.43 30.23
CA ALA B 271 6.79 22.87 31.34
C ALA B 271 8.28 23.24 31.16
N ARG B 272 8.81 23.15 29.94
CA ARG B 272 10.20 23.57 29.63
C ARG B 272 10.37 25.04 30.03
N TRP B 273 9.38 25.87 29.71
CA TRP B 273 9.35 27.35 29.88
C TRP B 273 9.42 27.72 31.36
N ILE B 274 8.70 27.01 32.22
CA ILE B 274 8.75 27.19 33.71
C ILE B 274 10.15 26.80 34.19
N ALA B 275 10.56 25.54 33.96
CA ALA B 275 11.87 24.98 34.38
C ALA B 275 12.99 25.95 34.03
N LYS B 276 13.07 26.35 32.75
CA LYS B 276 14.14 27.25 32.25
C LYS B 276 14.12 28.58 33.01
N ASN B 277 12.93 29.19 33.22
CA ASN B 277 12.80 30.51 33.87
C ASN B 277 13.12 30.39 35.37
N VAL B 278 12.83 29.23 35.97
CA VAL B 278 13.13 28.93 37.41
C VAL B 278 14.65 28.90 37.60
N VAL B 279 15.37 28.20 36.71
CA VAL B 279 16.87 28.10 36.80
C VAL B 279 17.51 29.44 36.40
N ALA B 280 16.97 30.13 35.38
CA ALA B 280 17.44 31.48 34.93
C ALA B 280 17.24 32.52 36.05
N ALA B 281 16.18 32.37 36.85
CA ALA B 281 15.85 33.23 38.01
C ALA B 281 16.82 32.96 39.16
N LYS B 282 17.65 31.91 39.04
CA LYS B 282 18.69 31.50 40.02
C LYS B 282 18.01 30.92 41.28
N LEU B 283 16.80 30.37 41.15
CA LEU B 283 16.06 29.73 42.26
C LEU B 283 16.56 28.29 42.45
N ALA B 284 17.24 27.72 41.45
CA ALA B 284 17.82 26.35 41.48
C ALA B 284 18.86 26.21 40.36
N LYS B 285 19.70 25.16 40.41
CA LYS B 285 20.67 24.83 39.32
C LYS B 285 20.02 23.86 38.31
N GLN B 286 19.15 22.97 38.81
CA GLN B 286 18.35 22.01 38.02
C GLN B 286 16.89 22.14 38.48
N CYS B 287 15.92 22.02 37.56
CA CYS B 287 14.47 22.07 37.87
C CYS B 287 13.71 21.15 36.92
N GLU B 288 12.97 20.18 37.48
CA GLU B 288 12.07 19.26 36.74
C GLU B 288 10.63 19.52 37.17
N ILE B 289 9.72 19.63 36.21
CA ILE B 289 8.27 19.94 36.44
C ILE B 289 7.44 18.83 35.79
N GLN B 290 6.72 18.07 36.61
CA GLN B 290 5.73 17.05 36.16
C GLN B 290 4.35 17.71 36.13
N LEU B 291 3.66 17.61 34.99
CA LEU B 291 2.24 18.05 34.82
C LEU B 291 1.42 16.85 34.32
N ALA B 292 0.27 16.61 34.95
CA ALA B 292 -0.70 15.54 34.61
C ALA B 292 -1.99 16.18 34.07
N PHE B 293 -2.65 15.51 33.14
CA PHE B 293 -3.86 16.03 32.43
C PHE B 293 -4.96 14.97 32.42
N ALA B 294 -6.21 15.45 32.40
CA ALA B 294 -7.45 14.66 32.20
C ALA B 294 -8.09 15.16 30.91
N ILE B 295 -8.53 14.25 30.03
CA ILE B 295 -9.18 14.57 28.73
C ILE B 295 -10.44 15.43 28.99
N GLY B 296 -10.47 16.64 28.43
CA GLY B 296 -11.64 17.54 28.46
C GLY B 296 -11.59 18.52 29.62
N GLN B 297 -10.52 18.51 30.42
CA GLN B 297 -10.31 19.43 31.58
C GLN B 297 -9.39 20.57 31.17
N PRO B 298 -9.72 21.84 31.49
CA PRO B 298 -9.02 22.99 30.94
C PRO B 298 -7.68 23.32 31.64
N GLN B 299 -7.43 22.74 32.82
CA GLN B 299 -6.22 22.97 33.63
C GLN B 299 -5.57 21.63 33.98
N PRO B 300 -4.25 21.60 34.25
CA PRO B 300 -3.58 20.39 34.74
C PRO B 300 -4.18 19.86 36.05
N VAL B 301 -4.32 18.53 36.16
CA VAL B 301 -4.98 17.82 37.29
C VAL B 301 -4.00 17.73 38.47
N ALA B 302 -2.70 17.53 38.19
CA ALA B 302 -1.60 17.50 39.19
C ALA B 302 -0.36 18.21 38.64
N MET B 303 0.44 18.80 39.54
CA MET B 303 1.76 19.42 39.25
C MET B 303 2.76 19.06 40.35
N TYR B 304 3.99 18.69 39.98
CA TYR B 304 5.11 18.30 40.88
C TYR B 304 6.39 19.04 40.45
N VAL B 305 7.09 19.64 41.42
CA VAL B 305 8.33 20.44 41.23
C VAL B 305 9.50 19.75 41.95
N ASN B 306 10.54 19.35 41.22
CA ASN B 306 11.75 18.69 41.77
C ASN B 306 12.98 19.54 41.42
N THR B 307 13.66 20.09 42.43
CA THR B 307 14.87 20.94 42.29
C THR B 307 16.13 20.14 42.66
N PHE B 308 16.01 18.84 42.94
CA PHE B 308 17.14 17.89 43.10
C PHE B 308 18.08 18.39 44.22
N ASN B 309 17.52 19.02 45.25
CA ASN B 309 18.26 19.59 46.43
C ASN B 309 19.33 20.58 45.95
N THR B 310 19.09 21.27 44.81
CA THR B 310 19.96 22.36 44.29
C THR B 310 19.22 23.70 44.40
N ASN B 311 18.04 23.72 45.02
CA ASN B 311 17.22 24.95 45.24
C ASN B 311 18.03 25.93 46.11
N LEU B 312 18.00 27.21 45.76
CA LEU B 312 18.72 28.31 46.45
C LEU B 312 17.73 29.21 47.21
N ILE B 313 16.42 28.92 47.11
CA ILE B 313 15.33 29.41 48.01
C ILE B 313 14.54 28.20 48.53
N ASP B 314 13.79 28.37 49.61
CA ASP B 314 12.86 27.36 50.19
C ASP B 314 12.06 26.71 49.06
N GLU B 315 11.96 25.38 49.05
CA GLU B 315 11.26 24.59 47.99
C GLU B 315 9.82 25.10 47.84
N THR B 316 9.14 25.32 48.96
CA THR B 316 7.70 25.67 49.04
C THR B 316 7.48 27.03 48.35
N LYS B 317 8.37 28.01 48.55
CA LYS B 317 8.25 29.38 47.99
C LYS B 317 8.41 29.35 46.46
N ILE B 318 9.11 28.35 45.92
CA ILE B 318 9.30 28.14 44.44
C ILE B 318 7.95 27.73 43.83
N PHE B 319 7.23 26.80 44.47
CA PHE B 319 5.88 26.34 44.05
C PHE B 319 4.91 27.53 43.98
N GLU B 320 4.93 28.40 44.99
CA GLU B 320 4.03 29.58 45.09
C GLU B 320 4.38 30.56 43.96
N ALA B 321 5.68 30.86 43.79
CA ALA B 321 6.20 31.83 42.79
C ALA B 321 5.71 31.42 41.39
N ILE B 322 5.76 30.13 41.08
CA ILE B 322 5.37 29.57 39.76
C ILE B 322 3.85 29.76 39.58
N LYS B 323 3.04 29.39 40.57
CA LYS B 323 1.55 29.51 40.53
C LYS B 323 1.17 30.98 40.29
N LYS B 324 1.86 31.91 40.97
CA LYS B 324 1.63 33.38 40.86
C LYS B 324 2.13 33.91 39.50
N SER B 325 3.15 33.27 38.91
CA SER B 325 3.94 33.83 37.77
C SER B 325 3.40 33.37 36.41
N PHE B 326 2.70 32.22 36.36
CA PHE B 326 2.25 31.56 35.10
C PHE B 326 0.73 31.30 35.15
N ASN B 327 0.04 31.51 34.01
CA ASN B 327 -1.37 31.10 33.82
C ASN B 327 -1.38 29.66 33.28
N PHE B 328 -2.05 28.75 33.99
CA PHE B 328 -2.07 27.28 33.74
C PHE B 328 -3.30 26.88 32.91
N ASP B 329 -4.18 27.82 32.56
CA ASP B 329 -5.25 27.60 31.55
C ASP B 329 -4.57 27.18 30.25
N ILE B 330 -5.08 26.13 29.61
CA ILE B 330 -4.43 25.47 28.44
C ILE B 330 -4.57 26.39 27.21
N LYS B 331 -5.74 26.99 26.98
CA LYS B 331 -5.93 27.97 25.87
C LYS B 331 -5.00 29.17 26.07
N THR B 332 -4.82 29.63 27.31
CA THR B 332 -4.01 30.81 27.67
C THR B 332 -2.52 30.53 27.38
N PHE B 333 -1.93 29.43 27.88
CA PHE B 333 -0.47 29.17 27.73
C PHE B 333 -0.15 28.82 26.27
N ILE B 334 -1.12 28.28 25.53
CA ILE B 334 -1.01 28.03 24.05
C ILE B 334 -0.90 29.39 23.33
N ASN B 335 -1.73 30.37 23.68
CA ASN B 335 -1.70 31.74 23.10
C ASN B 335 -0.41 32.45 23.55
N ASP B 336 -0.04 32.34 24.83
CA ASP B 336 1.15 33.00 25.44
C ASP B 336 2.43 32.57 24.71
N LEU B 337 2.55 31.26 24.40
CA LEU B 337 3.73 30.67 23.70
C LEU B 337 3.55 30.73 22.17
N ASN B 338 2.42 31.28 21.68
CA ASN B 338 2.16 31.53 20.24
C ASN B 338 2.35 30.23 19.45
N LEU B 339 1.72 29.14 19.90
CA LEU B 339 1.94 27.78 19.36
C LEU B 339 1.21 27.60 18.02
N TRP B 340 0.14 28.39 17.79
CA TRP B 340 -0.64 28.41 16.53
C TRP B 340 0.23 28.93 15.39
N THR B 341 1.19 29.82 15.68
CA THR B 341 1.95 30.60 14.66
C THR B 341 3.45 30.24 14.69
N THR B 342 3.82 29.14 15.35
CA THR B 342 5.22 28.63 15.45
C THR B 342 5.46 27.54 14.40
N LYS B 343 6.57 27.61 13.66
CA LYS B 343 6.99 26.54 12.71
C LYS B 343 7.71 25.44 13.50
N TYR B 344 7.30 24.19 13.33
CA TYR B 344 7.73 23.01 14.15
C TYR B 344 8.77 22.15 13.42
N LEU B 345 8.91 22.29 12.10
CA LEU B 345 9.90 21.47 11.32
C LEU B 345 11.29 21.69 11.91
N PRO B 346 11.71 22.93 12.26
CA PRO B 346 13.06 23.15 12.77
C PRO B 346 13.40 22.33 14.03
N VAL B 347 12.40 21.95 14.83
CA VAL B 347 12.60 21.21 16.12
C VAL B 347 12.42 19.71 15.89
N ALA B 348 12.01 19.31 14.69
CA ALA B 348 11.89 17.90 14.27
C ALA B 348 13.28 17.24 14.21
N THR B 349 14.35 18.03 14.11
CA THR B 349 15.76 17.57 14.21
C THR B 349 16.48 18.35 15.33
N TYR B 350 17.41 17.67 16.01
CA TYR B 350 18.46 18.31 16.86
C TYR B 350 17.88 18.82 18.19
N GLY B 351 16.73 18.27 18.62
CA GLY B 351 16.06 18.54 19.90
C GLY B 351 15.00 19.63 19.82
N HIS B 352 13.98 19.56 20.67
CA HIS B 352 12.92 20.60 20.83
C HIS B 352 13.36 21.72 21.79
N PHE B 353 14.39 21.47 22.61
CA PHE B 353 14.76 22.33 23.76
C PHE B 353 16.24 22.76 23.68
N GLY B 354 16.55 23.90 24.28
CA GLY B 354 17.88 24.52 24.22
C GLY B 354 18.31 24.80 22.80
N ARG B 355 17.51 25.58 22.08
CA ARG B 355 17.77 25.94 20.67
C ARG B 355 18.18 27.41 20.63
N ASP B 356 19.45 27.69 20.92
CA ASP B 356 20.09 29.01 20.79
C ASP B 356 20.26 29.32 19.29
N ASP B 357 20.14 28.32 18.43
CA ASP B 357 20.17 28.46 16.94
C ASP B 357 18.77 28.81 16.41
N LEU B 358 17.72 28.71 17.23
CA LEU B 358 16.32 29.12 16.89
C LEU B 358 15.85 30.18 17.89
N ASP B 359 14.59 30.64 17.78
CA ASP B 359 14.00 31.69 18.63
C ASP B 359 12.62 31.25 19.12
N LEU B 360 12.57 30.15 19.89
CA LEU B 360 11.31 29.51 20.33
C LEU B 360 10.75 30.25 21.55
N SER B 361 9.43 30.46 21.58
CA SER B 361 8.68 31.14 22.67
C SER B 361 8.99 30.49 24.02
N TRP B 362 9.10 29.15 24.04
CA TRP B 362 9.24 28.33 25.28
C TRP B 362 10.70 28.28 25.73
N GLU B 363 11.60 28.99 25.03
CA GLU B 363 13.02 29.15 25.41
C GLU B 363 13.31 30.58 25.91
N LYS B 364 12.32 31.48 25.87
CA LYS B 364 12.51 32.91 26.23
C LYS B 364 12.46 33.07 27.75
N LEU B 365 13.40 33.84 28.32
CA LEU B 365 13.55 34.08 29.77
C LEU B 365 12.71 35.31 30.16
N ASN B 366 11.47 35.39 29.68
CA ASN B 366 10.58 36.58 29.81
C ASN B 366 9.71 36.45 31.07
N LYS B 367 10.01 35.47 31.94
CA LYS B 367 9.29 35.27 33.23
C LYS B 367 10.25 35.31 34.42
N VAL B 368 11.53 35.62 34.23
CA VAL B 368 12.57 35.65 35.32
C VAL B 368 12.14 36.71 36.35
N GLU B 369 11.82 37.93 35.88
CA GLU B 369 11.52 39.12 36.73
C GLU B 369 10.21 38.91 37.52
N ASP B 370 9.31 38.07 37.00
CA ASP B 370 8.00 37.76 37.62
C ASP B 370 8.21 36.69 38.72
N LEU B 371 9.10 35.71 38.49
CA LEU B 371 9.44 34.63 39.46
C LEU B 371 10.18 35.20 40.66
N ILE B 372 11.06 36.18 40.43
CA ILE B 372 11.84 36.89 41.50
C ILE B 372 10.87 37.71 42.37
N LYS B 373 9.96 38.47 41.75
CA LYS B 373 8.93 39.29 42.45
C LYS B 373 8.07 38.40 43.34
N ASN B 374 7.61 37.25 42.85
CA ASN B 374 6.57 36.41 43.49
C ASN B 374 7.20 35.38 44.45
N LYS C 5 -27.85 -21.46 -34.31
CA LYS C 5 -26.88 -20.31 -34.23
C LYS C 5 -27.26 -19.40 -33.06
N ILE C 6 -26.53 -19.52 -31.93
CA ILE C 6 -26.78 -18.77 -30.66
C ILE C 6 -25.66 -17.74 -30.49
N ILE C 7 -26.02 -16.44 -30.49
CA ILE C 7 -25.17 -15.30 -30.06
C ILE C 7 -25.57 -14.89 -28.64
N THR C 8 -24.60 -14.65 -27.78
CA THR C 8 -24.80 -14.29 -26.36
C THR C 8 -24.01 -13.01 -26.05
N SER C 9 -24.64 -12.09 -25.32
CA SER C 9 -24.02 -10.86 -24.76
C SER C 9 -24.33 -10.79 -23.27
N GLU C 10 -23.48 -10.09 -22.52
CA GLU C 10 -23.66 -9.87 -21.06
C GLU C 10 -23.54 -8.37 -20.75
N SER C 11 -24.02 -7.99 -19.57
CA SER C 11 -23.81 -6.67 -18.94
C SER C 11 -23.62 -6.85 -17.43
N VAL C 12 -23.12 -5.84 -16.74
CA VAL C 12 -22.85 -5.88 -15.28
C VAL C 12 -23.31 -4.55 -14.69
N GLY C 13 -23.84 -4.57 -13.46
CA GLY C 13 -24.41 -3.39 -12.80
C GLY C 13 -23.35 -2.48 -12.20
N ALA C 14 -23.75 -1.34 -11.64
CA ALA C 14 -22.90 -0.30 -11.00
C ALA C 14 -22.09 -0.88 -9.84
N GLY C 15 -22.59 -1.93 -9.20
CA GLY C 15 -21.98 -2.55 -8.01
C GLY C 15 -21.01 -3.66 -8.38
N HIS C 16 -20.80 -3.96 -9.65
CA HIS C 16 -19.83 -5.00 -10.08
C HIS C 16 -18.43 -4.47 -9.84
N PRO C 17 -17.52 -5.29 -9.26
CA PRO C 17 -16.16 -4.84 -8.92
C PRO C 17 -15.44 -4.15 -10.07
N ASP C 18 -15.36 -4.78 -11.25
CA ASP C 18 -14.69 -4.19 -12.45
C ASP C 18 -15.35 -2.83 -12.76
N LYS C 19 -16.66 -2.73 -12.62
CA LYS C 19 -17.41 -1.52 -13.05
C LYS C 19 -17.32 -0.44 -11.98
N ILE C 20 -17.13 -0.81 -10.70
CA ILE C 20 -16.72 0.16 -9.64
C ILE C 20 -15.44 0.83 -10.11
N CYS C 21 -14.43 0.05 -10.56
CA CYS C 21 -13.13 0.58 -10.99
C CYS C 21 -13.30 1.52 -12.20
N ASP C 22 -14.05 1.08 -13.22
CA ASP C 22 -14.32 1.89 -14.44
C ASP C 22 -14.97 3.22 -14.04
N GLN C 23 -15.98 3.18 -13.17
CA GLN C 23 -16.68 4.38 -12.65
C GLN C 23 -15.70 5.31 -11.93
N ILE C 24 -14.85 4.80 -11.03
CA ILE C 24 -13.92 5.67 -10.27
C ILE C 24 -12.93 6.30 -11.26
N SER C 25 -12.49 5.55 -12.28
CA SER C 25 -11.51 6.02 -13.28
C SER C 25 -12.10 7.19 -14.08
N ASP C 26 -13.35 7.08 -14.52
CA ASP C 26 -14.03 8.13 -15.33
C ASP C 26 -14.45 9.29 -14.44
N ALA C 27 -14.81 9.03 -13.17
CA ALA C 27 -15.21 10.08 -12.20
C ALA C 27 -14.03 11.02 -11.97
N ILE C 28 -12.82 10.45 -11.85
CA ILE C 28 -11.56 11.22 -11.67
C ILE C 28 -11.27 12.00 -12.96
N LEU C 29 -11.44 11.34 -14.12
CA LEU C 29 -11.30 11.98 -15.45
C LEU C 29 -12.23 13.19 -15.51
N ASP C 30 -13.53 12.97 -15.27
CA ASP C 30 -14.60 14.01 -15.33
C ASP C 30 -14.20 15.19 -14.43
N GLU C 31 -13.67 14.91 -13.24
CA GLU C 31 -13.32 15.97 -12.25
C GLU C 31 -12.14 16.79 -12.77
N CYS C 32 -11.24 16.17 -13.55
CA CYS C 32 -10.04 16.81 -14.14
C CYS C 32 -10.44 17.71 -15.32
N LEU C 33 -11.23 17.17 -16.26
CA LEU C 33 -11.68 17.89 -17.47
C LEU C 33 -12.51 19.12 -17.07
N SER C 34 -13.28 19.04 -15.98
CA SER C 34 -14.12 20.15 -15.47
C SER C 34 -13.27 21.41 -15.25
N GLN C 35 -12.07 21.26 -14.68
CA GLN C 35 -11.16 22.37 -14.33
C GLN C 35 -10.18 22.66 -15.47
N ASP C 36 -9.57 21.62 -16.03
CA ASP C 36 -8.52 21.72 -17.09
C ASP C 36 -8.93 20.81 -18.25
N GLN C 37 -9.30 21.39 -19.40
CA GLN C 37 -9.70 20.66 -20.63
C GLN C 37 -8.45 20.15 -21.35
N ASN C 38 -7.27 20.65 -20.98
CA ASN C 38 -5.96 20.35 -21.61
C ASN C 38 -5.22 19.30 -20.78
N SER C 39 -5.90 18.60 -19.86
CA SER C 39 -5.25 17.70 -18.87
C SER C 39 -5.14 16.27 -19.41
N ARG C 40 -4.03 15.60 -19.12
CA ARG C 40 -3.72 14.22 -19.57
C ARG C 40 -3.99 13.27 -18.41
N VAL C 41 -4.85 12.26 -18.61
CA VAL C 41 -5.36 11.35 -17.55
C VAL C 41 -5.36 9.92 -18.07
N ALA C 42 -4.65 9.00 -17.41
CA ALA C 42 -4.63 7.55 -17.70
C ALA C 42 -4.80 6.81 -16.38
N CYS C 43 -6.01 6.85 -15.81
CA CYS C 43 -6.31 6.44 -14.42
C CYS C 43 -6.76 4.98 -14.36
N GLU C 44 -6.00 4.15 -13.66
CA GLU C 44 -6.30 2.71 -13.46
C GLU C 44 -6.62 2.50 -11.97
N VAL C 45 -7.51 1.56 -11.67
CA VAL C 45 -7.99 1.30 -10.31
C VAL C 45 -8.01 -0.21 -10.09
N LEU C 46 -7.40 -0.66 -8.98
CA LEU C 46 -7.54 -2.04 -8.45
C LEU C 46 -8.44 -1.98 -7.22
N ALA C 47 -9.44 -2.85 -7.16
CA ALA C 47 -10.31 -3.05 -5.98
C ALA C 47 -10.21 -4.51 -5.58
N CYS C 48 -9.44 -4.81 -4.54
CA CYS C 48 -9.21 -6.20 -4.06
C CYS C 48 -9.64 -6.29 -2.59
N ASN C 49 -10.74 -7.03 -2.36
CA ASN C 49 -11.27 -7.30 -1.01
C ASN C 49 -11.66 -5.95 -0.40
N ARG C 50 -10.92 -5.41 0.57
CA ARG C 50 -11.27 -4.09 1.18
C ARG C 50 -10.21 -3.03 0.87
N LEU C 51 -9.30 -3.30 -0.08
CA LEU C 51 -8.25 -2.35 -0.52
C LEU C 51 -8.57 -1.88 -1.93
N ILE C 52 -8.66 -0.56 -2.12
CA ILE C 52 -8.81 0.08 -3.46
C ILE C 52 -7.58 0.97 -3.68
N VAL C 53 -6.80 0.65 -4.72
CA VAL C 53 -5.57 1.39 -5.11
C VAL C 53 -5.91 2.18 -6.37
N ILE C 54 -5.78 3.50 -6.30
CA ILE C 54 -5.98 4.41 -7.46
C ILE C 54 -4.58 4.74 -7.99
N ALA C 55 -4.36 4.51 -9.29
CA ALA C 55 -3.03 4.63 -9.92
C ALA C 55 -3.21 5.14 -11.35
N GLY C 56 -2.12 5.15 -12.11
CA GLY C 56 -2.06 5.72 -13.45
C GLY C 56 -1.30 7.02 -13.46
N GLU C 57 -1.31 7.69 -14.61
CA GLU C 57 -0.60 8.98 -14.84
C GLU C 57 -1.64 10.09 -15.01
N ILE C 58 -1.42 11.24 -14.39
CA ILE C 58 -2.26 12.47 -14.50
C ILE C 58 -1.32 13.69 -14.49
N THR C 59 -1.38 14.52 -15.52
CA THR C 59 -0.82 15.89 -15.55
C THR C 59 -1.99 16.84 -15.79
N THR C 60 -2.14 17.86 -14.95
CA THR C 60 -3.37 18.70 -14.89
C THR C 60 -3.11 19.90 -13.97
N HIS C 61 -3.78 21.03 -14.22
CA HIS C 61 -3.81 22.22 -13.34
C HIS C 61 -4.95 22.08 -12.33
N ALA C 62 -5.79 21.04 -12.50
CA ALA C 62 -7.01 20.78 -11.68
C ALA C 62 -6.62 20.35 -10.27
N TYR C 63 -7.36 20.82 -9.25
CA TYR C 63 -7.29 20.34 -7.84
C TYR C 63 -8.25 19.14 -7.71
N VAL C 64 -7.73 17.92 -7.54
CA VAL C 64 -8.57 16.69 -7.42
C VAL C 64 -8.07 15.86 -6.24
N ASP C 65 -8.94 15.65 -5.24
CA ASP C 65 -8.76 14.61 -4.20
C ASP C 65 -9.30 13.30 -4.77
N VAL C 66 -8.40 12.54 -5.40
CA VAL C 66 -8.65 11.22 -6.05
C VAL C 66 -9.42 10.32 -5.08
N VAL C 67 -9.01 10.29 -3.81
CA VAL C 67 -9.61 9.40 -2.77
C VAL C 67 -11.04 9.87 -2.47
N LYS C 68 -11.22 11.17 -2.22
CA LYS C 68 -12.56 11.75 -1.95
C LYS C 68 -13.52 11.34 -3.08
N THR C 69 -13.08 11.46 -4.34
CA THR C 69 -13.89 11.18 -5.55
C THR C 69 -14.30 9.71 -5.57
N ALA C 70 -13.38 8.80 -5.23
CA ALA C 70 -13.64 7.34 -5.18
C ALA C 70 -14.79 7.07 -4.21
N TRP C 71 -14.77 7.70 -3.02
CA TRP C 71 -15.79 7.51 -1.96
C TRP C 71 -17.18 7.97 -2.47
N GLU C 72 -17.24 8.98 -3.34
CA GLU C 72 -18.52 9.54 -3.85
C GLU C 72 -19.18 8.53 -4.80
N ILE C 73 -18.39 7.70 -5.49
CA ILE C 73 -18.87 6.62 -6.39
C ILE C 73 -19.35 5.43 -5.54
N ILE C 74 -18.74 5.24 -4.36
CA ILE C 74 -18.80 3.98 -3.57
C ILE C 74 -19.95 4.05 -2.56
N LYS C 75 -20.23 5.21 -1.98
CA LYS C 75 -21.25 5.36 -0.91
C LYS C 75 -22.65 5.04 -1.45
N PRO C 76 -23.04 5.53 -2.64
CA PRO C 76 -24.32 5.13 -3.25
C PRO C 76 -24.56 3.62 -3.43
N LEU C 77 -23.52 2.78 -3.35
CA LEU C 77 -23.58 1.37 -3.80
C LEU C 77 -23.96 0.35 -2.72
N GLY C 78 -24.23 0.65 -1.44
CA GLY C 78 -23.91 1.82 -0.65
C GLY C 78 -23.12 1.40 0.57
N TYR C 79 -21.84 1.17 0.35
CA TYR C 79 -20.75 1.03 1.36
C TYR C 79 -20.59 2.32 2.18
N ASP C 80 -19.90 2.25 3.32
CA ASP C 80 -19.57 3.44 4.15
C ASP C 80 -18.06 3.50 4.40
N GLU C 81 -17.63 4.47 5.21
CA GLU C 81 -16.20 4.79 5.48
C GLU C 81 -15.51 3.62 6.18
N ASN C 82 -16.27 2.67 6.76
CA ASN C 82 -15.73 1.48 7.48
C ASN C 82 -15.45 0.31 6.52
N ASP C 83 -15.87 0.37 5.27
CA ASP C 83 -15.93 -0.81 4.37
C ASP C 83 -14.61 -1.01 3.60
N PHE C 84 -13.86 0.07 3.36
CA PHE C 84 -12.65 0.04 2.50
C PHE C 84 -11.54 0.93 3.06
N THR C 85 -10.30 0.54 2.76
CA THR C 85 -9.10 1.41 2.69
C THR C 85 -8.96 1.85 1.23
N ILE C 86 -8.75 3.14 0.97
CA ILE C 86 -8.65 3.71 -0.41
C ILE C 86 -7.39 4.58 -0.51
N ILE C 87 -6.35 4.07 -1.18
CA ILE C 87 -5.03 4.75 -1.29
C ILE C 87 -4.76 5.08 -2.76
N SER C 88 -3.99 6.14 -2.99
CA SER C 88 -3.59 6.65 -4.32
C SER C 88 -2.08 6.48 -4.50
N ASN C 89 -1.62 5.97 -5.63
CA ASN C 89 -0.19 6.02 -6.03
C ASN C 89 -0.09 6.71 -7.40
N VAL C 90 -1.09 7.52 -7.73
CA VAL C 90 -1.20 8.25 -9.02
C VAL C 90 0.10 9.06 -9.26
N ASN C 91 0.73 8.81 -10.41
CA ASN C 91 1.99 9.42 -10.89
C ASN C 91 1.66 10.54 -11.91
N LYS C 92 2.69 11.05 -12.60
CA LYS C 92 2.56 12.06 -13.69
C LYS C 92 2.82 11.38 -15.05
N GLN C 93 2.18 11.88 -16.10
CA GLN C 93 2.36 11.36 -17.49
C GLN C 93 3.87 11.43 -17.81
N SER C 94 4.35 10.48 -18.63
CA SER C 94 5.73 10.45 -19.19
C SER C 94 5.89 11.70 -20.05
N VAL C 95 6.90 12.54 -19.75
CA VAL C 95 7.26 13.74 -20.56
C VAL C 95 7.67 13.26 -21.96
N ASP C 96 8.18 12.03 -22.06
CA ASP C 96 8.60 11.35 -23.32
C ASP C 96 7.41 11.12 -24.26
N ILE C 97 6.26 10.69 -23.72
CA ILE C 97 4.98 10.51 -24.50
C ILE C 97 4.38 11.88 -24.79
N ALA C 98 4.42 12.80 -23.80
CA ALA C 98 3.76 14.13 -23.82
C ALA C 98 4.33 14.99 -24.96
N GLN C 99 5.64 14.97 -25.18
CA GLN C 99 6.33 15.72 -26.27
C GLN C 99 5.84 15.24 -27.65
N SER C 100 5.52 13.95 -27.79
CA SER C 100 5.06 13.28 -29.03
C SER C 100 3.58 13.61 -29.32
N VAL C 101 2.73 13.69 -28.29
CA VAL C 101 1.26 13.95 -28.37
C VAL C 101 1.03 15.47 -28.49
N ASP C 102 1.36 16.22 -27.43
CA ASP C 102 1.28 17.70 -27.38
C ASP C 102 2.45 18.28 -28.18
N LYS C 103 2.21 18.64 -29.45
CA LYS C 103 3.24 19.11 -30.42
C LYS C 103 3.81 20.47 -29.98
N THR C 104 4.82 20.96 -30.72
CA THR C 104 5.57 22.21 -30.43
C THR C 104 4.73 23.44 -30.81
N ASN C 105 4.14 23.42 -32.00
CA ASN C 105 3.25 24.49 -32.54
C ASN C 105 1.90 24.49 -31.81
N LYS C 106 1.55 23.41 -31.10
CA LYS C 106 0.33 23.30 -30.25
C LYS C 106 -0.93 23.29 -31.14
N ASN C 107 -0.79 22.90 -32.40
CA ASN C 107 -1.87 23.02 -33.43
C ASN C 107 -2.51 21.65 -33.72
N LEU C 108 -1.68 20.64 -33.97
CA LEU C 108 -2.11 19.22 -34.09
C LEU C 108 -1.88 18.49 -32.76
N ILE C 109 -2.57 17.35 -32.60
CA ILE C 109 -2.37 16.34 -31.51
C ILE C 109 -1.99 15.03 -32.19
N GLY C 110 -0.89 14.40 -31.74
CA GLY C 110 -0.45 13.05 -32.19
C GLY C 110 -1.09 11.96 -31.35
N ALA C 111 -1.26 10.75 -31.90
CA ALA C 111 -1.94 9.61 -31.24
C ALA C 111 -1.29 9.32 -29.88
N GLY C 112 -2.11 9.14 -28.85
CA GLY C 112 -1.68 8.88 -27.46
C GLY C 112 -0.88 7.59 -27.35
N ASP C 113 -1.22 6.59 -28.17
CA ASP C 113 -0.47 5.32 -28.30
C ASP C 113 -0.55 4.82 -29.75
N GLN C 114 0.17 3.76 -30.08
CA GLN C 114 -0.16 2.88 -31.24
C GLN C 114 -1.46 2.16 -30.85
N GLY C 115 -2.13 1.51 -31.79
CA GLY C 115 -3.28 0.65 -31.45
C GLY C 115 -4.26 0.50 -32.60
N ILE C 116 -5.20 -0.43 -32.41
CA ILE C 116 -6.29 -0.75 -33.37
C ILE C 116 -7.62 -0.64 -32.62
N VAL C 117 -8.55 0.12 -33.18
CA VAL C 117 -9.93 0.32 -32.63
C VAL C 117 -10.94 -0.12 -33.70
N PHE C 118 -12.06 -0.67 -33.24
CA PHE C 118 -13.18 -1.14 -34.07
C PHE C 118 -14.41 -0.30 -33.73
N GLY C 119 -15.10 0.18 -34.77
CA GLY C 119 -16.45 0.72 -34.69
C GLY C 119 -17.45 -0.19 -35.40
N TYR C 120 -18.56 -0.49 -34.74
CA TYR C 120 -19.63 -1.39 -35.24
C TYR C 120 -20.98 -0.67 -35.15
N ALA C 121 -21.89 -1.01 -36.07
CA ALA C 121 -23.33 -0.66 -36.04
C ALA C 121 -24.10 -1.75 -36.78
N CYS C 122 -25.40 -1.90 -36.46
CA CYS C 122 -26.37 -2.71 -37.26
C CYS C 122 -27.80 -2.16 -37.09
N ASP C 123 -28.73 -2.65 -37.92
CA ASP C 123 -30.12 -2.14 -38.03
C ASP C 123 -31.09 -2.99 -37.22
N GLU C 124 -30.59 -3.88 -36.35
CA GLU C 124 -31.41 -4.79 -35.49
C GLU C 124 -32.23 -3.99 -34.48
N THR C 125 -31.75 -2.82 -34.04
CA THR C 125 -32.41 -2.02 -32.97
C THR C 125 -32.39 -0.53 -33.32
N PRO C 126 -33.30 0.27 -32.73
CA PRO C 126 -33.21 1.74 -32.77
C PRO C 126 -31.85 2.31 -32.33
N GLN C 127 -31.18 1.63 -31.41
CA GLN C 127 -29.85 2.04 -30.88
C GLN C 127 -28.75 1.73 -31.92
N TYR C 128 -29.10 1.01 -32.99
CA TYR C 128 -28.14 0.51 -34.01
C TYR C 128 -27.09 -0.37 -33.33
N MET C 129 -27.54 -1.28 -32.45
CA MET C 129 -26.71 -2.20 -31.65
C MET C 129 -27.29 -3.61 -31.71
N PRO C 130 -26.45 -4.66 -31.58
CA PRO C 130 -26.94 -6.04 -31.55
C PRO C 130 -28.00 -6.24 -30.46
N LEU C 131 -29.05 -6.99 -30.76
CA LEU C 131 -30.23 -7.18 -29.86
C LEU C 131 -29.76 -7.65 -28.48
N THR C 132 -28.83 -8.61 -28.45
CA THR C 132 -28.33 -9.30 -27.23
C THR C 132 -27.73 -8.27 -26.25
N SER C 133 -26.93 -7.33 -26.77
CA SER C 133 -26.30 -6.19 -26.04
C SER C 133 -27.39 -5.30 -25.44
N VAL C 134 -28.28 -4.79 -26.27
CA VAL C 134 -29.35 -3.84 -25.86
C VAL C 134 -30.14 -4.47 -24.71
N LEU C 135 -30.62 -5.71 -24.89
CA LEU C 135 -31.48 -6.44 -23.93
C LEU C 135 -30.71 -6.68 -22.61
N ALA C 136 -29.45 -7.06 -22.68
CA ALA C 136 -28.59 -7.34 -21.50
C ALA C 136 -28.45 -6.07 -20.64
N HIS C 137 -28.19 -4.92 -21.26
CA HIS C 137 -28.03 -3.60 -20.59
C HIS C 137 -29.40 -3.16 -20.03
N GLU C 138 -30.42 -3.09 -20.88
CA GLU C 138 -31.77 -2.59 -20.53
C GLU C 138 -32.33 -3.38 -19.34
N LEU C 139 -31.99 -4.66 -19.23
CA LEU C 139 -32.42 -5.56 -18.13
C LEU C 139 -31.81 -5.07 -16.81
N LEU C 140 -30.49 -4.92 -16.75
CA LEU C 140 -29.78 -4.42 -15.55
C LEU C 140 -30.13 -2.95 -15.31
N LYS C 141 -30.32 -2.19 -16.38
CA LYS C 141 -30.58 -0.72 -16.28
C LYS C 141 -31.95 -0.51 -15.62
N GLU C 142 -32.92 -1.39 -15.89
CA GLU C 142 -34.28 -1.34 -15.30
C GLU C 142 -34.25 -1.83 -13.85
N ILE C 143 -33.46 -2.89 -13.57
CA ILE C 143 -33.32 -3.46 -12.20
C ILE C 143 -32.70 -2.41 -11.29
N GLU C 144 -31.65 -1.73 -11.75
CA GLU C 144 -30.92 -0.69 -10.95
C GLU C 144 -31.85 0.49 -10.67
N ARG C 145 -32.71 0.84 -11.64
CA ARG C 145 -33.63 2.00 -11.50
C ARG C 145 -34.61 1.70 -10.36
N GLN C 146 -35.14 0.47 -10.32
CA GLN C 146 -36.16 0.03 -9.33
C GLN C 146 -35.51 -0.10 -7.94
N ARG C 147 -34.20 -0.40 -7.86
CA ARG C 147 -33.47 -0.53 -6.57
C ARG C 147 -33.38 0.86 -5.90
N ARG C 148 -33.00 1.88 -6.66
CA ARG C 148 -32.82 3.28 -6.18
C ARG C 148 -34.18 3.86 -5.78
N SER C 149 -35.24 3.51 -6.52
CA SER C 149 -36.62 4.03 -6.34
C SER C 149 -37.42 3.15 -5.35
N LYS C 150 -36.84 2.02 -4.91
CA LYS C 150 -37.40 1.08 -3.88
C LYS C 150 -38.65 0.35 -4.41
N GLU C 151 -38.87 0.33 -5.73
CA GLU C 151 -39.94 -0.47 -6.38
C GLU C 151 -39.57 -1.96 -6.34
N PHE C 152 -38.27 -2.26 -6.22
CA PHE C 152 -37.68 -3.61 -6.07
C PHE C 152 -36.75 -3.55 -4.86
N ILE C 153 -37.20 -4.11 -3.73
CA ILE C 153 -36.56 -3.98 -2.40
C ILE C 153 -35.64 -5.18 -2.18
N LYS C 154 -34.81 -5.12 -1.15
CA LYS C 154 -33.97 -6.26 -0.66
C LYS C 154 -33.05 -6.76 -1.77
N ILE C 155 -32.56 -5.88 -2.63
CA ILE C 155 -31.48 -6.18 -3.63
C ILE C 155 -30.39 -5.10 -3.53
N GLN C 156 -29.16 -5.46 -3.85
CA GLN C 156 -27.96 -4.58 -3.83
C GLN C 156 -27.47 -4.37 -5.28
N ALA C 157 -26.49 -3.48 -5.46
CA ALA C 157 -26.07 -2.89 -6.76
C ALA C 157 -25.29 -3.91 -7.62
N ASP C 158 -24.52 -4.85 -7.04
CA ASP C 158 -23.73 -5.86 -7.81
C ASP C 158 -24.72 -6.82 -8.47
N MET C 159 -24.58 -7.05 -9.78
CA MET C 159 -25.49 -7.90 -10.59
C MET C 159 -25.00 -8.04 -12.01
N LYS C 160 -25.35 -9.15 -12.67
CA LYS C 160 -24.94 -9.47 -14.06
C LYS C 160 -26.16 -9.95 -14.85
N SER C 161 -26.16 -9.69 -16.16
CA SER C 161 -27.14 -10.22 -17.14
C SER C 161 -26.40 -10.97 -18.25
N GLN C 162 -27.02 -12.01 -18.78
CA GLN C 162 -26.58 -12.71 -20.01
C GLN C 162 -27.82 -13.04 -20.83
N VAL C 163 -27.89 -12.54 -22.06
CA VAL C 163 -29.03 -12.72 -23.00
C VAL C 163 -28.50 -13.46 -24.22
N SER C 164 -29.00 -14.68 -24.44
CA SER C 164 -28.68 -15.56 -25.61
C SER C 164 -29.84 -15.49 -26.59
N ILE C 165 -29.56 -15.18 -27.85
CA ILE C 165 -30.59 -15.06 -28.93
C ILE C 165 -30.26 -16.06 -30.03
N ASP C 166 -31.29 -16.83 -30.44
CA ASP C 166 -31.23 -17.88 -31.49
C ASP C 166 -31.49 -17.19 -32.84
N TYR C 167 -30.45 -17.08 -33.67
CA TYR C 167 -30.45 -16.36 -34.98
C TYR C 167 -30.54 -17.34 -36.15
N SER C 168 -31.04 -18.57 -35.92
CA SER C 168 -31.16 -19.63 -36.96
C SER C 168 -32.04 -19.13 -38.11
N ASN C 169 -33.28 -18.74 -37.81
CA ASN C 169 -34.26 -18.17 -38.78
C ASN C 169 -34.07 -16.65 -38.82
N SER C 170 -34.63 -15.98 -39.84
CA SER C 170 -34.43 -14.54 -40.14
C SER C 170 -35.19 -13.66 -39.13
N THR C 171 -36.25 -14.19 -38.50
CA THR C 171 -36.94 -13.56 -37.34
C THR C 171 -36.24 -14.02 -36.05
N PRO C 172 -35.60 -13.11 -35.30
CA PRO C 172 -34.79 -13.51 -34.14
C PRO C 172 -35.68 -13.99 -32.98
N LEU C 173 -35.13 -14.86 -32.14
CA LEU C 173 -35.85 -15.56 -31.04
C LEU C 173 -34.98 -15.52 -29.78
N ILE C 174 -35.52 -15.05 -28.64
CA ILE C 174 -34.81 -15.11 -27.33
C ILE C 174 -34.75 -16.59 -26.92
N GLU C 175 -33.53 -17.10 -26.70
CA GLU C 175 -33.25 -18.50 -26.29
C GLU C 175 -33.25 -18.56 -24.76
N THR C 176 -32.45 -17.70 -24.12
CA THR C 176 -32.25 -17.64 -22.63
C THR C 176 -32.00 -16.20 -22.18
N MET C 177 -32.62 -15.81 -21.06
CA MET C 177 -32.23 -14.63 -20.24
C MET C 177 -31.74 -15.12 -18.89
N LEU C 178 -30.51 -14.73 -18.53
CA LEU C 178 -29.85 -15.04 -17.26
C LEU C 178 -29.67 -13.76 -16.46
N VAL C 179 -29.91 -13.80 -15.15
CA VAL C 179 -29.66 -12.67 -14.24
C VAL C 179 -29.13 -13.23 -12.92
N SER C 180 -28.03 -12.67 -12.43
CA SER C 180 -27.55 -12.79 -11.04
C SER C 180 -27.64 -11.42 -10.38
N ILE C 181 -28.40 -11.30 -9.29
CA ILE C 181 -28.50 -10.05 -8.48
C ILE C 181 -28.09 -10.37 -7.05
N GLN C 182 -27.13 -9.61 -6.51
CA GLN C 182 -26.80 -9.57 -5.07
C GLN C 182 -28.07 -9.16 -4.31
N HIS C 183 -28.43 -9.90 -3.25
CA HIS C 183 -29.66 -9.69 -2.46
C HIS C 183 -29.32 -9.60 -0.98
N ASP C 184 -30.28 -9.17 -0.15
CA ASP C 184 -30.17 -9.13 1.33
C ASP C 184 -30.32 -10.55 1.88
N GLU C 185 -29.90 -10.75 3.13
CA GLU C 185 -30.02 -12.05 3.86
C GLU C 185 -31.50 -12.48 3.88
N ASP C 186 -32.41 -11.54 4.16
CA ASP C 186 -33.82 -11.78 4.53
C ASP C 186 -34.75 -11.58 3.32
N TYR C 187 -34.28 -11.84 2.09
CA TYR C 187 -35.09 -11.69 0.85
C TYR C 187 -36.17 -12.78 0.79
N ASP C 188 -37.29 -12.47 0.14
CA ASP C 188 -38.39 -13.41 -0.20
C ASP C 188 -38.16 -13.87 -1.64
N VAL C 189 -37.80 -15.15 -1.81
CA VAL C 189 -37.36 -15.75 -3.11
C VAL C 189 -38.54 -15.67 -4.10
N GLU C 190 -39.76 -15.98 -3.66
CA GLU C 190 -40.98 -15.89 -4.51
C GLU C 190 -41.07 -14.45 -5.05
N TYR C 191 -40.99 -13.44 -4.18
CA TYR C 191 -41.08 -12.00 -4.56
C TYR C 191 -39.97 -11.70 -5.56
N PHE C 192 -38.73 -12.08 -5.21
CA PHE C 192 -37.51 -11.85 -6.01
C PHE C 192 -37.72 -12.41 -7.43
N ASN C 193 -38.05 -13.70 -7.56
CA ASN C 193 -38.18 -14.40 -8.87
C ASN C 193 -39.33 -13.81 -9.69
N LYS C 194 -40.46 -13.47 -9.05
CA LYS C 194 -41.63 -12.81 -9.72
C LYS C 194 -41.17 -11.48 -10.32
N LYS C 195 -40.50 -10.64 -9.52
CA LYS C 195 -40.04 -9.28 -9.91
C LYS C 195 -39.13 -9.38 -11.14
N VAL C 196 -38.14 -10.29 -11.11
CA VAL C 196 -37.16 -10.52 -12.20
C VAL C 196 -37.91 -11.04 -13.44
N SER C 197 -38.77 -12.05 -13.27
CA SER C 197 -39.56 -12.66 -14.37
C SER C 197 -40.37 -11.56 -15.09
N ALA C 198 -40.94 -10.63 -14.34
CA ALA C 198 -41.82 -9.55 -14.87
C ALA C 198 -40.98 -8.55 -15.67
N ILE C 199 -39.82 -8.17 -15.14
CA ILE C 199 -38.87 -7.22 -15.80
C ILE C 199 -38.36 -7.87 -17.10
N MET C 200 -38.03 -9.16 -17.06
CA MET C 200 -37.53 -9.92 -18.23
C MET C 200 -38.57 -9.86 -19.36
N GLU C 201 -39.87 -10.03 -19.05
CA GLU C 201 -40.96 -10.08 -20.07
C GLU C 201 -41.24 -8.67 -20.60
N GLN C 202 -41.35 -7.69 -19.70
CA GLN C 202 -41.58 -6.26 -20.04
C GLN C 202 -40.53 -5.82 -21.07
N ILE C 203 -39.28 -6.24 -20.89
CA ILE C 203 -38.13 -5.92 -21.79
C ILE C 203 -38.28 -6.65 -23.13
N ALA C 204 -38.57 -7.96 -23.11
CA ALA C 204 -38.78 -8.79 -24.32
C ALA C 204 -39.89 -8.19 -25.17
N LYS C 205 -41.00 -7.77 -24.53
CA LYS C 205 -42.21 -7.24 -25.20
C LYS C 205 -41.92 -5.85 -25.78
N LYS C 206 -40.98 -5.10 -25.17
CA LYS C 206 -40.57 -3.75 -25.65
C LYS C 206 -40.02 -3.85 -27.07
N TYR C 207 -39.21 -4.88 -27.34
CA TYR C 207 -38.58 -5.15 -28.67
C TYR C 207 -39.43 -6.18 -29.43
N ASN C 208 -40.75 -6.18 -29.17
CA ASN C 208 -41.74 -7.21 -29.55
C ASN C 208 -41.01 -8.51 -29.96
N LEU C 209 -40.43 -9.20 -28.97
CA LEU C 209 -39.84 -10.55 -29.12
C LEU C 209 -40.72 -11.59 -28.41
N ASN C 210 -40.54 -12.87 -28.75
CA ASN C 210 -41.15 -14.02 -28.03
C ASN C 210 -40.98 -13.83 -26.53
N THR C 211 -41.85 -14.43 -25.72
CA THR C 211 -41.94 -14.18 -24.26
C THR C 211 -41.76 -15.50 -23.49
N ASN C 212 -41.55 -16.61 -24.21
CA ASN C 212 -41.59 -18.00 -23.68
C ASN C 212 -40.18 -18.51 -23.34
N PHE C 213 -39.15 -17.69 -23.60
CA PHE C 213 -37.71 -18.01 -23.41
C PHE C 213 -37.45 -18.56 -22.01
N LYS C 214 -36.33 -19.27 -21.86
CA LYS C 214 -35.85 -19.85 -20.59
C LYS C 214 -35.32 -18.72 -19.69
N LYS C 215 -35.69 -18.74 -18.41
CA LYS C 215 -35.31 -17.72 -17.39
C LYS C 215 -34.41 -18.40 -16.35
N ILE C 216 -33.18 -17.90 -16.20
CA ILE C 216 -32.17 -18.40 -15.22
C ILE C 216 -31.89 -17.27 -14.22
N ILE C 217 -32.47 -17.37 -13.02
CA ILE C 217 -32.45 -16.30 -11.97
C ILE C 217 -31.68 -16.79 -10.74
N ASN C 218 -30.52 -16.17 -10.48
CA ASN C 218 -29.59 -16.50 -9.37
C ASN C 218 -29.27 -17.99 -9.45
N SER C 219 -28.59 -18.39 -10.53
CA SER C 219 -28.00 -19.73 -10.78
C SER C 219 -26.96 -20.09 -9.70
N SER C 220 -26.29 -19.09 -9.11
CA SER C 220 -25.30 -19.29 -8.00
C SER C 220 -26.05 -19.72 -6.72
N GLY C 221 -27.28 -19.24 -6.56
CA GLY C 221 -28.14 -19.39 -5.37
C GLY C 221 -27.87 -18.27 -4.39
N ARG C 222 -26.93 -18.49 -3.46
CA ARG C 222 -26.52 -17.47 -2.46
C ARG C 222 -25.72 -16.39 -3.19
N PHE C 223 -26.12 -15.12 -3.03
CA PHE C 223 -25.37 -13.94 -3.53
C PHE C 223 -25.68 -12.77 -2.59
N VAL C 224 -25.03 -12.77 -1.41
CA VAL C 224 -25.13 -11.71 -0.37
C VAL C 224 -23.80 -10.93 -0.35
N ILE C 225 -22.68 -11.65 -0.34
CA ILE C 225 -21.30 -11.10 -0.50
C ILE C 225 -21.08 -10.79 -1.98
N GLY C 226 -21.07 -9.49 -2.32
CA GLY C 226 -20.84 -8.98 -3.68
C GLY C 226 -19.64 -8.04 -3.73
N GLY C 227 -19.63 -7.14 -4.71
CA GLY C 227 -18.60 -6.08 -4.82
C GLY C 227 -17.20 -6.67 -4.83
N PRO C 228 -16.16 -5.91 -4.40
CA PRO C 228 -14.80 -6.45 -4.37
C PRO C 228 -14.56 -7.44 -3.23
N ILE C 229 -15.55 -7.63 -2.35
CA ILE C 229 -15.35 -8.19 -0.98
C ILE C 229 -14.77 -9.61 -1.04
N GLY C 230 -15.29 -10.50 -1.88
CA GLY C 230 -14.73 -11.86 -1.98
C GLY C 230 -13.57 -11.94 -2.97
N ASP C 231 -13.18 -10.82 -3.60
CA ASP C 231 -13.03 -10.79 -5.07
C ASP C 231 -12.04 -9.71 -5.50
N THR C 232 -11.94 -9.47 -6.81
CA THR C 232 -11.07 -8.44 -7.44
C THR C 232 -11.86 -7.72 -8.53
N GLY C 233 -11.53 -6.45 -8.74
CA GLY C 233 -11.98 -5.61 -9.87
C GLY C 233 -10.84 -4.73 -10.36
N LEU C 234 -10.66 -4.62 -11.68
CA LEU C 234 -9.68 -3.70 -12.29
C LEU C 234 -10.39 -2.86 -13.34
N THR C 235 -9.90 -1.63 -13.57
CA THR C 235 -10.27 -0.78 -14.73
C THR C 235 -10.06 -1.60 -16.00
N GLY C 236 -11.06 -1.63 -16.88
CA GLY C 236 -10.93 -2.07 -18.28
C GLY C 236 -10.86 -3.57 -18.42
N ARG C 237 -11.57 -4.32 -17.58
CA ARG C 237 -11.74 -5.79 -17.69
C ARG C 237 -13.17 -6.13 -18.13
N LYS C 238 -13.93 -5.13 -18.58
CA LYS C 238 -15.29 -5.34 -19.16
C LYS C 238 -15.36 -4.68 -20.54
N ILE C 239 -14.32 -4.83 -21.36
CA ILE C 239 -14.13 -4.06 -22.63
C ILE C 239 -15.11 -4.57 -23.68
N ILE C 240 -15.58 -5.81 -23.58
CA ILE C 240 -16.54 -6.42 -24.55
C ILE C 240 -17.97 -6.01 -24.16
N VAL C 241 -18.21 -5.83 -22.87
CA VAL C 241 -19.50 -5.33 -22.29
C VAL C 241 -19.59 -3.82 -22.50
N ASP C 242 -18.46 -3.12 -22.62
CA ASP C 242 -18.38 -1.66 -22.86
C ASP C 242 -18.71 -1.35 -24.32
N THR C 243 -18.54 -2.33 -25.21
CA THR C 243 -18.58 -2.18 -26.69
C THR C 243 -19.79 -2.92 -27.25
N TYR C 244 -19.57 -4.01 -27.99
CA TYR C 244 -20.59 -4.72 -28.81
C TYR C 244 -20.76 -6.16 -28.28
N GLY C 245 -21.40 -7.03 -29.04
CA GLY C 245 -21.83 -8.38 -28.59
C GLY C 245 -20.80 -9.10 -27.73
N GLY C 246 -19.51 -9.08 -28.07
CA GLY C 246 -18.93 -8.70 -29.35
C GLY C 246 -19.46 -9.50 -30.55
N VAL C 247 -20.49 -8.97 -31.22
CA VAL C 247 -20.86 -9.30 -32.62
C VAL C 247 -19.73 -8.77 -33.54
N GLY C 248 -19.05 -7.72 -33.10
CA GLY C 248 -17.90 -7.11 -33.80
C GLY C 248 -16.56 -7.53 -33.22
N HIS C 249 -15.48 -6.96 -33.76
CA HIS C 249 -14.08 -7.21 -33.32
C HIS C 249 -13.68 -6.13 -32.31
N HIS C 250 -12.62 -6.38 -31.54
CA HIS C 250 -12.06 -5.44 -30.54
C HIS C 250 -10.54 -5.45 -30.67
N GLY C 251 -9.89 -4.29 -30.45
CA GLY C 251 -8.44 -4.08 -30.63
C GLY C 251 -7.66 -4.35 -29.35
N GLY C 252 -8.31 -4.24 -28.19
CA GLY C 252 -7.78 -4.61 -26.86
C GLY C 252 -7.83 -3.47 -25.85
N GLY C 253 -8.01 -2.22 -26.31
CA GLY C 253 -7.99 -1.01 -25.49
C GLY C 253 -9.22 -0.90 -24.60
N ALA C 254 -9.00 -0.55 -23.33
CA ALA C 254 -10.06 -0.14 -22.37
C ALA C 254 -10.25 1.37 -22.49
N PHE C 255 -11.43 1.87 -22.10
CA PHE C 255 -11.85 3.26 -22.29
C PHE C 255 -11.68 4.07 -21.00
N SER C 256 -12.22 3.56 -19.89
CA SER C 256 -12.40 4.32 -18.63
C SER C 256 -11.05 4.85 -18.13
N GLY C 257 -11.03 6.13 -17.72
CA GLY C 257 -9.88 6.78 -17.07
C GLY C 257 -8.94 7.43 -18.06
N LYS C 258 -9.26 7.38 -19.35
CA LYS C 258 -8.39 7.89 -20.43
C LYS C 258 -9.01 9.16 -21.03
N ASP C 259 -8.22 10.23 -21.13
CA ASP C 259 -8.64 11.53 -21.74
C ASP C 259 -8.72 11.35 -23.25
N PRO C 260 -9.33 12.30 -24.00
CA PRO C 260 -9.45 12.18 -25.46
C PRO C 260 -8.17 11.98 -26.30
N THR C 261 -6.98 12.35 -25.81
CA THR C 261 -5.71 12.21 -26.57
C THR C 261 -5.32 10.73 -26.68
N LYS C 262 -5.91 9.85 -25.88
CA LYS C 262 -5.73 8.38 -26.00
C LYS C 262 -6.69 7.91 -27.08
N VAL C 263 -6.17 7.67 -28.28
CA VAL C 263 -6.95 7.27 -29.49
C VAL C 263 -7.75 6.01 -29.18
N ASP C 264 -7.17 5.04 -28.45
CA ASP C 264 -7.87 3.86 -27.91
C ASP C 264 -9.35 4.18 -27.68
N ARG C 265 -9.61 5.31 -27.00
CA ARG C 265 -10.98 5.75 -26.65
C ARG C 265 -11.55 6.59 -27.81
N SER C 266 -10.98 7.77 -28.10
CA SER C 266 -11.61 8.82 -28.95
C SER C 266 -11.83 8.30 -30.37
N ALA C 267 -10.87 7.51 -30.89
CA ALA C 267 -10.92 6.89 -32.22
C ALA C 267 -12.00 5.79 -32.23
N SER C 268 -12.14 5.02 -31.15
CA SER C 268 -13.20 3.98 -31.00
C SER C 268 -14.56 4.65 -31.12
N TYR C 269 -14.75 5.77 -30.43
CA TYR C 269 -15.99 6.61 -30.46
C TYR C 269 -16.19 7.17 -31.88
N PHE C 270 -15.12 7.69 -32.48
CA PHE C 270 -15.12 8.23 -33.87
C PHE C 270 -15.56 7.12 -34.83
N ALA C 271 -15.05 5.89 -34.65
CA ALA C 271 -15.36 4.69 -35.43
C ALA C 271 -16.83 4.27 -35.25
N ARG C 272 -17.35 4.33 -34.03
CA ARG C 272 -18.78 4.05 -33.74
C ARG C 272 -19.64 5.01 -34.58
N TRP C 273 -19.23 6.28 -34.64
CA TRP C 273 -19.96 7.41 -35.27
C TRP C 273 -20.08 7.19 -36.79
N ILE C 274 -19.03 6.71 -37.43
CA ILE C 274 -19.01 6.35 -38.88
C ILE C 274 -19.97 5.17 -39.10
N ALA C 275 -19.71 4.04 -38.43
CA ALA C 275 -20.49 2.79 -38.54
C ALA C 275 -21.99 3.10 -38.41
N LYS C 276 -22.36 3.78 -37.32
CA LYS C 276 -23.79 4.12 -37.03
C LYS C 276 -24.39 4.94 -38.18
N ASN C 277 -23.68 5.97 -38.68
CA ASN C 277 -24.19 6.89 -39.73
C ASN C 277 -24.27 6.15 -41.06
N VAL C 278 -23.36 5.19 -41.30
CA VAL C 278 -23.34 4.34 -42.53
C VAL C 278 -24.60 3.47 -42.56
N VAL C 279 -24.94 2.82 -41.44
CA VAL C 279 -26.14 1.93 -41.35
C VAL C 279 -27.42 2.78 -41.33
N ALA C 280 -27.41 3.92 -40.63
CA ALA C 280 -28.54 4.90 -40.58
C ALA C 280 -28.83 5.46 -41.98
N ALA C 281 -27.79 5.67 -42.78
CA ALA C 281 -27.88 6.16 -44.19
C ALA C 281 -28.46 5.07 -45.09
N LYS C 282 -28.61 3.85 -44.58
CA LYS C 282 -29.19 2.66 -45.26
C LYS C 282 -28.20 2.16 -46.32
N LEU C 283 -26.90 2.39 -46.15
CA LEU C 283 -25.85 1.92 -47.09
C LEU C 283 -25.50 0.46 -46.78
N ALA C 284 -25.83 -0.01 -45.57
CA ALA C 284 -25.58 -1.40 -45.11
C ALA C 284 -26.46 -1.72 -43.90
N LYS C 285 -26.59 -2.99 -43.57
CA LYS C 285 -27.36 -3.49 -42.40
C LYS C 285 -26.42 -3.61 -41.20
N GLN C 286 -25.17 -4.03 -41.44
CA GLN C 286 -24.07 -4.09 -40.44
C GLN C 286 -22.87 -3.37 -41.06
N CYS C 287 -22.09 -2.67 -40.24
CA CYS C 287 -20.85 -1.98 -40.68
C CYS C 287 -19.82 -2.03 -39.56
N GLU C 288 -18.64 -2.58 -39.86
CA GLU C 288 -17.47 -2.61 -38.95
C GLU C 288 -16.34 -1.77 -39.56
N ILE C 289 -15.72 -0.92 -38.75
CA ILE C 289 -14.63 0.02 -39.17
C ILE C 289 -13.41 -0.23 -38.28
N GLN C 290 -12.33 -0.71 -38.88
CA GLN C 290 -11.01 -0.91 -38.22
C GLN C 290 -10.16 0.33 -38.50
N LEU C 291 -9.62 0.96 -37.46
CA LEU C 291 -8.66 2.09 -37.55
C LEU C 291 -7.40 1.72 -36.75
N ALA C 292 -6.22 1.93 -37.34
CA ALA C 292 -4.88 1.66 -36.75
C ALA C 292 -4.16 3.00 -36.58
N PHE C 293 -3.33 3.13 -35.52
CA PHE C 293 -2.65 4.39 -35.14
C PHE C 293 -1.17 4.13 -34.86
N ALA C 294 -0.34 5.16 -35.04
CA ALA C 294 1.09 5.22 -34.69
C ALA C 294 1.27 6.33 -33.66
N ILE C 295 2.03 6.08 -32.59
CA ILE C 295 2.31 7.06 -31.49
C ILE C 295 2.94 8.34 -32.07
N GLY C 296 2.27 9.48 -31.90
CA GLY C 296 2.81 10.80 -32.27
C GLY C 296 2.41 11.24 -33.67
N GLN C 297 1.62 10.43 -34.38
CA GLN C 297 1.15 10.69 -35.77
C GLN C 297 -0.28 11.24 -35.71
N PRO C 298 -0.58 12.32 -36.47
CA PRO C 298 -1.87 13.02 -36.34
C PRO C 298 -3.04 12.34 -37.07
N GLN C 299 -2.77 11.39 -37.96
CA GLN C 299 -3.81 10.66 -38.72
C GLN C 299 -3.66 9.14 -38.54
N PRO C 300 -4.76 8.37 -38.71
CA PRO C 300 -4.69 6.91 -38.73
C PRO C 300 -3.74 6.37 -39.81
N VAL C 301 -2.98 5.33 -39.47
CA VAL C 301 -1.98 4.65 -40.35
C VAL C 301 -2.69 3.73 -41.35
N ALA C 302 -3.77 3.06 -40.93
CA ALA C 302 -4.58 2.13 -41.77
C ALA C 302 -6.06 2.25 -41.41
N MET C 303 -6.95 2.02 -42.38
CA MET C 303 -8.43 1.98 -42.20
C MET C 303 -9.01 0.84 -43.04
N TYR C 304 -9.96 0.08 -42.48
CA TYR C 304 -10.68 -1.03 -43.15
C TYR C 304 -12.19 -0.90 -42.87
N VAL C 305 -13.02 -1.01 -43.91
CA VAL C 305 -14.52 -0.98 -43.83
C VAL C 305 -15.08 -2.34 -44.27
N ASN C 306 -15.78 -3.04 -43.36
CA ASN C 306 -16.41 -4.36 -43.61
C ASN C 306 -17.93 -4.25 -43.43
N THR C 307 -18.70 -4.49 -44.49
CA THR C 307 -20.19 -4.43 -44.51
C THR C 307 -20.79 -5.84 -44.47
N PHE C 308 -19.97 -6.89 -44.36
CA PHE C 308 -20.41 -8.29 -44.10
C PHE C 308 -21.39 -8.75 -45.19
N ASN C 309 -21.22 -8.27 -46.43
CA ASN C 309 -22.08 -8.59 -47.60
C ASN C 309 -23.54 -8.24 -47.28
N THR C 310 -23.76 -7.20 -46.45
CA THR C 310 -25.10 -6.63 -46.15
C THR C 310 -25.21 -5.23 -46.76
N ASN C 311 -24.19 -4.78 -47.51
CA ASN C 311 -24.17 -3.48 -48.24
C ASN C 311 -25.34 -3.43 -49.22
N LEU C 312 -26.02 -2.29 -49.30
CA LEU C 312 -27.21 -2.05 -50.18
C LEU C 312 -26.83 -1.11 -51.34
N ILE C 313 -25.59 -0.62 -51.36
CA ILE C 313 -24.92 0.02 -52.53
C ILE C 313 -23.52 -0.60 -52.67
N ASP C 314 -22.86 -0.39 -53.83
CA ASP C 314 -21.49 -0.90 -54.15
C ASP C 314 -20.57 -0.65 -52.95
N GLU C 315 -19.82 -1.69 -52.54
CA GLU C 315 -18.92 -1.68 -51.36
C GLU C 315 -17.94 -0.51 -51.48
N THR C 316 -17.35 -0.35 -52.66
CA THR C 316 -16.26 0.60 -52.97
C THR C 316 -16.75 2.04 -52.74
N LYS C 317 -17.99 2.35 -53.15
CA LYS C 317 -18.56 3.73 -53.06
C LYS C 317 -18.81 4.10 -51.60
N ILE C 318 -18.98 3.12 -50.70
CA ILE C 318 -19.14 3.34 -49.23
C ILE C 318 -17.81 3.83 -48.64
N PHE C 319 -16.69 3.21 -49.02
CA PHE C 319 -15.32 3.61 -48.58
C PHE C 319 -15.06 5.07 -48.97
N GLU C 320 -15.41 5.44 -50.21
CA GLU C 320 -15.19 6.82 -50.74
C GLU C 320 -16.04 7.81 -49.96
N ALA C 321 -17.33 7.49 -49.78
CA ALA C 321 -18.34 8.34 -49.09
C ALA C 321 -17.83 8.71 -47.70
N ILE C 322 -17.26 7.73 -46.99
CA ILE C 322 -16.75 7.89 -45.60
C ILE C 322 -15.56 8.85 -45.63
N LYS C 323 -14.59 8.62 -46.52
CA LYS C 323 -13.36 9.45 -46.64
C LYS C 323 -13.77 10.90 -46.93
N LYS C 324 -14.76 11.11 -47.81
CA LYS C 324 -15.27 12.45 -48.19
C LYS C 324 -16.08 13.09 -47.05
N SER C 325 -16.72 12.26 -46.20
CA SER C 325 -17.77 12.70 -45.24
C SER C 325 -17.20 13.03 -43.86
N PHE C 326 -16.05 12.47 -43.50
CA PHE C 326 -15.42 12.58 -42.15
C PHE C 326 -13.99 13.10 -42.26
N ASN C 327 -13.61 14.01 -41.34
CA ASN C 327 -12.21 14.47 -41.18
C ASN C 327 -11.50 13.53 -40.18
N PHE C 328 -10.40 12.90 -40.61
CA PHE C 328 -9.68 11.83 -39.87
C PHE C 328 -8.48 12.40 -39.10
N ASP C 329 -8.24 13.72 -39.16
CA ASP C 329 -7.32 14.42 -38.24
C ASP C 329 -7.81 14.18 -36.81
N ILE C 330 -6.91 13.82 -35.90
CA ILE C 330 -7.25 13.38 -34.52
C ILE C 330 -7.72 14.59 -33.70
N LYS C 331 -7.04 15.74 -33.79
CA LYS C 331 -7.49 17.00 -33.11
C LYS C 331 -8.87 17.39 -33.62
N THR C 332 -9.12 17.25 -34.93
CA THR C 332 -10.38 17.64 -35.60
C THR C 332 -11.55 16.77 -35.09
N PHE C 333 -11.44 15.43 -35.14
CA PHE C 333 -12.59 14.54 -34.79
C PHE C 333 -12.84 14.59 -33.28
N ILE C 334 -11.81 14.88 -32.48
CA ILE C 334 -11.93 15.13 -31.02
C ILE C 334 -12.78 16.38 -30.77
N ASN C 335 -12.53 17.47 -31.51
CA ASN C 335 -13.31 18.73 -31.40
C ASN C 335 -14.72 18.50 -31.96
N ASP C 336 -14.85 17.81 -33.09
CA ASP C 336 -16.15 17.54 -33.78
C ASP C 336 -17.10 16.78 -32.83
N LEU C 337 -16.58 15.79 -32.10
CA LEU C 337 -17.36 14.95 -31.13
C LEU C 337 -17.39 15.61 -29.73
N ASN C 338 -16.73 16.76 -29.56
CA ASN C 338 -16.76 17.55 -28.29
C ASN C 338 -16.33 16.67 -27.11
N LEU C 339 -15.20 15.97 -27.25
CA LEU C 339 -14.75 14.95 -26.28
C LEU C 339 -14.12 15.63 -25.06
N TRP C 340 -13.64 16.87 -25.21
CA TRP C 340 -13.08 17.69 -24.09
C TRP C 340 -14.18 18.04 -23.09
N THR C 341 -15.43 18.17 -23.55
CA THR C 341 -16.56 18.74 -22.76
C THR C 341 -17.66 17.69 -22.53
N THR C 342 -17.36 16.41 -22.76
CA THR C 342 -18.29 15.26 -22.55
C THR C 342 -18.00 14.62 -21.19
N LYS C 343 -19.05 14.37 -20.39
CA LYS C 343 -18.94 13.64 -19.10
C LYS C 343 -18.96 12.14 -19.42
N TYR C 344 -17.98 11.39 -18.89
CA TYR C 344 -17.71 9.97 -19.25
C TYR C 344 -18.26 9.00 -18.20
N LEU C 345 -18.56 9.46 -16.98
CA LEU C 345 -19.08 8.58 -15.91
C LEU C 345 -20.34 7.87 -16.39
N PRO C 346 -21.30 8.55 -17.07
CA PRO C 346 -22.53 7.89 -17.52
C PRO C 346 -22.31 6.65 -18.40
N VAL C 347 -21.18 6.59 -19.13
CA VAL C 347 -20.87 5.47 -20.08
C VAL C 347 -19.99 4.42 -19.40
N ALA C 348 -19.53 4.70 -18.17
CA ALA C 348 -18.75 3.76 -17.34
C ALA C 348 -19.64 2.57 -16.93
N THR C 349 -20.97 2.70 -17.01
CA THR C 349 -21.94 1.59 -16.84
C THR C 349 -22.86 1.48 -18.07
N TYR C 350 -23.27 0.26 -18.41
CA TYR C 350 -24.41 -0.07 -19.32
C TYR C 350 -24.06 0.21 -20.79
N GLY C 351 -22.76 0.19 -21.12
CA GLY C 351 -22.20 0.34 -22.48
C GLY C 351 -21.84 1.77 -22.81
N HIS C 352 -20.84 1.94 -23.68
CA HIS C 352 -20.46 3.25 -24.28
C HIS C 352 -21.33 3.55 -25.51
N PHE C 353 -22.00 2.55 -26.10
CA PHE C 353 -22.65 2.63 -27.43
C PHE C 353 -24.15 2.27 -27.35
N GLY C 354 -24.93 2.80 -28.30
CA GLY C 354 -26.40 2.66 -28.33
C GLY C 354 -27.04 3.18 -27.04
N ARG C 355 -26.77 4.44 -26.70
CA ARG C 355 -27.31 5.09 -25.48
C ARG C 355 -28.38 6.10 -25.90
N ASP C 356 -29.59 5.58 -26.16
CA ASP C 356 -30.81 6.37 -26.45
C ASP C 356 -31.27 7.05 -25.15
N ASP C 357 -30.75 6.61 -24.00
CA ASP C 357 -31.00 7.22 -22.66
C ASP C 357 -30.05 8.41 -22.40
N LEU C 358 -29.00 8.56 -23.22
CA LEU C 358 -28.02 9.68 -23.15
C LEU C 358 -28.03 10.41 -24.49
N ASP C 359 -27.22 11.47 -24.62
CA ASP C 359 -27.12 12.30 -25.85
C ASP C 359 -25.64 12.47 -26.21
N LEU C 360 -24.98 11.35 -26.52
CA LEU C 360 -23.53 11.29 -26.84
C LEU C 360 -23.31 11.73 -28.30
N SER C 361 -22.27 12.53 -28.52
CA SER C 361 -21.93 13.11 -29.85
C SER C 361 -21.75 12.00 -30.88
N TRP C 362 -21.16 10.87 -30.45
CA TRP C 362 -20.77 9.73 -31.32
C TRP C 362 -21.96 8.80 -31.59
N GLU C 363 -23.14 9.14 -31.07
CA GLU C 363 -24.42 8.42 -31.33
C GLU C 363 -25.35 9.25 -32.23
N LYS C 364 -24.98 10.50 -32.57
CA LYS C 364 -25.84 11.43 -33.33
C LYS C 364 -25.73 11.11 -34.83
N LEU C 365 -26.87 11.06 -35.52
CA LEU C 365 -26.97 10.71 -36.96
C LEU C 365 -26.84 11.99 -37.81
N ASN C 366 -25.85 12.84 -37.46
CA ASN C 366 -25.66 14.19 -38.04
C ASN C 366 -24.73 14.11 -39.26
N LYS C 367 -24.40 12.90 -39.74
CA LYS C 367 -23.56 12.69 -40.93
C LYS C 367 -24.29 11.86 -42.02
N VAL C 368 -25.56 11.52 -41.82
CA VAL C 368 -26.33 10.67 -42.79
C VAL C 368 -26.43 11.42 -44.13
N GLU C 369 -26.79 12.72 -44.11
CA GLU C 369 -27.04 13.53 -45.34
C GLU C 369 -25.74 13.80 -46.09
N ASP C 370 -24.59 13.76 -45.40
CA ASP C 370 -23.25 13.92 -46.04
C ASP C 370 -22.81 12.60 -46.69
N LEU C 371 -23.11 11.45 -46.08
CA LEU C 371 -22.78 10.10 -46.61
C LEU C 371 -23.62 9.81 -47.88
N ILE C 372 -24.88 10.25 -47.90
CA ILE C 372 -25.80 10.12 -49.08
C ILE C 372 -25.28 10.99 -50.22
N LYS C 373 -24.92 12.25 -49.96
CA LYS C 373 -24.35 13.19 -50.97
C LYS C 373 -23.08 12.60 -51.60
N ASN C 374 -22.18 12.04 -50.79
CA ASN C 374 -20.79 11.67 -51.20
C ASN C 374 -20.73 10.23 -51.73
N SER C 375 -21.77 9.42 -51.55
CA SER C 375 -21.86 8.05 -52.13
C SER C 375 -22.21 8.16 -53.63
N LYS C 376 -22.72 9.32 -54.07
CA LYS C 376 -23.26 9.56 -55.45
C LYS C 376 -22.58 10.80 -56.08
N HIS C 377 -22.74 10.99 -57.41
CA HIS C 377 -22.52 12.30 -58.10
C HIS C 377 -23.09 12.27 -59.52
N HIS C 378 -23.19 13.47 -60.13
CA HIS C 378 -24.09 13.88 -61.24
C HIS C 378 -25.42 14.30 -60.61
N HIS C 379 -25.46 14.43 -59.27
CA HIS C 379 -26.68 14.51 -58.43
C HIS C 379 -26.72 15.87 -57.70
N LYS D 4 -8.52 -1.37 -51.37
CA LYS D 4 -7.26 -1.83 -50.69
C LYS D 4 -7.56 -2.25 -49.25
N LYS D 5 -7.64 -3.56 -49.00
CA LYS D 5 -8.05 -4.16 -47.69
C LYS D 5 -6.81 -4.35 -46.79
N ILE D 6 -6.61 -3.45 -45.82
CA ILE D 6 -5.45 -3.43 -44.89
C ILE D 6 -5.90 -3.83 -43.47
N ILE D 7 -5.42 -4.98 -42.99
CA ILE D 7 -5.69 -5.58 -41.65
C ILE D 7 -4.44 -5.43 -40.79
N THR D 8 -4.58 -5.10 -39.50
CA THR D 8 -3.45 -4.74 -38.58
C THR D 8 -3.55 -5.55 -37.28
N SER D 9 -2.42 -6.03 -36.75
CA SER D 9 -2.27 -6.66 -35.41
C SER D 9 -1.08 -6.03 -34.69
N GLU D 10 -1.03 -6.15 -33.36
CA GLU D 10 0.08 -5.62 -32.51
C GLU D 10 0.56 -6.70 -31.55
N SER D 11 1.76 -6.50 -30.97
CA SER D 11 2.32 -7.31 -29.86
C SER D 11 3.12 -6.38 -28.93
N VAL D 12 3.47 -6.85 -27.74
CA VAL D 12 4.22 -6.07 -26.71
C VAL D 12 5.28 -6.99 -26.11
N GLY D 13 6.44 -6.44 -25.75
CA GLY D 13 7.60 -7.20 -25.23
C GLY D 13 7.41 -7.54 -23.76
N ALA D 14 8.34 -8.32 -23.18
CA ALA D 14 8.26 -8.85 -21.81
C ALA D 14 8.31 -7.69 -20.80
N GLY D 15 8.90 -6.55 -21.20
CA GLY D 15 9.09 -5.35 -20.37
C GLY D 15 7.89 -4.41 -20.40
N HIS D 16 6.84 -4.74 -21.13
CA HIS D 16 5.60 -3.93 -21.17
C HIS D 16 4.89 -4.08 -19.82
N PRO D 17 4.42 -2.95 -19.22
CA PRO D 17 3.79 -3.00 -17.91
C PRO D 17 2.67 -4.04 -17.79
N ASP D 18 1.69 -4.03 -18.70
CA ASP D 18 0.56 -5.01 -18.68
C ASP D 18 1.14 -6.42 -18.72
N LYS D 19 2.21 -6.65 -19.50
CA LYS D 19 2.74 -8.02 -19.74
C LYS D 19 3.61 -8.44 -18.54
N ILE D 20 4.22 -7.49 -17.83
CA ILE D 20 4.83 -7.75 -16.49
C ILE D 20 3.75 -8.38 -15.60
N CYS D 21 2.58 -7.76 -15.54
CA CYS D 21 1.46 -8.22 -14.67
C CYS D 21 0.99 -9.61 -15.09
N ASP D 22 0.76 -9.83 -16.40
CA ASP D 22 0.30 -11.14 -16.92
C ASP D 22 1.33 -12.21 -16.52
N GLN D 23 2.63 -11.93 -16.73
CA GLN D 23 3.76 -12.84 -16.35
C GLN D 23 3.71 -13.16 -14.86
N ILE D 24 3.56 -12.15 -13.98
CA ILE D 24 3.56 -12.40 -12.51
C ILE D 24 2.35 -13.27 -12.15
N SER D 25 1.20 -13.02 -12.77
CA SER D 25 -0.08 -13.75 -12.51
C SER D 25 0.09 -15.24 -12.88
N ASP D 26 0.68 -15.54 -14.03
CA ASP D 26 0.86 -16.94 -14.51
C ASP D 26 2.02 -17.60 -13.75
N ALA D 27 3.05 -16.84 -13.37
CA ALA D 27 4.21 -17.34 -12.59
C ALA D 27 3.71 -17.86 -11.24
N ILE D 28 2.78 -17.13 -10.60
CA ILE D 28 2.15 -17.51 -9.31
C ILE D 28 1.28 -18.75 -9.53
N LEU D 29 0.51 -18.77 -10.62
CA LEU D 29 -0.31 -19.94 -11.02
C LEU D 29 0.61 -21.16 -11.14
N ASP D 30 1.65 -21.05 -11.96
CA ASP D 30 2.65 -22.13 -12.23
C ASP D 30 3.21 -22.65 -10.90
N GLU D 31 3.53 -21.75 -9.96
CA GLU D 31 4.17 -22.12 -8.67
C GLU D 31 3.17 -22.91 -7.82
N CYS D 32 1.87 -22.62 -7.95
CA CYS D 32 0.77 -23.29 -7.21
C CYS D 32 0.54 -24.70 -7.77
N LEU D 33 0.38 -24.80 -9.09
CA LEU D 33 0.09 -26.09 -9.79
C LEU D 33 1.24 -27.08 -9.57
N SER D 34 2.48 -26.60 -9.49
CA SER D 34 3.68 -27.44 -9.28
C SER D 34 3.52 -28.28 -8.01
N GLN D 35 2.99 -27.69 -6.94
CA GLN D 35 2.83 -28.35 -5.61
C GLN D 35 1.45 -29.01 -5.49
N ASP D 36 0.38 -28.28 -5.86
CA ASP D 36 -1.04 -28.72 -5.73
C ASP D 36 -1.71 -28.56 -7.10
N GLN D 37 -2.03 -29.68 -7.77
CA GLN D 37 -2.70 -29.69 -9.09
C GLN D 37 -4.19 -29.37 -8.94
N ASN D 38 -4.70 -29.46 -7.70
CA ASN D 38 -6.14 -29.30 -7.36
C ASN D 38 -6.37 -27.87 -6.82
N SER D 39 -5.45 -26.93 -7.05
CA SER D 39 -5.49 -25.57 -6.44
C SER D 39 -6.24 -24.59 -7.36
N ARG D 40 -7.03 -23.69 -6.75
CA ARG D 40 -7.91 -22.69 -7.42
C ARG D 40 -7.21 -21.32 -7.32
N VAL D 41 -6.99 -20.67 -8.46
CA VAL D 41 -6.15 -19.43 -8.54
C VAL D 41 -6.83 -18.40 -9.43
N ALA D 42 -7.07 -17.20 -8.90
CA ALA D 42 -7.57 -16.01 -9.66
C ALA D 42 -6.70 -14.79 -9.31
N CYS D 43 -5.50 -14.75 -9.87
CA CYS D 43 -4.44 -13.79 -9.45
C CYS D 43 -4.41 -12.55 -10.36
N GLU D 44 -4.66 -11.37 -9.79
CA GLU D 44 -4.61 -10.07 -10.52
C GLU D 44 -3.43 -9.24 -9.97
N VAL D 45 -2.79 -8.43 -10.82
CA VAL D 45 -1.58 -7.65 -10.45
C VAL D 45 -1.70 -6.23 -11.02
N LEU D 46 -1.45 -5.21 -10.19
CA LEU D 46 -1.30 -3.79 -10.59
C LEU D 46 0.18 -3.42 -10.50
N ALA D 47 0.73 -2.79 -11.53
CA ALA D 47 2.09 -2.21 -11.55
C ALA D 47 1.96 -0.74 -11.90
N CYS D 48 2.11 0.14 -10.92
CA CYS D 48 1.98 1.61 -11.09
C CYS D 48 3.23 2.29 -10.52
N ASN D 49 4.00 2.92 -11.39
CA ASN D 49 5.22 3.69 -11.04
C ASN D 49 6.21 2.70 -10.41
N ARG D 50 6.42 2.75 -9.09
CA ARG D 50 7.36 1.82 -8.41
C ARG D 50 6.61 0.93 -7.41
N LEU D 51 5.28 0.87 -7.50
CA LEU D 51 4.42 0.04 -6.63
C LEU D 51 3.82 -1.09 -7.46
N ILE D 52 4.02 -2.33 -7.02
CA ILE D 52 3.38 -3.53 -7.62
C ILE D 52 2.53 -4.19 -6.53
N VAL D 53 1.22 -4.23 -6.76
CA VAL D 53 0.22 -4.83 -5.82
C VAL D 53 -0.23 -6.16 -6.42
N ILE D 54 0.00 -7.25 -5.72
CA ILE D 54 -0.44 -8.62 -6.12
C ILE D 54 -1.71 -8.93 -5.34
N ALA D 55 -2.79 -9.31 -6.02
CA ALA D 55 -4.12 -9.52 -5.41
C ALA D 55 -4.85 -10.69 -6.07
N GLY D 56 -6.05 -10.96 -5.57
CA GLY D 56 -6.90 -12.05 -6.07
C GLY D 56 -7.09 -13.10 -5.01
N GLU D 57 -7.70 -14.21 -5.42
CA GLU D 57 -8.13 -15.32 -4.54
C GLU D 57 -7.31 -16.55 -4.93
N ILE D 58 -6.84 -17.28 -3.92
CA ILE D 58 -6.06 -18.54 -4.09
C ILE D 58 -6.47 -19.48 -2.96
N THR D 59 -6.91 -20.69 -3.30
CA THR D 59 -7.04 -21.84 -2.37
C THR D 59 -6.06 -22.92 -2.86
N THR D 60 -5.17 -23.38 -1.98
CA THR D 60 -4.03 -24.25 -2.36
C THR D 60 -3.35 -24.78 -1.10
N HIS D 61 -2.77 -25.99 -1.18
CA HIS D 61 -1.91 -26.59 -0.13
C HIS D 61 -0.45 -26.18 -0.38
N ALA D 62 -0.19 -25.51 -1.50
CA ALA D 62 1.15 -25.07 -1.96
C ALA D 62 1.67 -23.94 -1.06
N TYR D 63 2.98 -23.96 -0.75
CA TYR D 63 3.73 -22.83 -0.15
C TYR D 63 4.19 -21.91 -1.28
N VAL D 64 3.67 -20.68 -1.36
CA VAL D 64 4.00 -19.72 -2.45
C VAL D 64 4.30 -18.35 -1.85
N ASP D 65 5.54 -17.88 -2.04
CA ASP D 65 5.92 -16.46 -1.77
C ASP D 65 5.63 -15.68 -3.03
N VAL D 66 4.43 -15.14 -3.10
CA VAL D 66 3.89 -14.30 -4.20
C VAL D 66 4.90 -13.20 -4.56
N VAL D 67 5.47 -12.54 -3.56
CA VAL D 67 6.41 -11.40 -3.74
C VAL D 67 7.71 -11.93 -4.35
N LYS D 68 8.28 -12.99 -3.79
CA LYS D 68 9.53 -13.60 -4.31
C LYS D 68 9.34 -13.89 -5.81
N THR D 69 8.19 -14.48 -6.18
CA THR D 69 7.90 -14.90 -7.57
C THR D 69 7.85 -13.69 -8.50
N ALA D 70 7.26 -12.60 -8.05
CA ALA D 70 7.18 -11.33 -8.82
C ALA D 70 8.59 -10.85 -9.17
N TRP D 71 9.52 -10.90 -8.21
CA TRP D 71 10.92 -10.44 -8.39
C TRP D 71 11.63 -11.29 -9.47
N GLU D 72 11.27 -12.56 -9.60
CA GLU D 72 11.93 -13.50 -10.55
C GLU D 72 11.51 -13.14 -11.98
N ILE D 73 10.34 -12.56 -12.16
CA ILE D 73 9.82 -12.06 -13.47
C ILE D 73 10.51 -10.73 -13.81
N ILE D 74 10.88 -9.96 -12.80
CA ILE D 74 11.19 -8.51 -12.91
C ILE D 74 12.71 -8.31 -13.09
N LYS D 75 13.54 -9.13 -12.44
CA LYS D 75 15.02 -8.96 -12.47
C LYS D 75 15.55 -9.15 -13.88
N PRO D 76 15.12 -10.20 -14.62
CA PRO D 76 15.52 -10.36 -16.02
C PRO D 76 15.30 -9.17 -16.96
N LEU D 77 14.46 -8.21 -16.58
CA LEU D 77 13.96 -7.14 -17.49
C LEU D 77 14.84 -5.88 -17.38
N GLY D 78 15.87 -5.92 -16.52
CA GLY D 78 16.65 -4.75 -16.11
C GLY D 78 16.70 -4.60 -14.60
N TYR D 79 15.55 -4.69 -13.91
CA TYR D 79 15.32 -4.03 -12.60
C TYR D 79 16.04 -4.80 -11.47
N ASP D 80 16.27 -4.12 -10.34
CA ASP D 80 16.87 -4.74 -9.12
C ASP D 80 15.96 -4.46 -7.92
N GLU D 81 16.41 -4.86 -6.73
CA GLU D 81 15.63 -4.83 -5.46
C GLU D 81 15.34 -3.37 -5.07
N ASN D 82 16.05 -2.40 -5.65
CA ASN D 82 15.90 -0.94 -5.35
C ASN D 82 14.81 -0.29 -6.21
N ASP D 83 14.29 -0.98 -7.23
CA ASP D 83 13.46 -0.34 -8.30
C ASP D 83 11.98 -0.33 -7.94
N PHE D 84 11.51 -1.26 -7.11
CA PHE D 84 10.07 -1.43 -6.79
C PHE D 84 9.84 -1.76 -5.31
N THR D 85 8.68 -1.34 -4.80
CA THR D 85 7.97 -1.92 -3.64
C THR D 85 6.99 -2.94 -4.20
N ILE D 86 6.93 -4.15 -3.63
CA ILE D 86 6.05 -5.26 -4.11
C ILE D 86 5.24 -5.83 -2.94
N ILE D 87 3.96 -5.47 -2.85
CA ILE D 87 3.06 -5.85 -1.72
C ILE D 87 1.93 -6.74 -2.23
N SER D 88 1.45 -7.63 -1.39
CA SER D 88 0.43 -8.66 -1.68
C SER D 88 -0.80 -8.36 -0.84
N ASN D 89 -1.99 -8.41 -1.44
CA ASN D 89 -3.28 -8.43 -0.70
C ASN D 89 -4.05 -9.70 -1.06
N VAL D 90 -3.34 -10.69 -1.61
CA VAL D 90 -3.91 -12.00 -2.06
C VAL D 90 -4.64 -12.64 -0.88
N ASN D 91 -5.93 -12.97 -1.06
CA ASN D 91 -6.72 -13.74 -0.07
C ASN D 91 -6.40 -15.22 -0.28
N LYS D 92 -5.91 -15.91 0.76
CA LYS D 92 -5.41 -17.31 0.69
C LYS D 92 -6.24 -18.18 1.64
N GLN D 93 -6.50 -19.44 1.26
CA GLN D 93 -7.27 -20.46 2.02
C GLN D 93 -6.69 -21.85 1.75
N SER D 94 -7.13 -22.86 2.51
CA SER D 94 -6.75 -24.29 2.40
C SER D 94 -8.00 -25.17 2.41
N VAL D 95 -8.02 -26.27 1.64
CA VAL D 95 -8.87 -27.48 1.91
C VAL D 95 -8.27 -28.20 3.13
N ASP D 96 -9.06 -28.97 3.91
CA ASP D 96 -8.65 -29.61 5.19
C ASP D 96 -7.57 -30.68 4.95
N ILE D 97 -7.73 -31.52 3.92
CA ILE D 97 -6.86 -32.72 3.66
C ILE D 97 -7.04 -33.15 2.21
N ASN D 107 -13.08 -36.49 -10.25
CA ASN D 107 -14.34 -35.69 -10.14
C ASN D 107 -14.52 -34.84 -11.40
N LEU D 108 -15.75 -34.38 -11.64
CA LEU D 108 -16.13 -33.59 -12.85
C LEU D 108 -16.20 -32.10 -12.51
N ILE D 109 -16.08 -31.26 -13.53
CA ILE D 109 -16.11 -29.77 -13.46
C ILE D 109 -17.27 -29.29 -14.36
N GLY D 110 -18.13 -28.43 -13.84
CA GLY D 110 -19.23 -27.78 -14.59
C GLY D 110 -18.80 -26.42 -15.09
N ALA D 111 -19.58 -25.81 -15.99
CA ALA D 111 -19.31 -24.48 -16.59
C ALA D 111 -19.19 -23.43 -15.47
N GLY D 112 -18.12 -22.61 -15.49
CA GLY D 112 -17.87 -21.54 -14.48
C GLY D 112 -18.99 -20.50 -14.49
N ASP D 113 -19.48 -20.22 -15.70
CA ASP D 113 -20.60 -19.28 -15.99
C ASP D 113 -21.30 -19.78 -17.25
N GLN D 114 -22.50 -19.25 -17.56
CA GLN D 114 -23.06 -19.27 -18.94
C GLN D 114 -22.14 -18.38 -19.78
N GLY D 115 -22.06 -18.54 -21.10
CA GLY D 115 -21.03 -17.80 -21.86
C GLY D 115 -20.60 -18.47 -23.14
N ILE D 116 -19.74 -17.76 -23.88
CA ILE D 116 -19.20 -18.14 -25.21
C ILE D 116 -17.67 -18.04 -25.12
N VAL D 117 -16.96 -19.03 -25.69
CA VAL D 117 -15.52 -18.94 -26.02
C VAL D 117 -15.37 -19.10 -27.54
N PHE D 118 -14.31 -18.49 -28.09
CA PHE D 118 -13.99 -18.46 -29.54
C PHE D 118 -12.63 -19.15 -29.75
N GLY D 119 -12.57 -20.08 -30.71
CA GLY D 119 -11.32 -20.65 -31.24
C GLY D 119 -11.14 -20.29 -32.70
N TYR D 120 -9.95 -19.85 -33.11
CA TYR D 120 -9.63 -19.47 -34.52
C TYR D 120 -8.37 -20.22 -35.00
N ALA D 121 -8.33 -20.51 -36.30
CA ALA D 121 -7.13 -21.00 -37.04
C ALA D 121 -7.24 -20.54 -38.50
N CYS D 122 -6.11 -20.45 -39.21
CA CYS D 122 -6.02 -20.30 -40.70
C CYS D 122 -4.71 -20.87 -41.23
N ASP D 123 -4.57 -21.02 -42.54
CA ASP D 123 -3.42 -21.70 -43.21
C ASP D 123 -2.41 -20.68 -43.73
N GLU D 124 -2.53 -19.40 -43.33
CA GLU D 124 -1.65 -18.29 -43.75
C GLU D 124 -0.22 -18.50 -43.25
N THR D 125 -0.03 -19.21 -42.14
CA THR D 125 1.30 -19.46 -41.53
C THR D 125 1.41 -20.92 -41.07
N PRO D 126 2.65 -21.44 -40.92
CA PRO D 126 2.90 -22.72 -40.25
C PRO D 126 2.29 -22.82 -38.85
N GLN D 127 2.18 -21.70 -38.15
CA GLN D 127 1.60 -21.61 -36.78
C GLN D 127 0.07 -21.72 -36.85
N TYR D 128 -0.51 -21.69 -38.06
CA TYR D 128 -1.97 -21.65 -38.31
C TYR D 128 -2.57 -20.42 -37.62
N MET D 129 -1.92 -19.26 -37.79
CA MET D 129 -2.31 -17.98 -37.17
C MET D 129 -2.27 -16.86 -38.21
N PRO D 130 -3.09 -15.79 -38.06
CA PRO D 130 -3.07 -14.65 -38.96
C PRO D 130 -1.66 -14.09 -39.10
N LEU D 131 -1.28 -13.74 -40.34
CA LEU D 131 0.11 -13.32 -40.69
C LEU D 131 0.52 -12.14 -39.82
N THR D 132 -0.40 -11.18 -39.62
CA THR D 132 -0.19 -9.90 -38.89
C THR D 132 0.24 -10.17 -37.45
N SER D 133 -0.44 -11.11 -36.78
CA SER D 133 -0.14 -11.59 -35.39
C SER D 133 1.25 -12.22 -35.36
N VAL D 134 1.51 -13.22 -36.20
CA VAL D 134 2.79 -13.98 -36.22
C VAL D 134 3.94 -12.98 -36.37
N LEU D 135 3.87 -12.10 -37.37
CA LEU D 135 4.94 -11.13 -37.71
C LEU D 135 5.14 -10.14 -36.56
N ALA D 136 4.06 -9.65 -35.93
CA ALA D 136 4.11 -8.71 -34.80
C ALA D 136 4.86 -9.34 -33.61
N HIS D 137 4.56 -10.60 -33.27
CA HIS D 137 5.21 -11.36 -32.17
C HIS D 137 6.67 -11.65 -32.54
N GLU D 138 6.91 -12.29 -33.68
CA GLU D 138 8.25 -12.73 -34.16
C GLU D 138 9.22 -11.55 -34.20
N LEU D 139 8.72 -10.36 -34.50
CA LEU D 139 9.50 -9.10 -34.57
C LEU D 139 10.04 -8.76 -33.17
N LEU D 140 9.14 -8.64 -32.19
CA LEU D 140 9.51 -8.36 -30.77
C LEU D 140 10.28 -9.55 -30.19
N LYS D 141 9.95 -10.77 -30.59
CA LYS D 141 10.57 -12.00 -30.03
C LYS D 141 12.04 -12.05 -30.46
N GLU D 142 12.35 -11.57 -31.66
CA GLU D 142 13.73 -11.51 -32.21
C GLU D 142 14.50 -10.35 -31.57
N ILE D 143 13.85 -9.21 -31.38
CA ILE D 143 14.46 -8.00 -30.75
C ILE D 143 14.85 -8.35 -29.30
N GLU D 144 13.96 -9.01 -28.55
CA GLU D 144 14.21 -9.40 -27.14
C GLU D 144 15.38 -10.40 -27.08
N ARG D 145 15.49 -11.30 -28.05
CA ARG D 145 16.56 -12.33 -28.08
C ARG D 145 17.92 -11.63 -28.19
N GLN D 146 18.01 -10.63 -29.07
CA GLN D 146 19.26 -9.87 -29.36
C GLN D 146 19.63 -8.98 -28.17
N ARG D 147 18.65 -8.51 -27.39
CA ARG D 147 18.89 -7.67 -26.19
C ARG D 147 19.61 -8.49 -25.12
N ARG D 148 19.11 -9.70 -24.84
CA ARG D 148 19.66 -10.63 -23.82
C ARG D 148 21.06 -11.10 -24.23
N SER D 149 21.27 -11.31 -25.54
CA SER D 149 22.54 -11.83 -26.14
C SER D 149 23.52 -10.69 -26.46
N LYS D 150 23.08 -9.43 -26.34
CA LYS D 150 23.88 -8.19 -26.51
C LYS D 150 24.27 -7.99 -27.98
N GLU D 151 23.59 -8.66 -28.92
CA GLU D 151 23.74 -8.44 -30.39
C GLU D 151 23.13 -7.09 -30.78
N PHE D 152 22.18 -6.61 -29.97
CA PHE D 152 21.51 -5.29 -30.09
C PHE D 152 21.61 -4.60 -28.72
N ILE D 153 22.47 -3.59 -28.59
CA ILE D 153 23.11 -3.24 -27.27
C ILE D 153 22.30 -2.25 -26.40
N LYS D 154 22.02 -1.03 -26.86
CA LYS D 154 21.56 0.07 -25.97
C LYS D 154 20.03 0.14 -25.95
N ILE D 155 19.37 -1.00 -25.71
CA ILE D 155 17.88 -1.10 -25.71
C ILE D 155 17.41 -1.84 -24.46
N GLN D 156 16.19 -1.53 -24.00
CA GLN D 156 15.55 -2.11 -22.79
C GLN D 156 14.34 -2.96 -23.20
N ALA D 157 13.75 -3.69 -22.25
CA ALA D 157 12.78 -4.81 -22.46
C ALA D 157 11.40 -4.32 -22.92
N ASP D 158 10.95 -3.14 -22.48
CA ASP D 158 9.64 -2.54 -22.85
C ASP D 158 9.71 -2.15 -24.34
N MET D 159 8.72 -2.57 -25.13
CA MET D 159 8.65 -2.34 -26.61
C MET D 159 7.33 -2.88 -27.19
N LYS D 160 6.89 -2.32 -28.32
CA LYS D 160 5.61 -2.67 -28.99
C LYS D 160 5.84 -2.82 -30.49
N SER D 161 5.06 -3.68 -31.15
CA SER D 161 5.03 -3.84 -32.63
C SER D 161 3.60 -3.66 -33.14
N GLN D 162 3.47 -3.16 -34.36
CA GLN D 162 2.20 -3.13 -35.13
C GLN D 162 2.53 -3.46 -36.60
N VAL D 163 1.94 -4.53 -37.13
CA VAL D 163 2.17 -5.01 -38.52
C VAL D 163 0.84 -4.95 -39.27
N SER D 164 0.79 -4.13 -40.33
CA SER D 164 -0.36 -3.95 -41.24
C SER D 164 -0.07 -4.72 -42.54
N ILE D 165 -1.00 -5.58 -42.97
CA ILE D 165 -0.87 -6.42 -44.18
C ILE D 165 -2.01 -6.12 -45.15
N ASP D 166 -1.65 -5.91 -46.42
CA ASP D 166 -2.55 -5.57 -47.54
C ASP D 166 -3.05 -6.88 -48.16
N TYR D 167 -4.33 -7.21 -47.96
CA TYR D 167 -4.97 -8.49 -48.37
C TYR D 167 -5.84 -8.28 -49.62
N SER D 168 -5.57 -7.25 -50.42
CA SER D 168 -6.32 -6.94 -51.67
C SER D 168 -6.27 -8.13 -52.62
N ASN D 169 -5.07 -8.54 -53.02
CA ASN D 169 -4.82 -9.73 -53.89
C ASN D 169 -4.64 -10.96 -53.00
N SER D 170 -4.70 -12.17 -53.58
CA SER D 170 -4.75 -13.48 -52.86
C SER D 170 -3.39 -13.83 -52.25
N THR D 171 -2.29 -13.31 -52.81
CA THR D 171 -0.93 -13.36 -52.22
C THR D 171 -0.75 -12.12 -51.32
N PRO D 172 -0.60 -12.31 -49.98
CA PRO D 172 -0.58 -11.18 -49.06
C PRO D 172 0.71 -10.37 -49.20
N LEU D 173 0.63 -9.10 -48.82
CA LEU D 173 1.68 -8.06 -49.03
C LEU D 173 1.83 -7.24 -47.75
N ILE D 174 3.05 -7.07 -47.22
CA ILE D 174 3.29 -6.21 -46.02
C ILE D 174 3.11 -4.75 -46.46
N GLU D 175 2.20 -4.04 -45.79
CA GLU D 175 1.90 -2.61 -46.04
C GLU D 175 2.82 -1.75 -45.17
N THR D 176 2.82 -2.00 -43.85
CA THR D 176 3.59 -1.24 -42.83
C THR D 176 4.05 -2.16 -41.68
N MET D 177 5.30 -2.00 -41.24
CA MET D 177 5.81 -2.53 -39.95
C MET D 177 6.16 -1.36 -39.05
N LEU D 178 5.58 -1.33 -37.85
CA LEU D 178 5.81 -0.30 -36.79
C LEU D 178 6.50 -0.96 -35.60
N VAL D 179 7.49 -0.29 -35.01
CA VAL D 179 8.15 -0.77 -33.77
C VAL D 179 8.47 0.46 -32.91
N SER D 180 8.11 0.40 -31.61
CA SER D 180 8.62 1.28 -30.53
C SER D 180 9.44 0.43 -29.56
N ILE D 181 10.71 0.77 -29.36
CA ILE D 181 11.61 0.09 -28.37
C ILE D 181 12.13 1.15 -27.40
N GLN D 182 11.98 0.90 -26.10
CA GLN D 182 12.65 1.66 -25.02
C GLN D 182 14.17 1.54 -25.24
N HIS D 183 14.90 2.66 -25.22
CA HIS D 183 16.35 2.74 -25.48
C HIS D 183 17.05 3.49 -24.35
N ASP D 184 18.37 3.40 -24.30
CA ASP D 184 19.23 4.16 -23.34
C ASP D 184 19.32 5.62 -23.79
N GLU D 185 19.72 6.50 -22.87
CA GLU D 185 19.96 7.95 -23.10
C GLU D 185 20.94 8.13 -24.26
N ASP D 186 22.02 7.33 -24.28
CA ASP D 186 23.23 7.55 -25.12
C ASP D 186 23.18 6.65 -26.38
N TYR D 187 22.00 6.33 -26.91
CA TYR D 187 21.87 5.45 -28.11
C TYR D 187 22.33 6.20 -29.36
N ASP D 188 22.84 5.45 -30.34
CA ASP D 188 23.19 5.94 -31.70
C ASP D 188 22.00 5.61 -32.61
N VAL D 189 21.29 6.64 -33.08
CA VAL D 189 20.00 6.51 -33.82
C VAL D 189 20.26 5.78 -35.14
N GLU D 190 21.34 6.12 -35.84
CA GLU D 190 21.79 5.43 -37.08
C GLU D 190 21.85 3.92 -36.81
N TYR D 191 22.61 3.53 -35.78
CA TYR D 191 22.81 2.10 -35.37
C TYR D 191 21.44 1.48 -35.08
N PHE D 192 20.66 2.16 -34.24
CA PHE D 192 19.32 1.71 -33.78
C PHE D 192 18.43 1.41 -35.01
N ASN D 193 18.25 2.39 -35.90
CA ASN D 193 17.35 2.30 -37.08
C ASN D 193 17.83 1.21 -38.06
N LYS D 194 19.14 1.10 -38.27
CA LYS D 194 19.75 0.03 -39.13
C LYS D 194 19.39 -1.34 -38.54
N LYS D 195 19.62 -1.54 -37.25
CA LYS D 195 19.39 -2.82 -36.53
C LYS D 195 17.92 -3.25 -36.68
N VAL D 196 16.99 -2.33 -36.44
CA VAL D 196 15.52 -2.56 -36.54
C VAL D 196 15.15 -2.88 -38.00
N SER D 197 15.64 -2.06 -38.95
CA SER D 197 15.37 -2.24 -40.40
C SER D 197 15.80 -3.64 -40.84
N ALA D 198 16.93 -4.13 -40.32
CA ALA D 198 17.54 -5.42 -40.70
C ALA D 198 16.69 -6.56 -40.14
N ILE D 199 16.26 -6.44 -38.88
CA ILE D 199 15.39 -7.44 -38.20
C ILE D 199 14.05 -7.51 -38.94
N MET D 200 13.49 -6.36 -39.31
CA MET D 200 12.19 -6.26 -40.05
C MET D 200 12.28 -7.05 -41.37
N GLU D 201 13.39 -6.93 -42.10
CA GLU D 201 13.56 -7.58 -43.43
C GLU D 201 13.82 -9.07 -43.26
N GLN D 202 14.71 -9.45 -42.34
CA GLN D 202 15.04 -10.87 -42.00
C GLN D 202 13.73 -11.62 -41.71
N ILE D 203 12.79 -11.00 -40.99
CA ILE D 203 11.47 -11.57 -40.62
C ILE D 203 10.57 -11.66 -41.87
N ALA D 204 10.46 -10.58 -42.66
CA ALA D 204 9.69 -10.55 -43.93
C ALA D 204 10.15 -11.68 -44.85
N LYS D 205 11.46 -11.86 -45.00
CA LYS D 205 12.09 -12.85 -45.92
C LYS D 205 11.85 -14.27 -45.40
N LYS D 206 11.72 -14.44 -44.08
CA LYS D 206 11.44 -15.76 -43.44
C LYS D 206 10.12 -16.32 -43.97
N TYR D 207 9.10 -15.48 -44.10
CA TYR D 207 7.75 -15.84 -44.61
C TYR D 207 7.66 -15.49 -46.10
N ASN D 208 8.79 -15.55 -46.80
CA ASN D 208 9.02 -15.01 -48.17
C ASN D 208 7.92 -14.01 -48.54
N LEU D 209 7.94 -12.84 -47.91
CA LEU D 209 7.08 -11.68 -48.22
C LEU D 209 7.92 -10.58 -48.88
N ASN D 210 7.26 -9.65 -49.58
CA ASN D 210 7.84 -8.38 -50.10
C ASN D 210 8.71 -7.74 -49.01
N THR D 211 9.70 -6.94 -49.41
CA THR D 211 10.74 -6.38 -48.52
C THR D 211 10.72 -4.84 -48.58
N ASN D 212 9.82 -4.25 -49.36
CA ASN D 212 9.82 -2.81 -49.73
C ASN D 212 8.84 -2.01 -48.86
N PHE D 213 8.14 -2.69 -47.96
CA PHE D 213 7.10 -2.12 -47.05
C PHE D 213 7.63 -0.88 -46.30
N LYS D 214 6.69 -0.06 -45.82
CA LYS D 214 6.95 1.15 -45.01
C LYS D 214 7.40 0.75 -43.59
N LYS D 215 8.46 1.39 -43.08
CA LYS D 215 9.05 1.12 -41.74
C LYS D 215 8.84 2.35 -40.84
N ILE D 216 8.14 2.18 -39.72
CA ILE D 216 7.91 3.25 -38.69
C ILE D 216 8.63 2.85 -37.39
N ILE D 217 9.78 3.47 -37.12
CA ILE D 217 10.71 3.09 -36.00
C ILE D 217 10.79 4.25 -34.99
N ASN D 218 10.28 4.02 -33.77
CA ASN D 218 10.26 5.00 -32.64
C ASN D 218 9.70 6.34 -33.12
N SER D 219 8.42 6.32 -33.50
CA SER D 219 7.65 7.46 -34.07
C SER D 219 7.52 8.60 -33.03
N SER D 220 7.53 8.28 -31.74
CA SER D 220 7.50 9.26 -30.62
C SER D 220 8.79 10.08 -30.58
N GLY D 221 9.92 9.47 -30.96
CA GLY D 221 11.24 10.11 -31.05
C GLY D 221 12.00 10.16 -29.72
N ARG D 222 11.38 9.71 -28.62
CA ARG D 222 12.05 9.52 -27.31
C ARG D 222 11.26 8.50 -26.48
N PHE D 223 11.95 7.45 -26.03
CA PHE D 223 11.40 6.33 -25.24
C PHE D 223 12.53 5.80 -24.33
N VAL D 224 12.78 6.53 -23.23
CA VAL D 224 13.77 6.16 -22.17
C VAL D 224 13.01 5.71 -20.92
N ILE D 225 11.98 6.48 -20.52
CA ILE D 225 11.02 6.14 -19.43
C ILE D 225 10.05 5.08 -19.95
N GLY D 226 10.21 3.83 -19.52
CA GLY D 226 9.34 2.70 -19.91
C GLY D 226 8.91 1.92 -18.69
N GLY D 227 8.59 0.64 -18.85
CA GLY D 227 8.05 -0.21 -17.77
C GLY D 227 6.86 0.46 -17.09
N PRO D 228 6.59 0.15 -15.80
CA PRO D 228 5.52 0.82 -15.05
C PRO D 228 5.86 2.27 -14.69
N ILE D 229 7.09 2.72 -14.93
CA ILE D 229 7.45 4.17 -14.79
C ILE D 229 6.85 4.89 -16.02
N GLY D 230 5.77 5.64 -15.87
CA GLY D 230 5.27 6.49 -16.96
C GLY D 230 4.34 5.78 -17.93
N ASP D 231 4.15 4.46 -17.75
CA ASP D 231 2.85 3.78 -18.00
C ASP D 231 2.41 3.07 -16.71
N THR D 232 1.28 2.36 -16.76
CA THR D 232 0.70 1.59 -15.64
C THR D 232 0.21 0.27 -16.21
N GLY D 233 0.22 -0.80 -15.42
CA GLY D 233 0.01 -2.15 -15.95
C GLY D 233 -0.92 -2.96 -15.08
N LEU D 234 -1.90 -3.62 -15.68
CA LEU D 234 -2.80 -4.56 -14.96
C LEU D 234 -2.80 -5.90 -15.69
N THR D 235 -3.05 -6.98 -14.94
CA THR D 235 -3.37 -8.32 -15.50
C THR D 235 -4.54 -8.18 -16.46
N GLY D 236 -4.42 -8.75 -17.66
CA GLY D 236 -5.55 -9.03 -18.57
C GLY D 236 -6.02 -7.79 -19.31
N ARG D 237 -5.10 -6.89 -19.65
CA ARG D 237 -5.37 -5.69 -20.49
C ARG D 237 -4.72 -5.86 -21.87
N LYS D 238 -4.26 -7.08 -22.20
CA LYS D 238 -3.70 -7.40 -23.54
C LYS D 238 -4.36 -8.67 -24.10
N ILE D 239 -5.69 -8.78 -23.97
CA ILE D 239 -6.47 -10.03 -24.23
C ILE D 239 -6.56 -10.29 -25.74
N ILE D 240 -6.45 -9.25 -26.56
CA ILE D 240 -6.55 -9.35 -28.04
C ILE D 240 -5.17 -9.70 -28.61
N VAL D 241 -4.11 -9.25 -27.92
CA VAL D 241 -2.69 -9.57 -28.25
C VAL D 241 -2.37 -10.99 -27.79
N ASP D 242 -3.09 -11.48 -26.75
CA ASP D 242 -2.96 -12.85 -26.22
C ASP D 242 -3.60 -13.88 -27.16
N THR D 243 -4.54 -13.45 -28.00
CA THR D 243 -5.41 -14.32 -28.83
C THR D 243 -5.08 -14.15 -30.31
N TYR D 244 -5.98 -13.55 -31.10
CA TYR D 244 -5.88 -13.52 -32.60
C TYR D 244 -5.74 -12.09 -33.13
N GLY D 245 -5.23 -11.16 -32.32
CA GLY D 245 -4.91 -9.78 -32.74
C GLY D 245 -5.98 -9.14 -33.61
N GLY D 246 -7.27 -9.38 -33.31
CA GLY D 246 -8.44 -8.73 -33.98
C GLY D 246 -9.16 -9.55 -35.05
N VAL D 247 -8.48 -10.52 -35.67
CA VAL D 247 -8.97 -11.29 -36.85
C VAL D 247 -10.12 -12.20 -36.39
N GLY D 248 -10.06 -12.67 -35.14
CA GLY D 248 -11.08 -13.54 -34.52
C GLY D 248 -12.01 -12.76 -33.60
N HIS D 249 -13.06 -13.40 -33.08
CA HIS D 249 -13.95 -12.82 -32.03
C HIS D 249 -13.42 -13.25 -30.65
N HIS D 250 -13.80 -12.51 -29.61
CA HIS D 250 -13.37 -12.71 -28.21
C HIS D 250 -14.60 -12.54 -27.31
N GLY D 251 -14.66 -13.28 -26.19
CA GLY D 251 -15.79 -13.25 -25.23
C GLY D 251 -15.65 -12.19 -24.15
N GLY D 252 -14.40 -11.80 -23.83
CA GLY D 252 -14.08 -10.73 -22.87
C GLY D 252 -13.15 -11.19 -21.75
N GLY D 253 -13.03 -12.50 -21.51
CA GLY D 253 -12.22 -13.07 -20.42
C GLY D 253 -10.73 -13.01 -20.71
N ALA D 254 -9.91 -12.57 -19.74
CA ALA D 254 -8.43 -12.65 -19.80
C ALA D 254 -8.00 -14.00 -19.23
N PHE D 255 -6.80 -14.46 -19.61
CA PHE D 255 -6.30 -15.83 -19.32
C PHE D 255 -5.38 -15.83 -18.10
N SER D 256 -4.41 -14.92 -18.03
CA SER D 256 -3.30 -14.98 -17.04
C SER D 256 -3.84 -14.99 -15.60
N GLY D 257 -3.31 -15.88 -14.77
CA GLY D 257 -3.59 -15.91 -13.32
C GLY D 257 -4.78 -16.80 -12.98
N LYS D 258 -5.35 -17.47 -13.97
CA LYS D 258 -6.57 -18.30 -13.81
C LYS D 258 -6.22 -19.78 -14.02
N ASP D 259 -6.62 -20.66 -13.10
CA ASP D 259 -6.37 -22.13 -13.17
C ASP D 259 -7.29 -22.76 -14.22
N PRO D 260 -7.07 -24.03 -14.63
CA PRO D 260 -7.91 -24.69 -15.64
C PRO D 260 -9.43 -24.80 -15.40
N THR D 261 -9.91 -24.68 -14.14
CA THR D 261 -11.37 -24.75 -13.83
C THR D 261 -12.08 -23.50 -14.32
N LYS D 262 -11.36 -22.44 -14.68
CA LYS D 262 -11.94 -21.24 -15.36
C LYS D 262 -12.05 -21.58 -16.85
N VAL D 263 -13.25 -21.95 -17.32
CA VAL D 263 -13.51 -22.33 -18.74
C VAL D 263 -13.05 -21.21 -19.67
N ASP D 264 -13.28 -19.94 -19.30
CA ASP D 264 -12.78 -18.78 -20.08
C ASP D 264 -11.41 -19.10 -20.68
N ARG D 265 -10.52 -19.73 -19.92
CA ARG D 265 -9.16 -20.13 -20.38
C ARG D 265 -9.22 -21.49 -21.08
N SER D 266 -9.52 -22.56 -20.35
CA SER D 266 -9.33 -23.98 -20.80
C SER D 266 -10.18 -24.28 -22.04
N ALA D 267 -11.40 -23.75 -22.08
CA ALA D 267 -12.35 -23.89 -23.23
C ALA D 267 -11.82 -23.10 -24.43
N SER D 268 -11.26 -21.90 -24.23
CA SER D 268 -10.61 -21.09 -25.29
C SER D 268 -9.50 -21.92 -25.96
N TYR D 269 -8.64 -22.55 -25.13
CA TYR D 269 -7.55 -23.47 -25.56
C TYR D 269 -8.13 -24.68 -26.31
N PHE D 270 -9.18 -25.29 -25.76
CA PHE D 270 -9.89 -26.43 -26.37
C PHE D 270 -10.41 -26.03 -27.76
N ALA D 271 -11.00 -24.82 -27.87
CA ALA D 271 -11.54 -24.24 -29.12
C ALA D 271 -10.41 -23.98 -30.14
N ARG D 272 -9.26 -23.48 -29.70
CA ARG D 272 -8.07 -23.30 -30.58
C ARG D 272 -7.69 -24.66 -31.19
N TRP D 273 -7.72 -25.72 -30.38
CA TRP D 273 -7.28 -27.10 -30.72
C TRP D 273 -8.14 -27.68 -31.84
N ILE D 274 -9.45 -27.46 -31.78
CA ILE D 274 -10.41 -27.87 -32.84
C ILE D 274 -10.11 -27.10 -34.12
N ALA D 275 -10.19 -25.76 -34.07
CA ALA D 275 -9.98 -24.84 -35.21
C ALA D 275 -8.69 -25.24 -35.94
N LYS D 276 -7.57 -25.34 -35.20
CA LYS D 276 -6.25 -25.65 -35.79
C LYS D 276 -6.29 -27.02 -36.50
N ASN D 277 -6.89 -28.05 -35.88
CA ASN D 277 -6.91 -29.44 -36.44
C ASN D 277 -7.85 -29.49 -37.65
N VAL D 278 -8.91 -28.66 -37.66
CA VAL D 278 -9.89 -28.54 -38.78
C VAL D 278 -9.16 -27.98 -40.01
N VAL D 279 -8.36 -26.91 -39.83
CA VAL D 279 -7.60 -26.27 -40.94
C VAL D 279 -6.43 -27.17 -41.36
N ALA D 280 -5.73 -27.82 -40.41
CA ALA D 280 -4.64 -28.78 -40.66
C ALA D 280 -5.15 -29.99 -41.45
N ALA D 281 -6.39 -30.41 -41.20
CA ALA D 281 -7.07 -31.52 -41.89
C ALA D 281 -7.46 -31.11 -43.32
N LYS D 282 -7.31 -29.82 -43.65
CA LYS D 282 -7.61 -29.20 -44.96
C LYS D 282 -9.12 -29.21 -45.23
N LEU D 283 -9.94 -29.16 -44.18
CA LEU D 283 -11.43 -29.07 -44.28
C LEU D 283 -11.85 -27.61 -44.52
N ALA D 284 -10.94 -26.67 -44.24
CA ALA D 284 -11.11 -25.22 -44.45
C ALA D 284 -9.73 -24.52 -44.43
N LYS D 285 -9.68 -23.29 -44.94
CA LYS D 285 -8.47 -22.42 -44.91
C LYS D 285 -8.49 -21.55 -43.65
N GLN D 286 -9.68 -21.11 -43.22
CA GLN D 286 -9.94 -20.39 -41.94
C GLN D 286 -11.06 -21.13 -41.21
N CYS D 287 -11.01 -21.20 -39.88
CA CYS D 287 -12.07 -21.83 -39.05
C CYS D 287 -12.18 -21.08 -37.72
N GLU D 288 -13.36 -20.52 -37.44
CA GLU D 288 -13.73 -19.91 -36.13
C GLU D 288 -14.78 -20.82 -35.48
N ILE D 289 -14.58 -21.14 -34.21
CA ILE D 289 -15.47 -22.03 -33.42
C ILE D 289 -16.02 -21.23 -32.23
N GLN D 290 -17.35 -21.10 -32.16
CA GLN D 290 -18.09 -20.72 -30.94
C GLN D 290 -18.39 -22.00 -30.13
N LEU D 291 -18.05 -21.97 -28.84
CA LEU D 291 -18.59 -22.94 -27.84
C LEU D 291 -19.37 -22.15 -26.79
N ALA D 292 -20.60 -22.61 -26.51
CA ALA D 292 -21.57 -21.97 -25.59
C ALA D 292 -21.76 -22.88 -24.36
N PHE D 293 -22.00 -22.26 -23.19
CA PHE D 293 -22.06 -22.95 -21.87
C PHE D 293 -23.31 -22.50 -21.10
N ALA D 294 -23.75 -23.31 -20.12
CA ALA D 294 -25.03 -23.14 -19.40
C ALA D 294 -24.89 -22.82 -17.89
N ILE D 295 -23.71 -23.01 -17.31
CA ILE D 295 -23.42 -22.89 -15.84
C ILE D 295 -23.78 -24.19 -15.13
N GLY D 296 -24.86 -24.88 -15.50
CA GLY D 296 -25.31 -26.12 -14.83
C GLY D 296 -24.71 -27.36 -15.46
N GLN D 297 -24.11 -27.22 -16.65
CA GLN D 297 -23.78 -28.35 -17.56
C GLN D 297 -22.28 -28.62 -17.47
N PRO D 298 -21.87 -29.91 -17.40
CA PRO D 298 -20.45 -30.29 -17.44
C PRO D 298 -19.83 -30.26 -18.84
N GLN D 299 -20.65 -30.18 -19.89
CA GLN D 299 -20.23 -30.13 -21.31
C GLN D 299 -20.86 -28.90 -21.99
N PRO D 300 -20.21 -28.35 -23.04
CA PRO D 300 -20.78 -27.25 -23.83
C PRO D 300 -22.17 -27.58 -24.41
N VAL D 301 -23.07 -26.59 -24.36
CA VAL D 301 -24.51 -26.75 -24.74
C VAL D 301 -24.65 -26.69 -26.26
N ALA D 302 -23.85 -25.84 -26.92
CA ALA D 302 -23.88 -25.58 -28.37
C ALA D 302 -22.45 -25.39 -28.90
N MET D 303 -22.25 -25.76 -30.16
CA MET D 303 -21.02 -25.52 -30.93
C MET D 303 -21.38 -25.00 -32.33
N TYR D 304 -20.69 -23.95 -32.78
CA TYR D 304 -20.97 -23.23 -34.05
C TYR D 304 -19.65 -23.03 -34.81
N VAL D 305 -19.66 -23.37 -36.10
CA VAL D 305 -18.48 -23.36 -37.01
C VAL D 305 -18.69 -22.30 -38.10
N ASN D 306 -17.80 -21.30 -38.14
CA ASN D 306 -17.71 -20.31 -39.25
C ASN D 306 -16.39 -20.53 -40.00
N THR D 307 -16.50 -20.97 -41.25
CA THR D 307 -15.37 -21.31 -42.16
C THR D 307 -15.15 -20.20 -43.19
N PHE D 308 -15.91 -19.10 -43.11
CA PHE D 308 -15.70 -17.86 -43.90
C PHE D 308 -15.68 -18.19 -45.41
N ASN D 309 -16.51 -19.16 -45.82
CA ASN D 309 -16.66 -19.61 -47.23
C ASN D 309 -15.31 -20.07 -47.78
N THR D 310 -14.43 -20.60 -46.92
CA THR D 310 -13.15 -21.24 -47.30
C THR D 310 -13.23 -22.75 -47.05
N ASN D 311 -14.39 -23.25 -46.62
CA ASN D 311 -14.64 -24.70 -46.35
C ASN D 311 -14.47 -25.48 -47.66
N LEU D 312 -13.81 -26.65 -47.60
CA LEU D 312 -13.57 -27.53 -48.78
C LEU D 312 -14.47 -28.77 -48.71
N ILE D 313 -15.23 -28.95 -47.62
CA ILE D 313 -16.42 -29.85 -47.53
C ILE D 313 -17.58 -29.06 -46.90
N ASP D 314 -18.82 -29.58 -46.99
CA ASP D 314 -20.05 -28.97 -46.43
C ASP D 314 -19.77 -28.50 -44.99
N GLU D 315 -20.17 -27.28 -44.62
CA GLU D 315 -20.23 -26.74 -43.22
C GLU D 315 -20.72 -27.81 -42.24
N THR D 316 -21.87 -28.43 -42.55
CA THR D 316 -22.62 -29.34 -41.63
C THR D 316 -21.75 -30.59 -41.33
N LYS D 317 -21.04 -31.13 -42.34
CA LYS D 317 -20.23 -32.36 -42.21
C LYS D 317 -19.00 -32.09 -41.31
N ILE D 318 -18.55 -30.82 -41.23
CA ILE D 318 -17.42 -30.38 -40.37
C ILE D 318 -17.87 -30.45 -38.90
N PHE D 319 -19.08 -29.97 -38.60
CA PHE D 319 -19.68 -30.01 -37.24
C PHE D 319 -19.79 -31.46 -36.76
N GLU D 320 -20.21 -32.38 -37.62
CA GLU D 320 -20.37 -33.82 -37.29
C GLU D 320 -18.99 -34.43 -37.00
N ALA D 321 -18.01 -34.17 -37.88
CA ALA D 321 -16.64 -34.71 -37.80
C ALA D 321 -16.04 -34.33 -36.44
N ILE D 322 -16.25 -33.09 -36.00
CA ILE D 322 -15.72 -32.53 -34.72
C ILE D 322 -16.38 -33.28 -33.55
N LYS D 323 -17.70 -33.40 -33.55
CA LYS D 323 -18.48 -34.10 -32.48
C LYS D 323 -17.97 -35.53 -32.33
N LYS D 324 -17.73 -36.21 -33.46
CA LYS D 324 -17.23 -37.61 -33.51
C LYS D 324 -15.75 -37.67 -33.09
N SER D 325 -14.98 -36.61 -33.30
CA SER D 325 -13.48 -36.61 -33.22
C SER D 325 -12.98 -36.17 -31.83
N PHE D 326 -13.76 -35.41 -31.05
CA PHE D 326 -13.34 -34.77 -29.77
C PHE D 326 -14.31 -35.10 -28.62
N ASN D 327 -13.80 -35.28 -27.40
CA ASN D 327 -14.62 -35.38 -26.15
C ASN D 327 -14.84 -33.97 -25.58
N PHE D 328 -16.11 -33.58 -25.41
CA PHE D 328 -16.56 -32.20 -25.06
C PHE D 328 -16.82 -32.04 -23.55
N ASP D 329 -16.68 -33.11 -22.76
CA ASP D 329 -16.77 -33.00 -21.27
C ASP D 329 -15.62 -32.09 -20.82
N ILE D 330 -15.87 -31.17 -19.90
CA ILE D 330 -14.88 -30.14 -19.46
C ILE D 330 -13.75 -30.78 -18.66
N LYS D 331 -14.04 -31.69 -17.72
CA LYS D 331 -12.99 -32.44 -16.98
C LYS D 331 -12.13 -33.25 -17.97
N THR D 332 -12.76 -33.84 -18.99
CA THR D 332 -12.10 -34.71 -20.00
C THR D 332 -11.14 -33.89 -20.86
N PHE D 333 -11.56 -32.77 -21.47
CA PHE D 333 -10.71 -31.99 -22.41
C PHE D 333 -9.62 -31.28 -21.61
N ILE D 334 -9.85 -30.96 -20.34
CA ILE D 334 -8.82 -30.42 -19.40
C ILE D 334 -7.72 -31.49 -19.19
N ASN D 335 -8.09 -32.74 -18.96
CA ASN D 335 -7.12 -33.87 -18.78
C ASN D 335 -6.43 -34.16 -20.13
N ASP D 336 -7.19 -34.20 -21.23
CA ASP D 336 -6.68 -34.50 -22.60
C ASP D 336 -5.59 -33.50 -23.00
N LEU D 337 -5.80 -32.21 -22.71
CA LEU D 337 -4.84 -31.10 -23.02
C LEU D 337 -3.82 -30.93 -21.88
N ASN D 338 -3.91 -31.74 -20.82
CA ASN D 338 -2.92 -31.79 -19.71
C ASN D 338 -2.75 -30.40 -19.12
N LEU D 339 -3.84 -29.71 -18.80
CA LEU D 339 -3.83 -28.28 -18.38
C LEU D 339 -3.37 -28.16 -16.92
N TRP D 340 -3.54 -29.22 -16.12
CA TRP D 340 -3.05 -29.30 -14.71
C TRP D 340 -1.53 -29.28 -14.67
N THR D 341 -0.86 -29.79 -15.71
CA THR D 341 0.61 -30.05 -15.72
C THR D 341 1.30 -29.20 -16.80
N THR D 342 0.64 -28.18 -17.33
CA THR D 342 1.17 -27.22 -18.34
C THR D 342 1.68 -25.95 -17.64
N LYS D 343 2.88 -25.50 -17.97
CA LYS D 343 3.43 -24.21 -17.51
C LYS D 343 2.85 -23.08 -18.38
N TYR D 344 2.29 -22.04 -17.75
CA TYR D 344 1.52 -20.95 -18.39
C TYR D 344 2.36 -19.68 -18.57
N LEU D 345 3.46 -19.54 -17.82
CA LEU D 345 4.34 -18.32 -17.92
C LEU D 345 4.78 -18.13 -19.37
N PRO D 346 5.20 -19.19 -20.10
CA PRO D 346 5.68 -19.01 -21.48
C PRO D 346 4.66 -18.35 -22.42
N VAL D 347 3.35 -18.50 -22.15
CA VAL D 347 2.26 -17.96 -23.02
C VAL D 347 1.79 -16.59 -22.50
N ALA D 348 2.29 -16.16 -21.34
CA ALA D 348 2.04 -14.83 -20.77
C ALA D 348 2.66 -13.74 -21.64
N THR D 349 3.62 -14.09 -22.51
CA THR D 349 4.21 -13.19 -23.54
C THR D 349 4.08 -13.83 -24.94
N TYR D 350 3.91 -13.01 -25.97
CA TYR D 350 4.10 -13.36 -27.40
C TYR D 350 2.97 -14.27 -27.93
N GLY D 351 1.80 -14.22 -27.28
CA GLY D 351 0.56 -14.93 -27.67
C GLY D 351 0.39 -16.27 -26.96
N HIS D 352 -0.86 -16.69 -26.74
CA HIS D 352 -1.23 -18.05 -26.25
C HIS D 352 -1.28 -19.06 -27.40
N PHE D 353 -1.37 -18.59 -28.65
CA PHE D 353 -1.67 -19.43 -29.84
C PHE D 353 -0.58 -19.28 -30.91
N GLY D 354 -0.41 -20.32 -31.73
CA GLY D 354 0.63 -20.41 -32.77
C GLY D 354 2.02 -20.31 -32.19
N ARG D 355 2.34 -21.22 -31.27
CA ARG D 355 3.66 -21.25 -30.58
C ARG D 355 4.45 -22.45 -31.09
N ASP D 356 5.07 -22.29 -32.27
CA ASP D 356 6.04 -23.26 -32.86
C ASP D 356 7.33 -23.25 -32.05
N ASP D 357 7.54 -22.22 -31.22
CA ASP D 357 8.69 -22.08 -30.30
C ASP D 357 8.41 -22.82 -28.98
N LEU D 358 7.17 -23.24 -28.73
CA LEU D 358 6.77 -24.06 -27.55
C LEU D 358 6.17 -25.38 -28.05
N ASP D 359 5.72 -26.23 -27.12
CA ASP D 359 5.05 -27.54 -27.42
C ASP D 359 3.78 -27.62 -26.57
N LEU D 360 2.82 -26.73 -26.83
CA LEU D 360 1.53 -26.66 -26.09
C LEU D 360 0.58 -27.74 -26.62
N SER D 361 -0.16 -28.40 -25.72
CA SER D 361 -1.09 -29.51 -26.02
C SER D 361 -2.12 -29.04 -27.05
N TRP D 362 -2.59 -27.79 -26.94
CA TRP D 362 -3.70 -27.21 -27.73
C TRP D 362 -3.19 -26.71 -29.09
N GLU D 363 -1.89 -26.89 -29.38
CA GLU D 363 -1.26 -26.58 -30.69
C GLU D 363 -0.92 -27.87 -31.45
N LYS D 364 -1.12 -29.05 -30.87
CA LYS D 364 -0.70 -30.35 -31.47
C LYS D 364 -1.75 -30.79 -32.50
N LEU D 365 -1.30 -31.24 -33.67
CA LEU D 365 -2.18 -31.67 -34.79
C LEU D 365 -2.45 -33.17 -34.66
N ASN D 366 -2.81 -33.61 -33.45
CA ASN D 366 -2.97 -35.04 -33.08
C ASN D 366 -4.43 -35.48 -33.30
N LYS D 367 -5.25 -34.64 -33.93
CA LYS D 367 -6.67 -34.96 -34.25
C LYS D 367 -6.96 -34.86 -35.76
N VAL D 368 -5.95 -34.61 -36.60
CA VAL D 368 -6.11 -34.45 -38.09
C VAL D 368 -6.68 -35.76 -38.66
N GLU D 369 -6.09 -36.91 -38.32
CA GLU D 369 -6.41 -38.23 -38.95
C GLU D 369 -7.79 -38.72 -38.46
N ASP D 370 -8.26 -38.21 -37.31
CA ASP D 370 -9.62 -38.52 -36.77
C ASP D 370 -10.67 -37.66 -37.49
N LEU D 371 -10.36 -36.40 -37.79
CA LEU D 371 -11.27 -35.45 -38.50
C LEU D 371 -11.46 -35.88 -39.95
N ILE D 372 -10.41 -36.40 -40.59
CA ILE D 372 -10.44 -36.94 -41.98
C ILE D 372 -11.32 -38.20 -42.01
N LYS D 373 -11.14 -39.13 -41.07
CA LYS D 373 -11.93 -40.38 -40.96
C LYS D 373 -13.42 -40.04 -40.79
N ASN D 374 -13.76 -39.08 -39.93
CA ASN D 374 -15.16 -38.82 -39.46
C ASN D 374 -15.85 -37.81 -40.38
PG ATP E . 1.67 8.97 21.80
O1G ATP E . 1.71 10.14 22.75
O2G ATP E . 2.90 8.09 21.91
O3G ATP E . 1.40 9.40 20.37
PB ATP E . -0.74 7.23 21.52
O1B ATP E . -0.47 7.26 20.04
O2B ATP E . -0.88 5.92 22.21
O3B ATP E . 0.41 8.07 22.26
PA ATP E . -2.92 8.23 23.22
O1A ATP E . -2.15 9.12 24.14
O2A ATP E . -3.28 6.89 23.77
O3A ATP E . -2.07 8.06 21.87
O5' ATP E . -4.26 8.99 22.71
C5' ATP E . -5.27 8.36 21.87
C4' ATP E . -6.06 7.36 22.69
O4' ATP E . -7.10 8.02 23.44
C3' ATP E . -6.85 6.30 21.93
O3' ATP E . -6.02 5.27 21.39
C2' ATP E . -7.76 5.79 23.04
O2' ATP E . -7.15 4.83 23.87
C1' ATP E . -8.06 7.07 23.82
N9 ATP E . -9.38 7.58 23.56
C8 ATP E . -10.08 7.58 22.37
N7 ATP E . -11.27 8.11 22.48
C5 ATP E . -11.38 8.48 23.82
C6 ATP E . -12.41 9.09 24.56
N6 ATP E . -13.58 9.45 24.05
N1 ATP E . -12.16 9.31 25.88
C2 ATP E . -10.98 8.94 26.40
N3 ATP E . -9.95 8.36 25.79
C4 ATP E . -10.21 8.15 24.49
N SAM F . 16.72 -2.80 14.41
CA SAM F . 17.38 -2.43 13.13
C SAM F . 17.68 -3.65 12.27
O SAM F . 18.51 -4.47 12.71
OXT SAM F . 17.11 -3.70 11.15
CB SAM F . 18.71 -1.73 13.45
CG SAM F . 18.56 -0.37 14.06
SD SAM F . 19.82 0.54 13.18
CE SAM F . 21.29 -0.23 13.87
C5' SAM F . 19.72 2.08 14.12
C4' SAM F . 20.28 3.23 13.34
O4' SAM F . 21.72 3.11 13.26
C3' SAM F . 19.85 3.35 11.89
O3' SAM F . 18.59 3.97 11.77
C2' SAM F . 20.97 4.22 11.33
O2' SAM F . 20.85 5.59 11.65
C1' SAM F . 22.18 3.62 12.03
N9 SAM F . 22.79 2.54 11.28
C8 SAM F . 22.23 1.83 10.26
N7 SAM F . 23.04 0.92 9.77
C5 SAM F . 24.20 1.03 10.52
C6 SAM F . 25.42 0.35 10.48
N6 SAM F . 25.69 -0.64 9.63
N1 SAM F . 26.37 0.72 11.37
C2 SAM F . 26.12 1.71 12.23
N3 SAM F . 25.00 2.43 12.35
C4 SAM F . 24.07 2.04 11.46
PG ATP G . 14.37 2.76 18.11
O1G ATP G . 15.70 2.97 18.82
O2G ATP G . 14.10 3.84 17.09
O3G ATP G . 13.23 2.56 19.08
PB ATP G . 15.55 1.00 16.06
O1B ATP G . 15.91 -0.44 16.21
O2B ATP G . 14.99 1.47 14.76
O3B ATP G . 14.55 1.40 17.25
PA ATP G . 17.24 3.40 16.14
O1A ATP G . 18.23 3.86 17.15
O2A ATP G . 15.99 4.20 16.00
O3A ATP G . 16.83 1.88 16.43
O5' ATP G . 17.95 3.27 14.71
C5' ATP G . 18.90 2.21 14.31
C4' ATP G . 19.96 2.82 13.43
O4' ATP G . 21.06 1.93 13.16
C3' ATP G . 19.57 3.19 11.99
O3' ATP G . 18.66 4.28 11.91
C2' ATP G . 20.94 3.53 11.42
O2' ATP G . 21.32 4.87 11.66
C1' ATP G . 21.84 2.57 12.18
N9 ATP G . 22.44 1.62 11.26
C8 ATP G . 21.83 0.98 10.20
N7 ATP G . 22.66 0.22 9.53
C5 ATP G . 23.89 0.38 10.18
C6 ATP G . 25.17 -0.16 9.94
N6 ATP G . 25.43 -1.01 8.95
N1 ATP G . 26.17 0.23 10.76
C2 ATP G . 25.89 1.09 11.75
N3 ATP G . 24.73 1.65 12.07
C4 ATP G . 23.76 1.26 11.23
P PO4 H . -16.59 -11.73 -14.24
O1 PO4 H . -15.99 -10.48 -14.89
O2 PO4 H . -16.29 -12.94 -15.11
O3 PO4 H . -16.01 -11.93 -12.85
O4 PO4 H . -18.10 -11.57 -14.14
N SAM I . -0.20 5.61 -19.49
CA SAM I . 0.08 6.22 -20.83
C SAM I . -0.08 7.75 -20.73
O SAM I . 0.46 8.44 -21.61
OXT SAM I . -0.71 8.21 -19.75
CB SAM I . -0.88 5.63 -21.88
CG SAM I . -0.27 4.86 -23.08
SD SAM I . 1.47 4.34 -23.06
CE SAM I . 2.08 5.09 -24.57
C5' SAM I . 1.28 2.61 -23.57
C4' SAM I . 2.56 1.87 -23.90
O4' SAM I . 3.38 2.62 -24.82
C3' SAM I . 3.50 1.58 -22.74
O3' SAM I . 3.13 0.43 -21.99
C2' SAM I . 4.80 1.27 -23.49
O2' SAM I . 4.76 -0.05 -23.98
C1' SAM I . 4.75 2.30 -24.62
N9 SAM I . 5.51 3.53 -24.35
C8 SAM I . 5.90 4.02 -23.14
N7 SAM I . 6.60 5.13 -23.22
C5 SAM I . 6.67 5.38 -24.58
C6 SAM I . 7.28 6.42 -25.33
N6 SAM I . 7.97 7.42 -24.78
N1 SAM I . 7.17 6.38 -26.68
C2 SAM I . 6.49 5.35 -27.22
N3 SAM I . 5.88 4.33 -26.63
C4 SAM I . 6.01 4.40 -25.30
P PO4 J . -1.28 -0.08 -23.95
O1 PO4 J . -1.56 1.44 -23.92
O2 PO4 J . 0.11 -0.33 -24.47
O3 PO4 J . -1.39 -0.64 -22.54
O4 PO4 J . -2.28 -0.78 -24.86
#